data_7OK7
#
_entry.id   7OK7
#
_cell.length_a   110.270
_cell.length_b   152.190
_cell.length_c   171.840
_cell.angle_alpha   90.00
_cell.angle_beta   90.00
_cell.angle_gamma   90.00
#
_symmetry.space_group_name_H-M   'P 21 21 21'
#
loop_
_entity.id
_entity.type
_entity.pdbx_description
1 polymer 'ADP-ribosylation factor-like protein 3'
2 polymer 'Protein unc-119 homolog B'
3 non-polymer 'PHOSPHOAMINOPHOSPHONIC ACID-GUANYLATE ESTER'
4 non-polymer 'MAGNESIUM ION'
5 non-polymer 'PHOSPHATE ION'
6 non-polymer GLYCEROL
7 non-polymer 1,2-ETHANEDIOL
8 water water
#
loop_
_entity_poly.entity_id
_entity_poly.type
_entity_poly.pdbx_seq_one_letter_code
_entity_poly.pdbx_strand_id
1 'polypeptide(L)'
;LLSILRKLKSAPDQEVRILLLGLDNAGKTTLLKQLASEDISHITPTQGFNIKSVQSQGFKLNVWDIGGQRKIRPYWRSYF
ENTDILIYVIDSADRKRFEETGQELTELLEEEKLSCVPVLIFANKQDLLTAAPASEIAEGLNLHTIRDRVWQIQSCSALT
GEGVQDGMNWVCKNVNAKKKEHH
;
A,B,C,D,E,F
2 'polypeptide(L)'
;DTIRPEHVLRLSRVTENYLCKPEDNIYSIDFTRFKIRDLETGTVLFEIAKPCVSDQEEDEEEGGGDVDISAGRFVRYQFT
PAFLRLRTVGATVEFTVGDKPVSNFRMIERHYFREHLLKNFDFDFGFCIPSSRNTCEHIYEFPQLSEDVIRLMIENPYET
RSDSFYFVDNKLIMHNKADYAYN
;
G,H,I,J,K,L
#
# COMPACT_ATOMS: atom_id res chain seq x y z
N ILE A 4 45.70 -8.83 33.17
CA ILE A 4 45.05 -10.07 32.75
C ILE A 4 44.49 -9.92 31.34
N LEU A 5 43.16 -9.81 31.26
CA LEU A 5 42.48 -9.53 30.00
C LEU A 5 42.17 -8.04 29.86
N ARG A 6 42.64 -7.22 30.80
CA ARG A 6 42.54 -5.77 30.70
C ARG A 6 43.22 -5.30 29.42
N LYS A 7 42.44 -4.72 28.51
CA LYS A 7 42.96 -4.37 27.18
C LYS A 7 42.55 -2.96 26.81
N LEU A 8 43.54 -2.12 26.53
CA LEU A 8 43.29 -0.84 25.90
C LEU A 8 42.86 -1.04 24.46
N LYS A 9 41.65 -1.58 24.26
CA LYS A 9 41.10 -1.72 22.92
C LYS A 9 40.64 -0.37 22.39
N SER A 10 40.22 0.52 23.28
CA SER A 10 39.67 1.81 22.89
C SER A 10 40.80 2.78 22.54
N ALA A 11 40.70 4.01 23.06
CA ALA A 11 41.59 5.14 22.85
C ALA A 11 41.50 5.72 21.44
N PRO A 12 40.30 5.78 20.80
CA PRO A 12 40.25 6.39 19.46
C PRO A 12 39.81 7.85 19.50
N ASP A 13 39.04 8.20 20.55
CA ASP A 13 38.55 9.56 20.73
C ASP A 13 37.67 10.01 19.57
N GLN A 14 36.79 9.13 19.11
CA GLN A 14 35.98 9.46 17.95
C GLN A 14 34.75 10.27 18.37
N GLU A 15 34.10 10.87 17.37
CA GLU A 15 32.91 11.68 17.61
C GLU A 15 31.96 11.55 16.43
N VAL A 16 30.81 10.92 16.64
CA VAL A 16 29.78 10.77 15.62
C VAL A 16 28.63 11.69 15.97
N ARG A 17 28.26 12.58 15.05
CA ARG A 17 27.21 13.57 15.27
C ARG A 17 26.03 13.31 14.35
N ILE A 18 24.87 13.05 14.95
CA ILE A 18 23.61 12.85 14.24
C ILE A 18 22.69 14.01 14.58
N LEU A 19 22.11 14.62 13.55
CA LEU A 19 21.27 15.81 13.69
C LEU A 19 19.87 15.49 13.20
N LEU A 20 18.88 15.58 14.10
CA LEU A 20 17.49 15.30 13.76
C LEU A 20 16.73 16.59 13.49
N LEU A 21 16.24 16.73 12.27
CA LEU A 21 15.50 17.89 11.84
C LEU A 21 14.18 17.44 11.22
N GLY A 22 13.37 18.43 10.86
CA GLY A 22 12.04 18.20 10.32
C GLY A 22 11.07 19.19 10.93
N LEU A 23 9.90 19.29 10.31
CA LEU A 23 8.86 20.19 10.78
C LEU A 23 8.41 19.81 12.19
N ASP A 24 7.70 20.73 12.84
CA ASP A 24 7.06 20.41 14.11
C ASP A 24 6.05 19.29 13.90
N ASN A 25 5.81 18.52 14.97
CA ASN A 25 4.86 17.41 15.00
C ASN A 25 5.30 16.25 14.14
N ALA A 26 6.55 16.23 13.65
CA ALA A 26 6.99 15.14 12.80
C ALA A 26 7.29 13.87 13.59
N GLY A 27 7.75 14.00 14.84
CA GLY A 27 8.04 12.84 15.65
C GLY A 27 9.50 12.73 16.04
N LYS A 28 10.24 13.82 15.86
CA LYS A 28 11.68 13.81 16.15
C LYS A 28 11.97 13.42 17.60
N THR A 29 11.32 14.11 18.54
CA THR A 29 11.57 13.82 19.96
C THR A 29 11.10 12.41 20.32
N THR A 30 9.93 12.01 19.83
CA THR A 30 9.46 10.65 20.05
C THR A 30 10.47 9.63 19.50
N LEU A 31 11.00 9.89 18.30
CA LEU A 31 11.98 8.99 17.71
C LEU A 31 13.24 8.91 18.54
N LEU A 32 13.76 10.07 18.97
CA LEU A 32 14.99 10.09 19.76
C LEU A 32 14.82 9.35 21.08
N LYS A 33 13.72 9.62 21.80
CA LYS A 33 13.51 8.95 23.07
C LYS A 33 13.25 7.46 22.89
N GLN A 34 12.60 7.07 21.78
CA GLN A 34 12.50 5.66 21.45
C GLN A 34 13.88 5.03 21.28
N LEU A 35 14.75 5.69 20.51
CA LEU A 35 16.10 5.19 20.32
C LEU A 35 16.84 5.05 21.65
N ALA A 36 16.55 5.91 22.62
CA ALA A 36 17.20 5.88 23.91
C ALA A 36 16.41 5.09 24.94
N SER A 37 15.44 4.30 24.49
CA SER A 37 14.63 3.44 25.36
C SER A 37 14.07 4.21 26.54
N GLU A 38 13.52 5.39 26.25
CA GLU A 38 13.09 6.33 27.27
C GLU A 38 11.58 6.53 27.22
N ASP A 39 11.05 6.96 28.36
CA ASP A 39 9.65 7.35 28.51
C ASP A 39 9.23 8.30 27.40
N ILE A 40 8.17 7.94 26.67
CA ILE A 40 7.60 8.82 25.66
C ILE A 40 6.13 9.07 25.95
N SER A 41 5.76 9.01 27.23
CA SER A 41 4.36 9.13 27.62
C SER A 41 3.83 10.57 27.59
N HIS A 42 4.69 11.57 27.70
CA HIS A 42 4.25 12.97 27.80
C HIS A 42 5.21 13.91 27.07
N ILE A 43 5.33 13.72 25.77
CA ILE A 43 6.20 14.56 24.94
C ILE A 43 5.50 15.89 24.65
N THR A 44 6.26 16.97 24.81
CA THR A 44 5.80 18.31 24.49
C THR A 44 6.61 18.87 23.32
N PRO A 45 6.10 19.87 22.62
CA PRO A 45 6.89 20.51 21.56
C PRO A 45 8.23 21.01 22.09
N THR A 46 9.31 20.61 21.42
CA THR A 46 10.65 20.92 21.89
C THR A 46 10.97 22.38 21.59
N GLN A 47 11.10 23.19 22.63
CA GLN A 47 11.44 24.60 22.49
C GLN A 47 12.93 24.76 22.78
N GLY A 48 13.74 24.19 21.89
CA GLY A 48 15.17 24.11 22.09
C GLY A 48 15.75 22.86 21.49
N PHE A 49 16.59 22.15 22.23
CA PHE A 49 17.19 20.92 21.74
C PHE A 49 17.19 19.85 22.81
N ASN A 50 17.15 18.60 22.37
CA ASN A 50 17.32 17.42 23.21
C ASN A 50 18.53 16.66 22.70
N ILE A 51 19.48 16.37 23.57
CA ILE A 51 20.70 15.69 23.19
C ILE A 51 20.71 14.31 23.85
N LYS A 52 21.18 13.32 23.10
CA LYS A 52 21.55 12.01 23.66
C LYS A 52 23.03 11.82 23.36
N SER A 53 23.85 11.84 24.41
CA SER A 53 25.29 11.67 24.31
C SER A 53 25.63 10.30 24.87
N VAL A 54 25.93 9.36 23.99
CA VAL A 54 26.19 7.96 24.37
C VAL A 54 27.69 7.72 24.26
N GLN A 55 28.30 7.35 25.38
CA GLN A 55 29.74 7.14 25.43
C GLN A 55 30.11 5.67 25.60
N SER A 56 31.25 5.32 25.02
CA SER A 56 31.90 4.03 25.26
C SER A 56 33.40 4.31 25.15
N GLN A 57 34.03 4.58 26.30
CA GLN A 57 35.49 4.65 26.44
C GLN A 57 36.11 5.58 25.41
N GLY A 58 35.61 6.81 25.38
CA GLY A 58 36.14 7.81 24.50
C GLY A 58 35.47 7.89 23.14
N PHE A 59 34.70 6.88 22.75
CA PHE A 59 33.88 6.97 21.54
C PHE A 59 32.53 7.56 21.92
N LYS A 60 32.18 8.69 21.31
CA LYS A 60 30.95 9.39 21.63
C LYS A 60 30.05 9.44 20.42
N LEU A 61 28.76 9.15 20.64
CA LEU A 61 27.72 9.29 19.64
C LEU A 61 26.74 10.33 20.17
N ASN A 62 26.71 11.49 19.53
CA ASN A 62 25.90 12.62 19.97
C ASN A 62 24.76 12.80 18.98
N VAL A 63 23.52 12.76 19.50
CA VAL A 63 22.32 12.87 18.69
C VAL A 63 21.56 14.11 19.14
N TRP A 64 21.24 14.99 18.18
CA TRP A 64 20.63 16.29 18.44
C TRP A 64 19.23 16.35 17.83
N ASP A 65 18.22 16.54 18.68
CA ASP A 65 16.85 16.78 18.27
C ASP A 65 16.56 18.26 18.46
N ILE A 66 16.42 19.00 17.35
CA ILE A 66 16.11 20.43 17.40
C ILE A 66 14.62 20.61 17.19
N GLY A 67 14.04 21.55 17.92
CA GLY A 67 12.63 21.86 17.73
C GLY A 67 12.32 22.26 16.30
N GLY A 68 11.11 21.94 15.87
CA GLY A 68 10.68 22.24 14.51
C GLY A 68 9.52 23.21 14.48
N GLN A 69 9.29 23.92 15.58
CA GLN A 69 8.28 24.97 15.59
C GLN A 69 8.69 26.07 14.61
N ARG A 70 7.68 26.80 14.12
CA ARG A 70 7.93 27.90 13.21
C ARG A 70 8.93 28.90 13.78
N LYS A 71 8.96 29.05 15.09
CA LYS A 71 9.84 30.00 15.77
C LYS A 71 11.19 29.40 16.16
N ILE A 72 11.49 28.19 15.71
CA ILE A 72 12.72 27.50 16.10
C ILE A 72 13.52 27.13 14.87
N ARG A 73 12.82 26.85 13.76
CA ARG A 73 13.49 26.54 12.50
C ARG A 73 14.61 27.52 12.13
N PRO A 74 14.44 28.85 12.27
CA PRO A 74 15.57 29.75 11.97
C PRO A 74 16.84 29.43 12.73
N TYR A 75 16.74 28.80 13.91
CA TYR A 75 17.91 28.49 14.70
C TYR A 75 18.57 27.17 14.31
N TRP A 76 17.94 26.39 13.42
CA TRP A 76 18.56 25.17 12.91
C TRP A 76 19.97 25.43 12.42
N ARG A 77 20.16 26.54 11.69
CA ARG A 77 21.46 26.87 11.11
C ARG A 77 22.55 26.98 12.18
N SER A 78 22.19 27.17 13.44
CA SER A 78 23.17 27.26 14.51
C SER A 78 23.75 25.90 14.91
N TYR A 79 23.10 24.80 14.54
CA TYR A 79 23.48 23.47 14.99
C TYR A 79 23.99 22.58 13.86
N PHE A 80 24.53 23.19 12.80
CA PHE A 80 24.93 22.44 11.61
C PHE A 80 26.36 21.90 11.70
N GLU A 81 27.27 22.66 12.31
CA GLU A 81 28.69 22.34 12.25
C GLU A 81 28.98 20.96 12.82
N ASN A 82 29.78 20.18 12.07
CA ASN A 82 30.36 18.90 12.44
C ASN A 82 29.35 17.76 12.33
N THR A 83 28.19 18.01 11.73
CA THR A 83 27.19 16.96 11.55
C THR A 83 27.72 15.85 10.66
N ASP A 84 27.58 14.60 11.13
CA ASP A 84 27.99 13.44 10.37
C ASP A 84 26.83 12.75 9.66
N ILE A 85 25.66 12.67 10.28
CA ILE A 85 24.45 12.20 9.60
C ILE A 85 23.31 13.17 9.90
N LEU A 86 22.52 13.47 8.88
CA LEU A 86 21.26 14.20 9.04
C LEU A 86 20.10 13.22 8.95
N ILE A 87 19.25 13.20 9.97
CA ILE A 87 18.00 12.44 9.95
C ILE A 87 16.86 13.46 9.87
N TYR A 88 16.11 13.41 8.78
CA TYR A 88 15.00 14.33 8.54
C TYR A 88 13.69 13.54 8.67
N VAL A 89 12.81 14.00 9.54
CA VAL A 89 11.58 13.28 9.88
C VAL A 89 10.40 13.97 9.21
N ILE A 90 9.52 13.18 8.60
CA ILE A 90 8.33 13.70 7.92
C ILE A 90 7.10 12.98 8.44
N ASP A 91 6.10 13.75 8.89
CA ASP A 91 4.79 13.21 9.24
C ASP A 91 4.12 12.71 7.96
N SER A 92 4.11 11.38 7.76
CA SER A 92 3.58 10.82 6.53
C SER A 92 2.07 10.99 6.40
N ALA A 93 1.36 11.26 7.50
CA ALA A 93 -0.08 11.43 7.44
C ALA A 93 -0.50 12.88 7.20
N ASP A 94 0.37 13.84 7.50
CA ASP A 94 0.08 15.26 7.30
C ASP A 94 0.51 15.62 5.88
N ARG A 95 -0.41 15.43 4.93
CA ARG A 95 -0.09 15.70 3.53
C ARG A 95 -0.09 17.18 3.22
N LYS A 96 -0.98 17.95 3.87
CA LYS A 96 -1.02 19.40 3.71
C LYS A 96 0.36 20.04 3.85
N ARG A 97 1.25 19.40 4.58
CA ARG A 97 2.54 19.98 4.92
C ARG A 97 3.69 19.42 4.09
N PHE A 98 3.43 18.41 3.25
CA PHE A 98 4.49 17.86 2.41
C PHE A 98 5.26 18.97 1.71
N GLU A 99 4.57 19.74 0.86
CA GLU A 99 5.18 20.88 0.19
C GLU A 99 6.05 21.68 1.16
N GLU A 100 5.48 22.07 2.30
CA GLU A 100 6.24 22.86 3.27
C GLU A 100 7.51 22.12 3.67
N THR A 101 7.37 20.89 4.16
CA THR A 101 8.55 20.14 4.56
C THR A 101 9.48 19.94 3.37
N GLY A 102 8.91 19.76 2.17
CA GLY A 102 9.75 19.60 0.99
C GLY A 102 10.69 20.77 0.78
N GLN A 103 10.21 21.99 1.11
CA GLN A 103 11.09 23.14 0.96
C GLN A 103 12.16 23.16 2.03
N GLU A 104 11.80 22.80 3.27
CA GLU A 104 12.78 22.88 4.35
C GLU A 104 13.97 21.98 4.06
N LEU A 105 13.70 20.72 3.72
CA LEU A 105 14.77 19.80 3.33
C LEU A 105 15.54 20.36 2.14
N THR A 106 14.84 20.94 1.16
CA THR A 106 15.54 21.53 0.02
C THR A 106 16.49 22.63 0.48
N GLU A 107 16.05 23.44 1.45
CA GLU A 107 16.94 24.46 2.00
C GLU A 107 18.12 23.81 2.73
N LEU A 108 17.86 22.68 3.39
CA LEU A 108 18.91 22.01 4.17
C LEU A 108 20.01 21.48 3.26
N LEU A 109 19.63 20.86 2.14
CA LEU A 109 20.60 20.22 1.26
C LEU A 109 21.32 21.20 0.37
N GLU A 110 20.92 22.48 0.39
CA GLU A 110 21.67 23.53 -0.27
C GLU A 110 22.59 24.28 0.68
N GLU A 111 22.34 24.17 1.98
CA GLU A 111 23.24 24.75 2.98
C GLU A 111 24.64 24.18 2.79
N GLU A 112 25.63 25.06 2.67
CA GLU A 112 27.00 24.59 2.48
C GLU A 112 27.52 23.90 3.74
N LYS A 113 27.06 24.34 4.91
CA LYS A 113 27.52 23.75 6.17
C LYS A 113 27.15 22.28 6.29
N LEU A 114 26.24 21.78 5.45
CA LEU A 114 25.77 20.41 5.52
C LEU A 114 26.10 19.63 4.25
N SER A 115 27.05 20.12 3.46
CA SER A 115 27.35 19.48 2.18
C SER A 115 28.00 18.12 2.41
N CYS A 116 27.55 17.13 1.63
CA CYS A 116 28.02 15.75 1.55
C CYS A 116 27.53 14.92 2.74
N VAL A 117 26.87 15.51 3.73
CA VAL A 117 26.36 14.76 4.88
C VAL A 117 25.24 13.83 4.45
N PRO A 118 25.34 12.52 4.70
CA PRO A 118 24.26 11.60 4.34
C PRO A 118 22.98 11.92 5.11
N VAL A 119 21.85 11.87 4.41
CA VAL A 119 20.55 12.24 4.95
C VAL A 119 19.60 11.05 4.85
N LEU A 120 19.15 10.58 6.01
CA LEU A 120 18.09 9.58 6.09
C LEU A 120 16.75 10.28 6.27
N ILE A 121 15.81 10.01 5.38
CA ILE A 121 14.47 10.58 5.45
C ILE A 121 13.55 9.54 6.07
N PHE A 122 13.16 9.76 7.33
CA PHE A 122 12.18 8.92 8.00
C PHE A 122 10.78 9.38 7.62
N ALA A 123 10.08 8.57 6.82
CA ALA A 123 8.66 8.77 6.57
C ALA A 123 7.89 8.19 7.76
N ASN A 124 7.80 8.99 8.82
CA ASN A 124 7.33 8.53 10.11
C ASN A 124 5.81 8.42 10.12
N LYS A 125 5.31 7.74 11.17
CA LYS A 125 3.87 7.60 11.43
C LYS A 125 3.21 6.64 10.45
N GLN A 126 3.96 5.67 9.95
CA GLN A 126 3.43 4.67 9.03
C GLN A 126 2.43 3.72 9.69
N ASP A 127 2.20 3.87 11.00
CA ASP A 127 1.21 3.08 11.70
C ASP A 127 -0.21 3.58 11.50
N LEU A 128 -0.37 4.71 10.80
CA LEU A 128 -1.66 5.35 10.60
C LEU A 128 -2.25 4.95 9.25
N LEU A 129 -3.58 4.91 9.20
CA LEU A 129 -4.25 4.58 7.93
C LEU A 129 -4.01 5.65 6.89
N THR A 130 -4.05 6.93 7.30
CA THR A 130 -3.85 8.05 6.40
C THR A 130 -2.39 8.28 6.01
N ALA A 131 -1.46 7.51 6.55
CA ALA A 131 -0.05 7.73 6.24
C ALA A 131 0.24 7.41 4.78
N ALA A 132 0.69 8.41 4.03
CA ALA A 132 1.12 8.20 2.65
C ALA A 132 2.33 7.28 2.61
N PRO A 133 2.42 6.41 1.60
CA PRO A 133 3.58 5.51 1.49
C PRO A 133 4.86 6.29 1.22
N ALA A 134 5.99 5.62 1.50
CA ALA A 134 7.30 6.27 1.39
C ALA A 134 7.61 6.66 -0.05
N SER A 135 7.24 5.80 -1.01
CA SER A 135 7.50 6.12 -2.41
C SER A 135 6.77 7.39 -2.83
N GLU A 136 5.52 7.56 -2.38
CA GLU A 136 4.75 8.74 -2.71
C GLU A 136 5.40 10.00 -2.16
N ILE A 137 5.90 9.92 -0.93
CA ILE A 137 6.60 11.04 -0.31
C ILE A 137 7.89 11.34 -1.06
N ALA A 138 8.63 10.29 -1.44
CA ALA A 138 9.85 10.48 -2.21
C ALA A 138 9.58 11.16 -3.54
N GLU A 139 8.43 10.85 -4.15
CA GLU A 139 7.98 11.64 -5.30
C GLU A 139 7.85 13.10 -4.93
N GLY A 140 6.99 13.39 -3.95
CA GLY A 140 6.74 14.77 -3.57
C GLY A 140 8.01 15.56 -3.28
N LEU A 141 9.00 14.90 -2.69
CA LEU A 141 10.24 15.56 -2.29
C LEU A 141 11.25 15.69 -3.42
N ASN A 142 11.05 14.99 -4.54
CA ASN A 142 12.01 14.93 -5.63
C ASN A 142 13.36 14.41 -5.11
N LEU A 143 13.30 13.40 -4.24
CA LEU A 143 14.50 12.87 -3.62
C LEU A 143 15.47 12.24 -4.60
N HIS A 144 15.00 11.86 -5.78
CA HIS A 144 15.88 11.21 -6.75
C HIS A 144 16.80 12.19 -7.46
N THR A 145 16.53 13.49 -7.38
CA THR A 145 17.42 14.50 -7.93
C THR A 145 18.56 14.84 -6.99
N ILE A 146 18.57 14.29 -5.78
CA ILE A 146 19.61 14.59 -4.80
C ILE A 146 20.96 14.07 -5.29
N ARG A 147 21.88 14.99 -5.52
CA ARG A 147 23.23 14.69 -5.99
C ARG A 147 24.24 15.31 -5.03
N ASP A 148 25.45 14.75 -5.03
CA ASP A 148 26.55 15.13 -4.13
C ASP A 148 26.33 14.70 -2.69
N ARG A 149 25.54 13.65 -2.47
CA ARG A 149 25.39 13.01 -1.17
C ARG A 149 24.54 11.75 -1.34
N VAL A 150 24.74 10.81 -0.42
CA VAL A 150 23.93 9.59 -0.36
C VAL A 150 22.74 9.83 0.55
N TRP A 151 21.55 9.52 0.05
CA TRP A 151 20.32 9.65 0.80
C TRP A 151 19.58 8.31 0.86
N GLN A 152 18.56 8.25 1.71
CA GLN A 152 17.74 7.06 1.86
C GLN A 152 16.44 7.43 2.56
N ILE A 153 15.33 6.87 2.06
CA ILE A 153 14.04 7.02 2.71
C ILE A 153 13.70 5.71 3.40
N GLN A 154 12.91 5.81 4.47
CA GLN A 154 12.57 4.64 5.27
C GLN A 154 11.19 4.85 5.88
N SER A 155 10.24 4.01 5.48
CA SER A 155 8.98 3.94 6.21
C SER A 155 9.24 3.58 7.67
N CYS A 156 8.61 4.29 8.59
CA CYS A 156 8.83 3.99 9.99
C CYS A 156 7.66 4.52 10.80
N SER A 157 7.55 4.02 12.03
CA SER A 157 6.63 4.55 13.03
C SER A 157 7.39 4.65 14.34
N ALA A 158 7.73 5.88 14.73
CA ALA A 158 8.41 6.09 16.01
C ALA A 158 7.57 5.59 17.18
N LEU A 159 6.25 5.52 17.01
CA LEU A 159 5.38 5.05 18.08
C LEU A 159 5.59 3.56 18.35
N THR A 160 5.48 2.73 17.31
CA THR A 160 5.67 1.30 17.49
C THR A 160 7.14 0.92 17.49
N GLY A 161 7.95 1.59 16.69
CA GLY A 161 9.34 1.22 16.48
C GLY A 161 9.59 0.58 15.13
N GLU A 162 8.53 0.19 14.44
CA GLU A 162 8.63 -0.41 13.12
C GLU A 162 9.49 0.42 12.18
N GLY A 163 10.50 -0.21 11.60
CA GLY A 163 11.32 0.41 10.58
C GLY A 163 12.48 1.23 11.09
N VAL A 164 12.47 1.60 12.38
CA VAL A 164 13.50 2.49 12.91
C VAL A 164 14.88 1.84 12.82
N GLN A 165 14.96 0.55 13.13
CA GLN A 165 16.26 -0.12 13.08
C GLN A 165 16.78 -0.24 11.65
N ASP A 166 15.89 -0.33 10.66
CA ASP A 166 16.33 -0.30 9.27
C ASP A 166 17.01 1.03 8.94
N GLY A 167 16.36 2.14 9.29
CA GLY A 167 16.98 3.44 9.08
C GLY A 167 18.30 3.58 9.81
N MET A 168 18.36 3.10 11.05
CA MET A 168 19.61 3.19 11.81
C MET A 168 20.68 2.29 11.22
N ASN A 169 20.28 1.14 10.65
CA ASN A 169 21.23 0.29 9.94
C ASN A 169 21.82 1.02 8.75
N TRP A 170 20.98 1.71 7.98
CA TRP A 170 21.49 2.55 6.90
C TRP A 170 22.45 3.61 7.43
N VAL A 171 22.05 4.30 8.50
CA VAL A 171 22.90 5.35 9.08
C VAL A 171 24.27 4.80 9.45
N CYS A 172 24.29 3.65 10.13
CA CYS A 172 25.57 3.06 10.52
C CYS A 172 26.37 2.63 9.31
N LYS A 173 25.70 2.03 8.31
CA LYS A 173 26.40 1.60 7.10
C LYS A 173 27.02 2.79 6.37
N ASN A 174 26.29 3.90 6.28
CA ASN A 174 26.75 5.04 5.49
C ASN A 174 27.22 6.17 6.40
N VAL A 175 27.99 5.85 7.43
CA VAL A 175 28.68 6.86 8.21
C VAL A 175 30.04 6.97 7.54
N ASN A 176 30.83 7.98 7.92
CA ASN A 176 32.13 8.23 7.28
C ASN A 176 31.93 8.59 5.81
N ALA A 177 30.94 9.43 5.54
CA ALA A 177 30.61 9.79 4.16
C ALA A 177 30.30 11.28 4.05
N LEU B 5 9.06 -73.91 10.89
CA LEU B 5 8.58 -73.21 9.71
C LEU B 5 7.20 -72.65 9.98
N ARG B 6 6.58 -72.05 8.96
CA ARG B 6 5.23 -71.49 9.05
C ARG B 6 5.16 -70.40 10.12
N LYS B 7 5.54 -70.75 11.35
CA LYS B 7 5.72 -69.73 12.38
C LYS B 7 6.77 -68.70 11.98
N LEU B 8 7.72 -69.08 11.12
CA LEU B 8 8.77 -68.17 10.69
C LEU B 8 8.22 -67.06 9.81
N LYS B 9 7.49 -66.12 10.40
CA LYS B 9 6.94 -64.98 9.68
C LYS B 9 7.82 -63.75 9.93
N SER B 10 7.72 -62.79 9.03
CA SER B 10 8.50 -61.56 9.09
C SER B 10 7.54 -60.39 8.98
N ALA B 11 7.26 -59.73 10.12
CA ALA B 11 6.44 -58.52 10.06
C ALA B 11 6.65 -57.58 11.24
N PRO B 12 7.07 -56.33 11.02
CA PRO B 12 7.21 -55.38 12.12
C PRO B 12 5.95 -54.55 12.34
N ASP B 13 5.74 -54.16 13.60
CA ASP B 13 4.58 -53.36 13.99
C ASP B 13 4.77 -51.89 13.63
N GLN B 14 3.80 -51.31 12.95
CA GLN B 14 3.90 -49.92 12.48
C GLN B 14 2.57 -49.20 12.68
N GLU B 15 2.61 -47.86 12.56
CA GLU B 15 1.41 -47.02 12.64
C GLU B 15 1.66 -45.73 11.88
N VAL B 16 1.00 -45.54 10.74
CA VAL B 16 1.18 -44.37 9.89
C VAL B 16 0.02 -43.39 10.09
N ARG B 17 0.34 -42.14 10.42
CA ARG B 17 -0.64 -41.11 10.74
C ARG B 17 -0.63 -40.00 9.68
N ILE B 18 -1.80 -39.79 9.05
CA ILE B 18 -1.98 -38.76 8.03
C ILE B 18 -3.02 -37.76 8.52
N LEU B 19 -2.73 -36.47 8.34
CA LEU B 19 -3.57 -35.38 8.83
C LEU B 19 -4.07 -34.53 7.67
N LEU B 20 -5.39 -34.44 7.53
CA LEU B 20 -6.04 -33.64 6.49
C LEU B 20 -6.50 -32.31 7.11
N LEU B 21 -5.87 -31.23 6.66
CA LEU B 21 -6.15 -29.87 7.11
C LEU B 21 -6.37 -28.96 5.92
N GLY B 22 -6.78 -27.74 6.20
CA GLY B 22 -7.12 -26.76 5.18
C GLY B 22 -8.34 -25.96 5.61
N LEU B 23 -8.55 -24.83 4.93
CA LEU B 23 -9.69 -23.99 5.22
C LEU B 23 -10.99 -24.76 5.05
N ASP B 24 -12.07 -24.23 5.63
CA ASP B 24 -13.38 -24.82 5.42
C ASP B 24 -13.75 -24.73 3.94
N ASN B 25 -14.60 -25.68 3.52
CA ASN B 25 -15.10 -25.80 2.15
C ASN B 25 -14.00 -26.19 1.16
N ALA B 26 -12.83 -26.60 1.64
CA ALA B 26 -11.74 -26.95 0.74
C ALA B 26 -11.94 -28.32 0.09
N GLY B 27 -12.60 -29.24 0.78
CA GLY B 27 -12.85 -30.57 0.23
C GLY B 27 -12.18 -31.67 1.02
N LYS B 28 -11.73 -31.35 2.23
CA LYS B 28 -11.06 -32.34 3.09
C LYS B 28 -11.94 -33.55 3.33
N THR B 29 -13.18 -33.33 3.79
CA THR B 29 -14.09 -34.45 4.04
C THR B 29 -14.40 -35.21 2.75
N THR B 30 -14.66 -34.49 1.66
CA THR B 30 -14.92 -35.14 0.38
C THR B 30 -13.74 -35.98 -0.05
N LEU B 31 -12.52 -35.46 0.10
CA LEU B 31 -11.33 -36.21 -0.27
C LEU B 31 -11.19 -37.47 0.58
N LEU B 32 -11.37 -37.32 1.90
CA LEU B 32 -11.25 -38.47 2.80
C LEU B 32 -12.26 -39.56 2.44
N LYS B 33 -13.51 -39.17 2.21
CA LYS B 33 -14.54 -40.16 1.90
C LYS B 33 -14.34 -40.76 0.51
N GLN B 34 -13.79 -39.99 -0.44
CA GLN B 34 -13.39 -40.55 -1.72
C GLN B 34 -12.33 -41.64 -1.52
N LEU B 35 -11.31 -41.34 -0.72
CA LEU B 35 -10.27 -42.32 -0.43
C LEU B 35 -10.86 -43.59 0.17
N ALA B 36 -11.90 -43.46 1.00
CA ALA B 36 -12.50 -44.59 1.69
C ALA B 36 -13.70 -45.16 0.96
N SER B 37 -13.88 -44.80 -0.31
CA SER B 37 -14.96 -45.32 -1.15
C SER B 37 -16.31 -45.23 -0.44
N GLU B 38 -16.58 -44.05 0.11
CA GLU B 38 -17.76 -43.80 0.91
C GLU B 38 -18.67 -42.79 0.22
N ASP B 39 -19.96 -42.85 0.57
CA ASP B 39 -20.94 -41.89 0.07
C ASP B 39 -20.44 -40.46 0.26
N ILE B 40 -20.46 -39.68 -0.82
CA ILE B 40 -20.12 -38.27 -0.75
C ILE B 40 -21.26 -37.42 -1.31
N SER B 41 -22.49 -37.94 -1.25
CA SER B 41 -23.62 -37.23 -1.85
C SER B 41 -24.12 -36.09 -0.99
N HIS B 42 -23.93 -36.16 0.33
CA HIS B 42 -24.52 -35.20 1.25
C HIS B 42 -23.56 -34.87 2.41
N ILE B 43 -22.39 -34.34 2.07
CA ILE B 43 -21.41 -33.96 3.08
C ILE B 43 -21.77 -32.60 3.65
N THR B 44 -21.67 -32.48 4.97
CA THR B 44 -21.91 -31.24 5.70
C THR B 44 -20.61 -30.73 6.31
N PRO B 45 -20.56 -29.44 6.67
CA PRO B 45 -19.37 -28.90 7.35
C PRO B 45 -19.01 -29.71 8.59
N THR B 46 -17.74 -30.13 8.64
CA THR B 46 -17.26 -31.02 9.71
C THR B 46 -17.07 -30.22 10.98
N GLN B 47 -17.90 -30.47 11.98
CA GLN B 47 -17.81 -29.79 13.27
C GLN B 47 -17.10 -30.72 14.27
N GLY B 48 -15.82 -30.96 14.00
CA GLY B 48 -15.04 -31.90 14.77
C GLY B 48 -14.02 -32.58 13.90
N PHE B 49 -13.93 -33.91 13.98
CA PHE B 49 -13.00 -34.66 13.16
C PHE B 49 -13.67 -35.92 12.64
N ASN B 50 -13.20 -36.38 11.48
CA ASN B 50 -13.60 -37.65 10.90
C ASN B 50 -12.36 -38.51 10.77
N ILE B 51 -12.42 -39.73 11.29
CA ILE B 51 -11.27 -40.63 11.30
C ILE B 51 -11.55 -41.80 10.37
N LYS B 52 -10.53 -42.20 9.61
CA LYS B 52 -10.50 -43.49 8.94
C LYS B 52 -9.32 -44.27 9.50
N SER B 53 -9.61 -45.33 10.25
CA SER B 53 -8.59 -46.19 10.82
C SER B 53 -8.63 -47.52 10.08
N VAL B 54 -7.67 -47.73 9.19
CA VAL B 54 -7.60 -48.92 8.36
C VAL B 54 -6.50 -49.81 8.91
N GLN B 55 -6.89 -50.96 9.46
CA GLN B 55 -5.95 -51.84 10.15
C GLN B 55 -5.77 -53.12 9.34
N SER B 56 -4.54 -53.66 9.35
CA SER B 56 -4.17 -54.86 8.63
C SER B 56 -3.16 -55.63 9.49
N GLN B 57 -3.57 -56.74 10.08
CA GLN B 57 -2.72 -57.56 10.94
C GLN B 57 -2.17 -56.76 12.11
N GLY B 58 -1.19 -55.92 11.87
CA GLY B 58 -0.63 -55.07 12.91
C GLY B 58 -0.23 -53.70 12.39
N PHE B 59 -0.19 -53.56 11.07
CA PHE B 59 0.07 -52.29 10.42
C PHE B 59 -1.24 -51.49 10.36
N LYS B 60 -1.23 -50.30 10.95
CA LYS B 60 -2.40 -49.45 11.02
C LYS B 60 -2.14 -48.15 10.27
N LEU B 61 -3.14 -47.68 9.52
CA LEU B 61 -3.10 -46.41 8.81
C LEU B 61 -4.27 -45.56 9.30
N ASN B 62 -3.97 -44.48 10.01
CA ASN B 62 -4.98 -43.61 10.60
C ASN B 62 -4.97 -42.26 9.87
N VAL B 63 -6.13 -41.86 9.35
CA VAL B 63 -6.28 -40.61 8.62
C VAL B 63 -7.27 -39.75 9.40
N TRP B 64 -6.85 -38.52 9.73
CA TRP B 64 -7.62 -37.60 10.56
C TRP B 64 -8.00 -36.41 9.69
N ASP B 65 -9.28 -36.27 9.37
CA ASP B 65 -9.80 -35.09 8.68
C ASP B 65 -10.33 -34.14 9.74
N ILE B 66 -9.70 -32.98 9.90
CA ILE B 66 -10.16 -32.03 10.90
C ILE B 66 -11.00 -30.94 10.22
N GLY B 67 -12.08 -30.53 10.89
CA GLY B 67 -12.89 -29.45 10.38
C GLY B 67 -12.08 -28.18 10.21
N GLY B 68 -12.52 -27.33 9.28
CA GLY B 68 -11.79 -26.10 9.02
C GLY B 68 -12.55 -24.82 9.24
N GLN B 69 -13.66 -24.88 9.98
CA GLN B 69 -14.38 -23.66 10.31
C GLN B 69 -13.53 -22.80 11.24
N ARG B 70 -13.77 -21.48 11.16
CA ARG B 70 -13.05 -20.54 12.02
C ARG B 70 -13.10 -20.94 13.50
N LYS B 71 -14.18 -21.60 13.93
CA LYS B 71 -14.36 -22.00 15.32
C LYS B 71 -13.79 -23.38 15.61
N ILE B 72 -12.91 -23.89 14.76
CA ILE B 72 -12.37 -25.24 14.91
C ILE B 72 -10.87 -25.19 14.73
N ARG B 73 -10.40 -24.30 13.87
CA ARG B 73 -8.96 -24.14 13.65
C ARG B 73 -8.14 -23.95 14.93
N PRO B 74 -8.59 -23.20 15.94
CA PRO B 74 -7.81 -23.16 17.20
C PRO B 74 -7.49 -24.54 17.76
N TYR B 75 -8.32 -25.54 17.50
CA TYR B 75 -8.14 -26.87 18.05
C TYR B 75 -7.23 -27.75 17.19
N TRP B 76 -6.85 -27.29 15.99
CA TRP B 76 -5.96 -28.07 15.13
C TRP B 76 -4.72 -28.54 15.86
N ARG B 77 -4.09 -27.64 16.63
CA ARG B 77 -2.86 -27.98 17.33
C ARG B 77 -3.01 -29.15 18.28
N SER B 78 -4.23 -29.42 18.76
CA SER B 78 -4.45 -30.55 19.66
C SER B 78 -4.30 -31.89 18.95
N TYR B 79 -4.30 -31.92 17.61
CA TYR B 79 -4.27 -33.16 16.85
C TYR B 79 -2.97 -33.32 16.06
N PHE B 80 -1.90 -32.65 16.49
CA PHE B 80 -0.64 -32.68 15.75
C PHE B 80 0.24 -33.87 16.12
N GLU B 81 0.16 -34.34 17.37
CA GLU B 81 1.13 -35.31 17.88
C GLU B 81 1.19 -36.56 17.02
N ASN B 82 2.41 -36.93 16.62
CA ASN B 82 2.78 -38.18 15.94
C ASN B 82 2.38 -38.18 14.48
N THR B 83 1.96 -37.04 13.93
CA THR B 83 1.59 -36.97 12.52
C THR B 83 2.78 -37.35 11.65
N ASP B 84 2.55 -38.24 10.69
CA ASP B 84 3.60 -38.68 9.77
C ASP B 84 3.53 -37.96 8.43
N ILE B 85 2.34 -37.69 7.91
CA ILE B 85 2.18 -36.89 6.70
C ILE B 85 1.08 -35.87 6.92
N LEU B 86 1.32 -34.63 6.48
CA LEU B 86 0.30 -33.60 6.45
C LEU B 86 -0.17 -33.40 5.01
N ILE B 87 -1.49 -33.51 4.80
CA ILE B 87 -2.14 -33.17 3.55
C ILE B 87 -2.94 -31.90 3.77
N TYR B 88 -2.59 -30.85 3.04
CA TYR B 88 -3.26 -29.56 3.12
C TYR B 88 -4.03 -29.33 1.84
N VAL B 89 -5.35 -29.11 1.96
CA VAL B 89 -6.25 -29.06 0.82
C VAL B 89 -6.68 -27.62 0.59
N ILE B 90 -6.64 -27.18 -0.67
CA ILE B 90 -7.00 -25.83 -1.06
C ILE B 90 -8.10 -25.87 -2.13
N ASP B 91 -9.18 -25.14 -1.89
CA ASP B 91 -10.19 -24.88 -2.90
C ASP B 91 -9.57 -24.03 -3.99
N SER B 92 -9.22 -24.64 -5.13
CA SER B 92 -8.47 -23.95 -6.16
C SER B 92 -9.28 -22.88 -6.86
N ALA B 93 -10.60 -22.93 -6.78
CA ALA B 93 -11.45 -21.94 -7.43
C ALA B 93 -11.78 -20.75 -6.55
N ASP B 94 -11.64 -20.88 -5.23
CA ASP B 94 -11.93 -19.79 -4.29
C ASP B 94 -10.67 -18.94 -4.15
N ARG B 95 -10.54 -17.95 -5.03
CA ARG B 95 -9.34 -17.12 -5.05
C ARG B 95 -9.34 -16.09 -3.93
N LYS B 96 -10.52 -15.57 -3.55
CA LYS B 96 -10.62 -14.63 -2.44
C LYS B 96 -9.94 -15.12 -1.17
N ARG B 97 -9.79 -16.44 -1.04
CA ARG B 97 -9.27 -17.05 0.18
C ARG B 97 -7.83 -17.53 0.04
N PHE B 98 -7.22 -17.37 -1.15
CA PHE B 98 -5.84 -17.82 -1.34
C PHE B 98 -4.91 -17.24 -0.29
N GLU B 99 -5.09 -15.96 0.05
CA GLU B 99 -4.29 -15.36 1.10
C GLU B 99 -4.54 -16.04 2.44
N GLU B 100 -5.82 -16.21 2.79
CA GLU B 100 -6.16 -16.79 4.09
C GLU B 100 -5.51 -18.15 4.28
N THR B 101 -5.77 -19.09 3.36
CA THR B 101 -5.11 -20.38 3.47
C THR B 101 -3.60 -20.22 3.44
N GLY B 102 -3.11 -19.23 2.69
CA GLY B 102 -1.67 -18.98 2.63
C GLY B 102 -1.07 -18.67 3.99
N GLN B 103 -1.80 -17.92 4.83
CA GLN B 103 -1.27 -17.70 6.18
C GLN B 103 -1.44 -18.96 7.01
N GLU B 104 -2.58 -19.65 6.87
CA GLU B 104 -2.84 -20.83 7.70
C GLU B 104 -1.75 -21.88 7.50
N LEU B 105 -1.44 -22.19 6.23
CA LEU B 105 -0.35 -23.10 5.94
C LEU B 105 0.96 -22.61 6.55
N THR B 106 1.21 -21.30 6.44
CA THR B 106 2.42 -20.74 7.04
C THR B 106 2.46 -21.00 8.53
N GLU B 107 1.29 -20.93 9.19
CA GLU B 107 1.22 -21.24 10.61
C GLU B 107 1.58 -22.69 10.87
N LEU B 108 1.12 -23.60 10.01
CA LEU B 108 1.29 -25.03 10.26
C LEU B 108 2.76 -25.44 10.18
N LEU B 109 3.50 -24.87 9.24
CA LEU B 109 4.90 -25.26 9.04
C LEU B 109 5.85 -24.58 10.02
N GLU B 110 5.35 -23.68 10.86
CA GLU B 110 6.11 -23.12 11.96
C GLU B 110 5.84 -23.83 13.27
N GLU B 111 4.68 -24.49 13.40
CA GLU B 111 4.34 -25.26 14.58
C GLU B 111 5.42 -26.30 14.87
N GLU B 112 5.88 -26.32 16.13
CA GLU B 112 6.96 -27.23 16.50
C GLU B 112 6.52 -28.69 16.45
N LYS B 113 5.25 -28.96 16.77
CA LYS B 113 4.75 -30.33 16.80
C LYS B 113 4.72 -30.98 15.43
N LEU B 114 4.86 -30.21 14.35
CA LEU B 114 4.74 -30.73 12.98
C LEU B 114 6.03 -30.57 12.19
N SER B 115 7.16 -30.38 12.87
CA SER B 115 8.43 -30.17 12.19
C SER B 115 8.88 -31.44 11.47
N CYS B 116 9.39 -31.27 10.25
CA CYS B 116 9.95 -32.29 9.36
C CYS B 116 8.86 -33.14 8.70
N VAL B 117 7.60 -32.98 9.07
CA VAL B 117 6.52 -33.80 8.47
C VAL B 117 6.34 -33.41 7.01
N PRO B 118 6.37 -34.36 6.08
CA PRO B 118 6.13 -34.02 4.67
C PRO B 118 4.72 -33.48 4.45
N VAL B 119 4.62 -32.47 3.62
CA VAL B 119 3.36 -31.76 3.37
C VAL B 119 3.01 -31.86 1.88
N LEU B 120 1.90 -32.53 1.59
CA LEU B 120 1.32 -32.57 0.26
C LEU B 120 0.19 -31.54 0.17
N ILE B 121 0.31 -30.61 -0.77
CA ILE B 121 -0.70 -29.59 -1.00
C ILE B 121 -1.59 -30.05 -2.14
N PHE B 122 -2.81 -30.46 -1.82
CA PHE B 122 -3.81 -30.81 -2.83
C PHE B 122 -4.51 -29.55 -3.33
N ALA B 123 -4.29 -29.21 -4.60
CA ALA B 123 -5.06 -28.16 -5.26
C ALA B 123 -6.38 -28.76 -5.74
N ASN B 124 -7.34 -28.86 -4.81
CA ASN B 124 -8.56 -29.59 -5.06
C ASN B 124 -9.50 -28.78 -5.95
N LYS B 125 -10.52 -29.46 -6.48
CA LYS B 125 -11.59 -28.86 -7.28
C LYS B 125 -11.12 -28.44 -8.66
N GLN B 126 -10.12 -29.14 -9.20
CA GLN B 126 -9.59 -28.81 -10.52
C GLN B 126 -10.58 -29.13 -11.64
N ASP B 127 -11.73 -29.73 -11.31
CA ASP B 127 -12.74 -30.00 -12.32
C ASP B 127 -13.56 -28.77 -12.67
N LEU B 128 -13.36 -27.65 -11.96
CA LEU B 128 -14.13 -26.45 -12.16
C LEU B 128 -13.45 -25.56 -13.20
N LEU B 129 -14.27 -24.88 -14.00
CA LEU B 129 -13.75 -23.98 -15.03
C LEU B 129 -12.90 -22.87 -14.42
N THR B 130 -13.38 -22.24 -13.35
CA THR B 130 -12.68 -21.13 -12.71
C THR B 130 -11.50 -21.58 -11.85
N ALA B 131 -11.23 -22.88 -11.75
CA ALA B 131 -10.14 -23.35 -10.90
C ALA B 131 -8.79 -22.87 -11.41
N ALA B 132 -8.08 -22.13 -10.57
CA ALA B 132 -6.73 -21.69 -10.90
C ALA B 132 -5.79 -22.90 -11.01
N PRO B 133 -4.83 -22.87 -11.94
CA PRO B 133 -3.89 -23.99 -12.05
C PRO B 133 -3.01 -24.14 -10.82
N ALA B 134 -2.40 -25.32 -10.70
CA ALA B 134 -1.59 -25.65 -9.53
C ALA B 134 -0.35 -24.77 -9.44
N SER B 135 0.29 -24.49 -10.59
CA SER B 135 1.49 -23.66 -10.58
C SER B 135 1.21 -22.28 -9.98
N GLU B 136 0.05 -21.70 -10.33
CA GLU B 136 -0.32 -20.40 -9.80
C GLU B 136 -0.46 -20.43 -8.29
N ILE B 137 -1.04 -21.51 -7.75
CA ILE B 137 -1.20 -21.65 -6.31
C ILE B 137 0.15 -21.82 -5.63
N ALA B 138 1.02 -22.65 -6.22
CA ALA B 138 2.35 -22.85 -5.65
C ALA B 138 3.14 -21.55 -5.63
N GLU B 139 3.00 -20.74 -6.69
CA GLU B 139 3.61 -19.41 -6.71
C GLU B 139 3.06 -18.54 -5.59
N GLY B 140 1.73 -18.37 -5.54
CA GLY B 140 1.12 -17.54 -4.51
C GLY B 140 1.50 -17.96 -3.10
N LEU B 141 1.64 -19.26 -2.87
CA LEU B 141 1.94 -19.77 -1.53
C LEU B 141 3.41 -19.67 -1.19
N ASN B 142 4.28 -19.38 -2.16
CA ASN B 142 5.73 -19.35 -1.96
C ASN B 142 6.23 -20.69 -1.42
N LEU B 143 5.69 -21.78 -1.99
CA LEU B 143 6.02 -23.12 -1.52
C LEU B 143 7.48 -23.48 -1.75
N HIS B 144 8.19 -22.75 -2.62
CA HIS B 144 9.59 -23.07 -2.86
C HIS B 144 10.49 -22.66 -1.70
N THR B 145 9.99 -21.79 -0.82
CA THR B 145 10.77 -21.35 0.33
C THR B 145 10.73 -22.33 1.49
N ILE B 146 9.93 -23.40 1.38
CA ILE B 146 9.81 -24.37 2.46
C ILE B 146 11.14 -25.09 2.68
N ARG B 147 11.66 -25.00 3.90
CA ARG B 147 12.91 -25.63 4.28
C ARG B 147 12.62 -26.68 5.35
N ASP B 148 13.67 -27.43 5.72
CA ASP B 148 13.60 -28.49 6.72
C ASP B 148 12.38 -29.40 6.64
N ARG B 149 11.94 -29.73 5.42
CA ARG B 149 10.90 -30.75 5.17
C ARG B 149 10.74 -30.91 3.66
N VAL B 150 10.07 -32.00 3.27
CA VAL B 150 9.79 -32.33 1.87
C VAL B 150 8.35 -31.99 1.54
N TRP B 151 8.15 -31.09 0.59
CA TRP B 151 6.82 -30.73 0.11
C TRP B 151 6.58 -31.21 -1.32
N GLN B 152 5.31 -31.10 -1.74
CA GLN B 152 4.85 -31.42 -3.09
C GLN B 152 3.45 -30.86 -3.28
N ILE B 153 3.19 -30.27 -4.45
CA ILE B 153 1.85 -29.84 -4.82
C ILE B 153 1.33 -30.75 -5.91
N GLN B 154 0.00 -30.93 -5.93
CA GLN B 154 -0.64 -31.87 -6.84
C GLN B 154 -2.02 -31.37 -7.19
N SER B 155 -2.24 -31.08 -8.47
CA SER B 155 -3.60 -30.87 -8.97
C SER B 155 -4.45 -32.10 -8.69
N CYS B 156 -5.70 -31.87 -8.29
CA CYS B 156 -6.59 -32.99 -8.03
C CYS B 156 -8.04 -32.51 -8.08
N SER B 157 -8.94 -33.48 -8.16
CA SER B 157 -10.38 -33.25 -8.03
C SER B 157 -10.95 -34.37 -7.18
N ALA B 158 -11.36 -34.05 -5.95
CA ALA B 158 -11.96 -35.04 -5.08
C ALA B 158 -13.30 -35.54 -5.61
N LEU B 159 -13.97 -34.73 -6.44
CA LEU B 159 -15.24 -35.15 -7.02
C LEU B 159 -15.05 -36.32 -7.98
N THR B 160 -14.13 -36.18 -8.92
CA THR B 160 -13.89 -37.17 -9.97
C THR B 160 -12.82 -38.20 -9.58
N GLY B 161 -11.80 -37.79 -8.86
CA GLY B 161 -10.67 -38.64 -8.54
C GLY B 161 -9.41 -38.28 -9.28
N GLU B 162 -9.51 -37.47 -10.33
CA GLU B 162 -8.34 -37.03 -11.09
C GLU B 162 -7.29 -36.44 -10.16
N GLY B 163 -6.06 -36.94 -10.28
CA GLY B 163 -4.94 -36.40 -9.54
C GLY B 163 -4.75 -36.96 -8.13
N VAL B 164 -5.79 -37.55 -7.54
CA VAL B 164 -5.70 -38.00 -6.16
C VAL B 164 -4.67 -39.12 -6.02
N GLN B 165 -4.65 -40.05 -6.98
CA GLN B 165 -3.73 -41.17 -6.87
C GLN B 165 -2.28 -40.73 -7.03
N ASP B 166 -2.02 -39.69 -7.81
CA ASP B 166 -0.68 -39.14 -7.90
C ASP B 166 -0.22 -38.59 -6.56
N GLY B 167 -1.06 -37.78 -5.91
CA GLY B 167 -0.75 -37.28 -4.58
C GLY B 167 -0.51 -38.39 -3.58
N MET B 168 -1.36 -39.44 -3.62
CA MET B 168 -1.17 -40.54 -2.69
C MET B 168 0.09 -41.34 -3.00
N ASN B 169 0.47 -41.43 -4.27
CA ASN B 169 1.74 -42.06 -4.62
C ASN B 169 2.91 -41.27 -4.05
N TRP B 170 2.88 -39.94 -4.18
CA TRP B 170 3.91 -39.12 -3.55
C TRP B 170 3.94 -39.33 -2.04
N VAL B 171 2.77 -39.35 -1.40
CA VAL B 171 2.73 -39.59 0.04
C VAL B 171 3.36 -40.92 0.39
N CYS B 172 3.06 -41.96 -0.39
CA CYS B 172 3.64 -43.28 -0.15
C CYS B 172 5.15 -43.26 -0.34
N LYS B 173 5.63 -42.50 -1.32
CA LYS B 173 7.06 -42.37 -1.54
C LYS B 173 7.77 -41.81 -0.32
N ASN B 174 7.15 -40.83 0.34
CA ASN B 174 7.82 -40.13 1.45
C ASN B 174 7.23 -40.46 2.81
N VAL B 175 6.86 -41.73 3.03
CA VAL B 175 6.48 -42.18 4.36
C VAL B 175 7.78 -42.48 5.09
N ASN B 176 7.72 -42.63 6.41
CA ASN B 176 8.91 -42.82 7.23
C ASN B 176 9.95 -41.73 6.95
N ALA B 177 9.48 -40.53 6.63
CA ALA B 177 10.36 -39.38 6.46
C ALA B 177 10.77 -38.77 7.79
N LYS B 178 10.60 -39.51 8.88
CA LYS B 178 11.34 -39.22 10.10
C LYS B 178 12.81 -39.57 9.96
N LYS B 179 13.19 -40.26 8.87
CA LYS B 179 14.58 -40.57 8.57
C LYS B 179 15.33 -39.39 7.98
N LYS B 180 14.71 -38.21 7.93
CA LYS B 180 15.38 -36.98 7.52
C LYS B 180 15.37 -36.01 8.70
N GLU B 181 16.03 -36.40 9.78
CA GLU B 181 16.06 -35.62 11.02
C GLU B 181 14.65 -35.36 11.54
N LEU C 1 18.72 -41.73 -33.36
CA LEU C 1 19.84 -40.79 -33.55
C LEU C 1 19.31 -39.40 -33.87
N LEU C 2 18.45 -39.33 -34.89
CA LEU C 2 17.85 -38.04 -35.26
C LEU C 2 16.88 -37.56 -34.19
N SER C 3 16.05 -38.47 -33.67
CA SER C 3 15.20 -38.12 -32.54
C SER C 3 16.04 -37.64 -31.36
N ILE C 4 17.20 -38.27 -31.15
CA ILE C 4 18.11 -37.85 -30.07
C ILE C 4 18.69 -36.47 -30.39
N LEU C 5 19.03 -36.22 -31.65
CA LEU C 5 19.52 -34.90 -32.03
C LEU C 5 18.50 -33.81 -31.75
N ARG C 6 17.26 -34.02 -32.16
CA ARG C 6 16.20 -33.06 -31.83
C ARG C 6 15.98 -32.93 -30.33
N LYS C 7 15.99 -34.06 -29.60
CA LYS C 7 15.79 -34.02 -28.16
C LYS C 7 16.88 -33.23 -27.46
N LEU C 8 18.08 -33.19 -28.03
CA LEU C 8 19.18 -32.45 -27.43
C LEU C 8 19.27 -30.99 -27.88
N LYS C 9 18.93 -30.69 -29.15
CA LYS C 9 19.01 -29.31 -29.64
C LYS C 9 17.85 -28.44 -29.18
N SER C 10 16.63 -28.89 -29.40
CA SER C 10 15.46 -28.09 -29.11
C SER C 10 15.12 -28.12 -27.62
N ALA C 11 15.19 -26.95 -26.98
CA ALA C 11 14.91 -26.77 -25.56
C ALA C 11 13.52 -27.29 -25.22
N PRO C 12 13.30 -27.66 -23.95
CA PRO C 12 11.96 -28.15 -23.54
C PRO C 12 10.87 -27.14 -23.85
N ASP C 13 9.69 -27.67 -24.20
CA ASP C 13 8.55 -26.81 -24.52
C ASP C 13 8.09 -26.05 -23.30
N GLN C 14 7.79 -24.77 -23.49
CA GLN C 14 7.45 -23.84 -22.41
C GLN C 14 6.89 -22.59 -23.06
N GLU C 15 6.46 -21.66 -22.20
CA GLU C 15 5.85 -20.41 -22.64
C GLU C 15 6.50 -19.28 -21.86
N VAL C 16 7.14 -18.37 -22.58
CA VAL C 16 7.86 -17.25 -21.99
C VAL C 16 6.98 -16.01 -22.03
N ARG C 17 6.78 -15.40 -20.88
CA ARG C 17 5.91 -14.24 -20.76
C ARG C 17 6.77 -13.03 -20.46
N ILE C 18 6.77 -12.07 -21.38
CA ILE C 18 7.49 -10.81 -21.24
C ILE C 18 6.44 -9.71 -21.17
N LEU C 19 6.56 -8.85 -20.17
CA LEU C 19 5.57 -7.82 -19.90
C LEU C 19 6.23 -6.46 -20.05
N LEU C 20 5.73 -5.66 -20.99
CA LEU C 20 6.25 -4.32 -21.25
C LEU C 20 5.41 -3.31 -20.49
N LEU C 21 6.02 -2.63 -19.53
CA LEU C 21 5.33 -1.62 -18.73
C LEU C 21 6.12 -0.32 -18.75
N GLY C 22 5.55 0.69 -18.10
CA GLY C 22 6.13 2.02 -18.08
C GLY C 22 5.09 3.08 -18.27
N LEU C 23 5.44 4.33 -18.00
CA LEU C 23 4.50 5.43 -18.15
C LEU C 23 4.05 5.56 -19.60
N ASP C 24 2.97 6.32 -19.79
CA ASP C 24 2.53 6.63 -21.14
C ASP C 24 3.62 7.42 -21.87
N ASN C 25 3.62 7.29 -23.20
CA ASN C 25 4.55 7.96 -24.09
C ASN C 25 6.00 7.49 -23.91
N ALA C 26 6.21 6.39 -23.19
CA ALA C 26 7.57 5.91 -22.96
C ALA C 26 8.15 5.25 -24.20
N GLY C 27 7.33 4.61 -25.03
CA GLY C 27 7.83 3.97 -26.23
C GLY C 27 7.59 2.48 -26.23
N LYS C 28 6.73 2.01 -25.32
CA LYS C 28 6.45 0.59 -25.20
C LYS C 28 5.94 0.01 -26.52
N THR C 29 4.92 0.64 -27.10
CA THR C 29 4.36 0.12 -28.35
C THR C 29 5.36 0.21 -29.50
N THR C 30 6.08 1.33 -29.60
CA THR C 30 7.13 1.45 -30.60
C THR C 30 8.18 0.36 -30.43
N LEU C 31 8.59 0.09 -29.19
CA LEU C 31 9.58 -0.95 -28.95
C LEU C 31 9.06 -2.32 -29.37
N LEU C 32 7.82 -2.64 -28.98
CA LEU C 32 7.25 -3.93 -29.32
C LEU C 32 7.13 -4.11 -30.83
N LYS C 33 6.63 -3.08 -31.52
CA LYS C 33 6.48 -3.17 -32.97
C LYS C 33 7.83 -3.23 -33.68
N GLN C 34 8.85 -2.55 -33.13
CA GLN C 34 10.20 -2.70 -33.63
C GLN C 34 10.68 -4.14 -33.51
N LEU C 35 10.49 -4.73 -32.32
CA LEU C 35 10.88 -6.12 -32.12
C LEU C 35 10.20 -7.05 -33.13
N ALA C 36 9.00 -6.72 -33.55
CA ALA C 36 8.25 -7.52 -34.52
C ALA C 36 8.39 -7.02 -35.94
N SER C 37 9.36 -6.13 -36.20
CA SER C 37 9.63 -5.63 -37.54
C SER C 37 8.36 -5.15 -38.23
N GLU C 38 7.58 -4.35 -37.50
CA GLU C 38 6.25 -3.94 -37.94
C GLU C 38 6.21 -2.43 -38.16
N ASP C 39 5.24 -2.02 -38.99
CA ASP C 39 4.93 -0.62 -39.25
C ASP C 39 4.80 0.16 -37.95
N ILE C 40 5.57 1.24 -37.83
CA ILE C 40 5.47 2.14 -36.69
C ILE C 40 5.20 3.56 -37.18
N SER C 41 4.56 3.70 -38.35
CA SER C 41 4.35 5.02 -38.93
C SER C 41 3.22 5.80 -38.25
N HIS C 42 2.29 5.12 -37.58
CA HIS C 42 1.11 5.76 -37.01
C HIS C 42 0.74 5.11 -35.68
N ILE C 43 1.67 5.14 -34.73
CA ILE C 43 1.41 4.58 -33.41
C ILE C 43 0.62 5.59 -32.59
N THR C 44 -0.44 5.13 -31.94
CA THR C 44 -1.27 5.92 -31.07
C THR C 44 -1.18 5.42 -29.63
N PRO C 45 -1.54 6.25 -28.65
CA PRO C 45 -1.55 5.78 -27.25
C PRO C 45 -2.40 4.52 -27.11
N THR C 46 -1.80 3.49 -26.51
CA THR C 46 -2.43 2.18 -26.41
C THR C 46 -3.47 2.22 -25.29
N GLN C 47 -4.74 2.12 -25.66
CA GLN C 47 -5.84 2.11 -24.71
C GLN C 47 -6.32 0.67 -24.50
N GLY C 48 -5.42 -0.12 -23.90
CA GLY C 48 -5.62 -1.55 -23.77
C GLY C 48 -4.31 -2.30 -23.82
N PHE C 49 -4.23 -3.38 -24.60
CA PHE C 49 -2.99 -4.14 -24.71
C PHE C 49 -2.73 -4.54 -26.14
N ASN C 50 -1.44 -4.69 -26.45
CA ASN C 50 -0.95 -5.22 -27.72
C ASN C 50 -0.13 -6.46 -27.42
N ILE C 51 -0.45 -7.57 -28.05
CA ILE C 51 0.22 -8.83 -27.80
C ILE C 51 1.00 -9.24 -29.03
N LYS C 52 2.20 -9.78 -28.81
CA LYS C 52 2.93 -10.53 -29.83
C LYS C 52 3.11 -11.95 -29.30
N SER C 53 2.43 -12.90 -29.92
CA SER C 53 2.50 -14.31 -29.54
C SER C 53 3.28 -15.02 -30.64
N VAL C 54 4.54 -15.35 -30.36
CA VAL C 54 5.44 -15.93 -31.35
C VAL C 54 5.60 -17.40 -31.02
N GLN C 55 5.16 -18.27 -31.93
CA GLN C 55 5.16 -19.70 -31.73
C GLN C 55 6.19 -20.41 -32.61
N SER C 56 6.75 -21.48 -32.08
CA SER C 56 7.56 -22.41 -32.87
C SER C 56 7.44 -23.78 -32.21
N GLN C 57 6.52 -24.60 -32.75
CA GLN C 57 6.40 -26.02 -32.39
C GLN C 57 6.32 -26.20 -30.88
N GLY C 58 5.36 -25.52 -30.27
CA GLY C 58 5.13 -25.66 -28.85
C GLY C 58 5.94 -24.75 -27.97
N PHE C 59 7.00 -24.12 -28.48
CA PHE C 59 7.68 -23.08 -27.72
C PHE C 59 7.02 -21.74 -28.04
N LYS C 60 6.51 -21.07 -27.02
CA LYS C 60 5.80 -19.81 -27.19
C LYS C 60 6.52 -18.70 -26.46
N LEU C 61 6.66 -17.56 -27.14
CA LEU C 61 7.18 -16.32 -26.56
C LEU C 61 6.07 -15.29 -26.67
N ASN C 62 5.47 -14.93 -25.53
CA ASN C 62 4.34 -14.00 -25.50
C ASN C 62 4.80 -12.70 -24.88
N VAL C 63 4.65 -11.60 -25.62
CA VAL C 63 5.08 -10.27 -25.17
C VAL C 63 3.85 -9.38 -25.09
N TRP C 64 3.67 -8.74 -23.93
CA TRP C 64 2.49 -7.94 -23.60
C TRP C 64 2.88 -6.48 -23.44
N ASP C 65 2.33 -5.62 -24.30
CA ASP C 65 2.47 -4.17 -24.16
C ASP C 65 1.15 -3.64 -23.63
N ILE C 66 1.14 -3.19 -22.38
CA ILE C 66 -0.05 -2.61 -21.77
C ILE C 66 0.04 -1.10 -21.87
N GLY C 67 -1.10 -0.46 -22.11
CA GLY C 67 -1.11 1.00 -22.11
C GLY C 67 -0.63 1.55 -20.77
N GLY C 68 -0.01 2.72 -20.83
CA GLY C 68 0.53 3.33 -19.62
C GLY C 68 -0.13 4.64 -19.29
N GLN C 69 -1.30 4.89 -19.89
CA GLN C 69 -2.07 6.07 -19.56
C GLN C 69 -2.52 6.03 -18.10
N ARG C 70 -2.77 7.22 -17.54
CA ARG C 70 -3.23 7.34 -16.17
C ARG C 70 -4.47 6.49 -15.89
N LYS C 71 -5.33 6.30 -16.89
CA LYS C 71 -6.57 5.56 -16.74
C LYS C 71 -6.42 4.07 -17.07
N ILE C 72 -5.19 3.58 -17.24
CA ILE C 72 -4.97 2.20 -17.64
C ILE C 72 -4.09 1.52 -16.61
N ARG C 73 -3.18 2.28 -16.00
CA ARG C 73 -2.32 1.75 -14.95
C ARG C 73 -3.04 0.97 -13.85
N PRO C 74 -4.20 1.40 -13.33
CA PRO C 74 -4.90 0.57 -12.33
C PRO C 74 -5.13 -0.87 -12.78
N TYR C 75 -5.24 -1.12 -14.08
CA TYR C 75 -5.50 -2.44 -14.61
C TYR C 75 -4.23 -3.27 -14.80
N TRP C 76 -3.05 -2.67 -14.65
CA TRP C 76 -1.80 -3.41 -14.80
C TRP C 76 -1.78 -4.69 -13.96
N ARG C 77 -2.23 -4.62 -12.70
CA ARG C 77 -2.20 -5.79 -11.83
C ARG C 77 -2.97 -6.97 -12.42
N SER C 78 -3.87 -6.74 -13.38
CA SER C 78 -4.63 -7.83 -13.97
C SER C 78 -3.78 -8.67 -14.91
N TYR C 79 -2.62 -8.17 -15.35
CA TYR C 79 -1.79 -8.83 -16.35
C TYR C 79 -0.45 -9.28 -15.78
N PHE C 80 -0.37 -9.50 -14.47
CA PHE C 80 0.89 -9.82 -13.82
C PHE C 80 1.19 -11.32 -13.78
N GLU C 81 0.17 -12.15 -13.59
CA GLU C 81 0.40 -13.57 -13.30
C GLU C 81 1.19 -14.25 -14.41
N ASN C 82 2.22 -14.99 -14.00
CA ASN C 82 3.07 -15.85 -14.83
C ASN C 82 4.11 -15.07 -15.64
N THR C 83 4.29 -13.78 -15.38
CA THR C 83 5.30 -13.01 -16.07
C THR C 83 6.69 -13.57 -15.80
N ASP C 84 7.47 -13.78 -16.86
CA ASP C 84 8.83 -14.29 -16.74
C ASP C 84 9.88 -13.19 -16.79
N ILE C 85 9.68 -12.17 -17.63
CA ILE C 85 10.54 -10.98 -17.61
C ILE C 85 9.67 -9.74 -17.62
N LEU C 86 10.04 -8.75 -16.81
CA LEU C 86 9.44 -7.43 -16.88
C LEU C 86 10.42 -6.49 -17.59
N ILE C 87 9.97 -5.87 -18.68
CA ILE C 87 10.72 -4.82 -19.37
C ILE C 87 10.00 -3.51 -19.07
N TYR C 88 10.69 -2.61 -18.39
CA TYR C 88 10.16 -1.32 -18.00
C TYR C 88 10.83 -0.25 -18.84
N VAL C 89 10.02 0.56 -19.53
CA VAL C 89 10.52 1.54 -20.49
C VAL C 89 10.42 2.93 -19.87
N ILE C 90 11.48 3.71 -19.99
CA ILE C 90 11.54 5.06 -19.45
C ILE C 90 11.94 6.02 -20.56
N ASP C 91 11.14 7.07 -20.75
CA ASP C 91 11.51 8.18 -21.65
C ASP C 91 12.70 8.90 -21.03
N SER C 92 13.90 8.68 -21.59
CA SER C 92 15.10 9.26 -21.01
C SER C 92 15.16 10.77 -21.15
N ALA C 93 14.38 11.34 -22.07
CA ALA C 93 14.38 12.78 -22.28
C ALA C 93 13.34 13.51 -21.44
N ASP C 94 12.31 12.82 -20.96
CA ASP C 94 11.26 13.45 -20.16
C ASP C 94 11.70 13.39 -18.70
N ARG C 95 12.44 14.43 -18.28
CA ARG C 95 12.94 14.48 -16.91
C ARG C 95 11.85 14.85 -15.92
N LYS C 96 10.89 15.68 -16.35
CA LYS C 96 9.73 16.00 -15.53
C LYS C 96 9.10 14.76 -14.93
N ARG C 97 9.21 13.62 -15.62
CA ARG C 97 8.53 12.40 -15.23
C ARG C 97 9.48 11.39 -14.62
N PHE C 98 10.79 11.67 -14.60
N PHE C 98 10.78 11.69 -14.56
CA PHE C 98 11.75 10.79 -13.95
CA PHE C 98 11.75 10.78 -13.97
C PHE C 98 11.31 10.39 -12.56
C PHE C 98 11.37 10.41 -12.54
N GLU C 99 10.79 11.35 -11.80
CA GLU C 99 10.29 11.06 -10.47
C GLU C 99 9.06 10.16 -10.55
N GLU C 100 8.08 10.55 -11.37
CA GLU C 100 6.83 9.77 -11.47
C GLU C 100 7.13 8.33 -11.84
N THR C 101 7.84 8.12 -12.96
CA THR C 101 8.18 6.77 -13.36
C THR C 101 9.02 6.08 -12.28
N GLY C 102 9.89 6.85 -11.61
CA GLY C 102 10.69 6.29 -10.54
C GLY C 102 9.84 5.69 -9.45
N GLN C 103 8.71 6.32 -9.15
CA GLN C 103 7.79 5.76 -8.17
C GLN C 103 7.05 4.56 -8.74
N GLU C 104 6.63 4.64 -10.01
CA GLU C 104 5.85 3.54 -10.59
C GLU C 104 6.68 2.26 -10.58
N LEU C 105 7.92 2.35 -11.06
CA LEU C 105 8.81 1.20 -10.98
C LEU C 105 8.95 0.71 -9.53
N THR C 106 9.06 1.65 -8.59
CA THR C 106 9.15 1.26 -7.18
C THR C 106 7.92 0.47 -6.76
N GLU C 107 6.73 0.91 -7.19
CA GLU C 107 5.54 0.12 -6.85
C GLU C 107 5.55 -1.23 -7.56
N LEU C 108 6.11 -1.30 -8.77
CA LEU C 108 6.12 -2.58 -9.48
C LEU C 108 6.97 -3.61 -8.75
N LEU C 109 8.11 -3.18 -8.22
CA LEU C 109 9.05 -4.09 -7.58
C LEU C 109 8.62 -4.45 -6.16
N GLU C 110 7.53 -3.87 -5.66
CA GLU C 110 6.92 -4.28 -4.41
C GLU C 110 5.74 -5.22 -4.61
N GLU C 111 5.17 -5.25 -5.81
CA GLU C 111 4.08 -6.16 -6.14
C GLU C 111 4.47 -7.62 -5.90
N GLU C 112 3.62 -8.34 -5.17
CA GLU C 112 3.87 -9.75 -4.87
C GLU C 112 3.78 -10.60 -6.14
N LYS C 113 2.86 -10.27 -7.04
CA LYS C 113 2.70 -11.02 -8.28
C LYS C 113 3.91 -10.93 -9.20
N LEU C 114 4.82 -9.99 -8.97
CA LEU C 114 5.97 -9.78 -9.83
C LEU C 114 7.30 -10.02 -9.11
N SER C 115 7.27 -10.73 -7.97
CA SER C 115 8.47 -10.93 -7.18
C SER C 115 9.45 -11.86 -7.89
N CYS C 116 10.73 -11.49 -7.85
CA CYS C 116 11.88 -12.21 -8.37
C CYS C 116 11.96 -12.16 -9.89
N VAL C 117 10.97 -11.62 -10.58
CA VAL C 117 10.98 -11.51 -12.03
C VAL C 117 12.10 -10.56 -12.45
N PRO C 118 13.03 -10.97 -13.30
CA PRO C 118 14.08 -10.04 -13.76
C PRO C 118 13.48 -8.86 -14.52
N VAL C 119 14.01 -7.68 -14.24
CA VAL C 119 13.50 -6.43 -14.79
C VAL C 119 14.59 -5.76 -15.60
N LEU C 120 14.35 -5.63 -16.90
CA LEU C 120 15.20 -4.84 -17.79
C LEU C 120 14.63 -3.44 -17.91
N ILE C 121 15.44 -2.44 -17.58
CA ILE C 121 15.03 -1.04 -17.69
C ILE C 121 15.59 -0.49 -18.98
N PHE C 122 14.72 -0.27 -19.97
CA PHE C 122 15.10 0.39 -21.21
C PHE C 122 15.05 1.89 -21.01
N ALA C 123 16.22 2.54 -20.98
CA ALA C 123 16.30 3.99 -21.00
C ALA C 123 16.15 4.42 -22.46
N ASN C 124 14.90 4.48 -22.88
CA ASN C 124 14.54 4.63 -24.29
C ASN C 124 14.74 6.07 -24.74
N LYS C 125 14.75 6.26 -26.07
CA LYS C 125 14.81 7.57 -26.72
C LYS C 125 16.19 8.22 -26.61
N GLN C 126 17.25 7.41 -26.57
CA GLN C 126 18.62 7.92 -26.46
C GLN C 126 19.10 8.68 -27.69
N ASP C 127 18.30 8.75 -28.76
CA ASP C 127 18.62 9.46 -29.99
C ASP C 127 18.28 10.96 -29.97
N LEU C 128 17.72 11.49 -28.88
CA LEU C 128 17.16 12.84 -28.89
C LEU C 128 18.07 13.96 -28.43
N LEU C 129 19.28 13.67 -27.95
CA LEU C 129 20.22 14.67 -27.45
C LEU C 129 19.81 15.14 -26.06
N THR C 130 18.51 15.38 -25.86
CA THR C 130 18.03 15.74 -24.53
C THR C 130 17.89 14.52 -23.63
N ALA C 131 18.07 13.32 -24.17
CA ALA C 131 17.94 12.09 -23.40
C ALA C 131 19.06 11.98 -22.38
N ALA C 132 18.70 11.91 -21.10
CA ALA C 132 19.70 11.66 -20.08
C ALA C 132 20.34 10.29 -20.32
N PRO C 133 21.65 10.15 -20.10
CA PRO C 133 22.30 8.86 -20.29
C PRO C 133 21.78 7.82 -19.31
N ALA C 134 21.98 6.54 -19.67
CA ALA C 134 21.41 5.45 -18.88
C ALA C 134 22.03 5.37 -17.49
N SER C 135 23.35 5.60 -17.39
CA SER C 135 24.00 5.58 -16.08
C SER C 135 23.43 6.65 -15.17
N GLU C 136 23.17 7.83 -15.72
CA GLU C 136 22.61 8.93 -14.93
C GLU C 136 21.22 8.57 -14.40
N ILE C 137 20.40 7.92 -15.23
CA ILE C 137 19.06 7.51 -14.80
C ILE C 137 19.16 6.46 -13.70
N ALA C 138 20.03 5.46 -13.89
CA ALA C 138 20.20 4.41 -12.89
C ALA C 138 20.72 4.98 -11.58
N GLU C 139 21.60 5.98 -11.66
CA GLU C 139 22.04 6.71 -10.48
C GLU C 139 20.85 7.35 -9.76
N GLY C 140 20.12 8.22 -10.47
CA GLY C 140 18.99 8.90 -9.86
C GLY C 140 17.99 7.95 -9.23
N LEU C 141 17.79 6.78 -9.84
CA LEU C 141 16.78 5.84 -9.35
C LEU C 141 17.27 4.96 -8.20
N ASN C 142 18.57 4.92 -7.90
CA ASN C 142 19.13 4.02 -6.90
C ASN C 142 18.86 2.56 -7.26
N LEU C 143 19.05 2.22 -8.54
CA LEU C 143 18.78 0.86 -8.99
C LEU C 143 19.66 -0.19 -8.30
N HIS C 144 20.77 0.23 -7.68
CA HIS C 144 21.63 -0.73 -6.99
C HIS C 144 21.04 -1.21 -5.67
N THR C 145 20.00 -0.54 -5.18
CA THR C 145 19.31 -0.95 -3.96
C THR C 145 18.36 -2.11 -4.18
N ILE C 146 18.22 -2.58 -5.43
CA ILE C 146 17.39 -3.74 -5.73
C ILE C 146 18.00 -4.95 -5.03
N ARG C 147 17.19 -5.63 -4.21
CA ARG C 147 17.71 -6.64 -3.31
C ARG C 147 17.22 -8.07 -3.58
N ASP C 148 16.23 -8.28 -4.44
CA ASP C 148 15.63 -9.59 -4.54
C ASP C 148 15.46 -10.06 -5.98
N ARG C 149 16.27 -9.57 -6.91
CA ARG C 149 16.14 -9.98 -8.30
C ARG C 149 17.30 -9.42 -9.11
N VAL C 150 17.52 -10.02 -10.27
CA VAL C 150 18.50 -9.53 -11.23
C VAL C 150 17.86 -8.46 -12.08
N TRP C 151 18.48 -7.29 -12.14
CA TRP C 151 18.02 -6.17 -12.93
C TRP C 151 19.13 -5.73 -13.88
N GLN C 152 18.76 -4.87 -14.84
CA GLN C 152 19.72 -4.35 -15.79
C GLN C 152 19.11 -3.13 -16.47
N ILE C 153 19.91 -2.08 -16.64
CA ILE C 153 19.50 -0.92 -17.41
C ILE C 153 20.22 -0.98 -18.76
N GLN C 154 19.59 -0.41 -19.78
CA GLN C 154 20.13 -0.48 -21.13
C GLN C 154 19.71 0.75 -21.92
N SER C 155 20.69 1.54 -22.33
CA SER C 155 20.45 2.59 -23.31
C SER C 155 19.86 1.98 -24.57
N CYS C 156 18.83 2.61 -25.12
CA CYS C 156 18.22 2.11 -26.33
C CYS C 156 17.47 3.23 -27.04
N SER C 157 17.17 2.99 -28.31
CA SER C 157 16.30 3.85 -29.10
C SER C 157 15.34 2.94 -29.86
N ALA C 158 14.09 2.89 -29.41
CA ALA C 158 13.08 2.09 -30.10
C ALA C 158 12.89 2.56 -31.54
N LEU C 159 13.16 3.85 -31.82
CA LEU C 159 12.99 4.38 -33.16
C LEU C 159 14.05 3.82 -34.11
N THR C 160 15.33 3.96 -33.74
CA THR C 160 16.41 3.51 -34.62
C THR C 160 16.67 2.01 -34.47
N GLY C 161 16.54 1.48 -33.27
CA GLY C 161 16.90 0.11 -32.97
C GLY C 161 18.17 -0.01 -32.17
N GLU C 162 18.94 1.08 -32.04
CA GLU C 162 20.17 1.11 -31.26
C GLU C 162 19.94 0.58 -29.85
N GLY C 163 20.74 -0.42 -29.46
CA GLY C 163 20.76 -0.89 -28.10
C GLY C 163 19.72 -1.93 -27.74
N VAL C 164 18.68 -2.08 -28.56
CA VAL C 164 17.57 -2.96 -28.20
C VAL C 164 18.04 -4.41 -28.09
N GLN C 165 18.91 -4.84 -29.01
CA GLN C 165 19.37 -6.22 -28.97
C GLN C 165 20.26 -6.49 -27.77
N ASP C 166 20.99 -5.49 -27.27
CA ASP C 166 21.75 -5.69 -26.04
C ASP C 166 20.81 -6.04 -24.87
N GLY C 167 19.77 -5.23 -24.69
CA GLY C 167 18.79 -5.52 -23.66
C GLY C 167 18.11 -6.86 -23.86
N MET C 168 17.76 -7.19 -25.10
CA MET C 168 17.11 -8.47 -25.35
C MET C 168 18.05 -9.65 -25.11
N ASN C 169 19.34 -9.47 -25.38
CA ASN C 169 20.32 -10.50 -25.06
C ASN C 169 20.37 -10.73 -23.55
N TRP C 170 20.38 -9.63 -22.79
CA TRP C 170 20.30 -9.76 -21.34
C TRP C 170 19.04 -10.52 -20.93
N VAL C 171 17.89 -10.16 -21.51
CA VAL C 171 16.65 -10.84 -21.21
C VAL C 171 16.79 -12.34 -21.49
N CYS C 172 17.41 -12.68 -22.62
CA CYS C 172 17.61 -14.08 -22.99
C CYS C 172 18.49 -14.82 -21.99
N LYS C 173 19.47 -14.15 -21.39
CA LYS C 173 20.35 -14.84 -20.45
C LYS C 173 19.58 -15.45 -19.27
N ASN C 174 18.72 -14.66 -18.63
CA ASN C 174 18.01 -15.05 -17.39
C ASN C 174 16.51 -15.09 -17.64
N VAL C 175 16.05 -16.00 -18.49
CA VAL C 175 14.61 -16.17 -18.75
C VAL C 175 13.94 -17.12 -17.75
N ASN C 176 14.55 -17.36 -16.60
CA ASN C 176 14.04 -18.38 -15.71
C ASN C 176 13.89 -17.88 -14.28
N ALA C 177 12.67 -17.96 -13.76
CA ALA C 177 12.38 -17.88 -12.33
C ALA C 177 12.03 -19.29 -11.88
N LYS C 178 12.95 -19.94 -11.14
CA LYS C 178 12.76 -21.33 -10.75
C LYS C 178 12.10 -21.39 -9.37
N LYS C 179 10.79 -21.13 -9.37
CA LYS C 179 9.97 -21.41 -8.20
C LYS C 179 9.63 -22.89 -8.06
N LYS C 180 10.10 -23.73 -8.97
CA LYS C 180 9.88 -25.18 -8.93
C LYS C 180 11.07 -25.90 -8.30
N GLU C 181 11.67 -25.30 -7.28
CA GLU C 181 12.86 -25.82 -6.64
C GLU C 181 12.54 -26.16 -5.19
N HIS C 182 12.99 -27.34 -4.77
CA HIS C 182 12.77 -27.86 -3.43
C HIS C 182 14.06 -27.74 -2.63
N HIS C 183 14.03 -26.92 -1.57
CA HIS C 183 15.19 -26.73 -0.71
C HIS C 183 15.32 -27.87 0.30
N SER D 3 -25.62 28.93 49.98
CA SER D 3 -26.96 28.62 50.47
C SER D 3 -27.85 28.17 49.32
N ILE D 4 -27.74 28.83 48.18
CA ILE D 4 -28.37 28.36 46.95
C ILE D 4 -27.32 27.57 46.18
N LEU D 5 -26.04 27.92 46.40
CA LEU D 5 -24.95 27.05 46.00
C LEU D 5 -24.97 25.76 46.80
N ARG D 6 -25.20 25.86 48.11
CA ARG D 6 -25.31 24.67 48.94
C ARG D 6 -26.51 23.82 48.55
N LYS D 7 -27.51 24.42 47.90
CA LYS D 7 -28.66 23.64 47.43
C LYS D 7 -28.31 22.86 46.17
N LEU D 8 -27.35 23.35 45.38
CA LEU D 8 -26.94 22.68 44.15
C LEU D 8 -25.91 21.60 44.48
N LYS D 9 -26.40 20.50 45.08
CA LYS D 9 -25.51 19.41 45.47
C LYS D 9 -26.24 18.07 45.35
N SER D 10 -25.73 17.19 44.48
CA SER D 10 -26.27 15.87 44.19
C SER D 10 -25.15 14.83 44.20
N ALA D 11 -25.52 13.56 43.93
CA ALA D 11 -24.67 12.40 43.70
C ALA D 11 -24.05 11.75 44.94
N PRO D 12 -24.05 10.40 45.01
CA PRO D 12 -23.44 9.68 46.13
C PRO D 12 -22.05 9.08 45.89
N ASP D 13 -21.49 8.47 46.94
CA ASP D 13 -20.19 7.80 46.89
C ASP D 13 -20.26 6.49 46.12
N GLN D 14 -19.30 6.27 45.20
CA GLN D 14 -19.29 5.08 44.36
C GLN D 14 -17.88 4.51 44.28
N GLU D 15 -17.79 3.26 43.82
CA GLU D 15 -16.50 2.58 43.64
C GLU D 15 -16.62 1.55 42.54
N VAL D 16 -15.96 1.80 41.41
CA VAL D 16 -15.99 0.91 40.25
C VAL D 16 -14.68 0.12 40.21
N ARG D 17 -14.79 -1.21 40.19
CA ARG D 17 -13.62 -2.09 40.20
C ARG D 17 -13.51 -2.80 38.86
N ILE D 18 -12.36 -2.62 38.21
CA ILE D 18 -12.07 -3.24 36.91
C ILE D 18 -10.89 -4.18 37.08
N LEU D 19 -11.01 -5.38 36.51
CA LEU D 19 -10.01 -6.44 36.62
C LEU D 19 -9.43 -6.74 35.24
N LEU D 20 -8.12 -6.58 35.10
CA LEU D 20 -7.40 -6.83 33.85
C LEU D 20 -6.74 -8.20 33.93
N LEU D 21 -7.22 -9.12 33.08
CA LEU D 21 -6.73 -10.49 33.00
C LEU D 21 -6.40 -10.85 31.56
N GLY D 22 -5.82 -12.03 31.41
CA GLY D 22 -5.34 -12.54 30.13
C GLY D 22 -4.03 -13.27 30.32
N LEU D 23 -3.69 -14.09 29.32
CA LEU D 23 -2.45 -14.85 29.34
C LEU D 23 -1.24 -13.93 29.47
N ASP D 24 -0.11 -14.51 29.83
CA ASP D 24 1.13 -13.75 29.87
C ASP D 24 1.48 -13.24 28.48
N ASN D 25 2.20 -12.11 28.45
CA ASN D 25 2.65 -11.43 27.24
C ASN D 25 1.50 -10.87 26.42
N ALA D 26 0.28 -10.85 26.97
CA ALA D 26 -0.87 -10.35 26.21
C ALA D 26 -0.89 -8.83 26.11
N GLY D 27 -0.36 -8.13 27.10
CA GLY D 27 -0.34 -6.67 27.06
C GLY D 27 -1.16 -6.00 28.13
N LYS D 28 -1.53 -6.74 29.18
CA LYS D 28 -2.32 -6.17 30.27
C LYS D 28 -1.62 -4.97 30.90
N THR D 29 -0.36 -5.13 31.29
CA THR D 29 0.38 -4.03 31.93
C THR D 29 0.53 -2.85 30.99
N THR D 30 0.87 -3.11 29.72
CA THR D 30 1.00 -2.03 28.76
C THR D 30 -0.32 -1.27 28.61
N LEU D 31 -1.44 -1.99 28.56
CA LEU D 31 -2.73 -1.35 28.44
C LEU D 31 -3.05 -0.49 29.66
N LEU D 32 -2.83 -1.04 30.85
CA LEU D 32 -3.09 -0.29 32.07
C LEU D 32 -2.26 0.98 32.14
N LYS D 33 -0.96 0.87 31.81
CA LYS D 33 -0.09 2.03 31.87
C LYS D 33 -0.44 3.04 30.78
N GLN D 34 -0.92 2.57 29.63
CA GLN D 34 -1.45 3.47 28.61
C GLN D 34 -2.64 4.26 29.15
N LEU D 35 -3.59 3.57 29.78
CA LEU D 35 -4.73 4.25 30.39
C LEU D 35 -4.28 5.29 31.41
N ALA D 36 -3.18 5.02 32.12
CA ALA D 36 -2.67 5.93 33.14
C ALA D 36 -1.60 6.87 32.63
N SER D 37 -1.44 6.96 31.30
CA SER D 37 -0.48 7.88 30.67
C SER D 37 0.91 7.75 31.30
N GLU D 38 1.36 6.51 31.48
CA GLU D 38 2.60 6.21 32.17
C GLU D 38 3.63 5.61 31.21
N ASP D 39 4.89 5.77 31.60
CA ASP D 39 6.02 5.17 30.90
C ASP D 39 5.79 3.70 30.60
N ILE D 40 5.97 3.32 29.34
CA ILE D 40 5.93 1.91 28.93
C ILE D 40 7.22 1.54 28.22
N SER D 41 8.32 2.24 28.55
CA SER D 41 9.58 2.01 27.85
C SER D 41 10.28 0.74 28.31
N HIS D 42 10.03 0.28 29.54
CA HIS D 42 10.76 -0.84 30.10
C HIS D 42 9.83 -1.69 30.98
N ILE D 43 8.79 -2.23 30.36
CA ILE D 43 7.83 -3.08 31.06
C ILE D 43 8.38 -4.50 31.13
N THR D 44 8.25 -5.13 32.30
CA THR D 44 8.67 -6.49 32.57
C THR D 44 7.45 -7.38 32.84
N PRO D 45 7.59 -8.70 32.72
CA PRO D 45 6.51 -9.60 33.12
C PRO D 45 6.08 -9.35 34.55
N THR D 46 4.77 -9.12 34.74
CA THR D 46 4.24 -8.73 36.04
C THR D 46 4.18 -9.96 36.95
N GLN D 47 5.02 -9.96 37.97
CA GLN D 47 5.05 -11.06 38.94
C GLN D 47 4.30 -10.62 40.20
N GLY D 48 2.99 -10.43 40.03
CA GLY D 48 2.15 -9.88 41.07
C GLY D 48 0.98 -9.09 40.51
N PHE D 49 0.74 -7.89 41.03
CA PHE D 49 -0.35 -7.05 40.56
C PHE D 49 0.10 -5.59 40.45
N ASN D 50 -0.55 -4.86 39.54
CA ASN D 50 -0.39 -3.42 39.41
C ASN D 50 -1.75 -2.76 39.59
N ILE D 51 -1.82 -1.78 40.50
CA ILE D 51 -3.09 -1.12 40.81
C ILE D 51 -3.03 0.34 40.34
N LYS D 52 -4.14 0.81 39.78
CA LYS D 52 -4.39 2.23 39.59
C LYS D 52 -5.64 2.59 40.38
N SER D 53 -5.49 3.39 41.42
CA SER D 53 -6.60 3.85 42.26
C SER D 53 -6.80 5.34 41.97
N VAL D 54 -7.83 5.66 41.21
CA VAL D 54 -8.12 7.02 40.77
C VAL D 54 -9.30 7.53 41.57
N GLN D 55 -9.08 8.55 42.40
CA GLN D 55 -10.09 9.07 43.30
C GLN D 55 -10.55 10.45 42.81
N SER D 56 -11.85 10.70 42.96
CA SER D 56 -12.38 12.02 42.65
C SER D 56 -13.54 12.28 43.62
N GLN D 57 -13.23 12.96 44.72
CA GLN D 57 -14.22 13.52 45.64
C GLN D 57 -15.33 12.52 46.01
N GLY D 58 -14.93 11.27 46.25
CA GLY D 58 -15.80 10.22 46.72
C GLY D 58 -16.14 9.18 45.69
N PHE D 59 -15.96 9.46 44.40
CA PHE D 59 -16.04 8.43 43.36
C PHE D 59 -14.66 7.82 43.18
N LYS D 60 -14.55 6.51 43.37
CA LYS D 60 -13.27 5.83 43.23
C LYS D 60 -13.34 4.83 42.09
N LEU D 61 -12.26 4.78 41.29
CA LEU D 61 -12.11 3.81 40.21
C LEU D 61 -10.82 3.05 40.42
N ASN D 62 -10.93 1.76 40.72
CA ASN D 62 -9.76 0.92 41.00
C ASN D 62 -9.59 -0.09 39.86
N VAL D 63 -8.42 -0.08 39.24
CA VAL D 63 -8.11 -0.97 38.12
C VAL D 63 -6.95 -1.87 38.55
N TRP D 64 -7.16 -3.19 38.44
CA TRP D 64 -6.23 -4.20 38.92
C TRP D 64 -5.71 -4.98 37.73
N ASP D 65 -4.43 -4.81 37.41
CA ASP D 65 -3.77 -5.58 36.36
C ASP D 65 -3.07 -6.75 37.03
N ILE D 66 -3.54 -7.98 36.78
CA ILE D 66 -2.93 -9.16 37.38
C ILE D 66 -1.98 -9.81 36.39
N GLY D 67 -0.84 -10.28 36.89
CA GLY D 67 0.08 -11.01 36.05
C GLY D 67 -0.58 -12.23 35.42
N GLY D 68 -0.09 -12.60 34.25
CA GLY D 68 -0.67 -13.74 33.54
C GLY D 68 0.32 -14.86 33.26
N GLN D 69 1.43 -14.88 34.00
CA GLN D 69 2.41 -15.94 33.83
C GLN D 69 1.80 -17.28 34.24
N ARG D 70 2.32 -18.35 33.63
CA ARG D 70 1.86 -19.71 33.94
C ARG D 70 1.90 -19.98 35.44
N LYS D 71 2.83 -19.35 36.15
CA LYS D 71 3.00 -19.52 37.60
C LYS D 71 2.28 -18.45 38.42
N ILE D 72 1.28 -17.79 37.84
CA ILE D 72 0.62 -16.67 38.52
C ILE D 72 -0.89 -16.85 38.47
N ARG D 73 -1.38 -17.48 37.39
CA ARG D 73 -2.81 -17.71 37.24
C ARG D 73 -3.48 -18.36 38.45
N PRO D 74 -2.88 -19.33 39.17
CA PRO D 74 -3.55 -19.88 40.37
C PRO D 74 -4.06 -18.83 41.34
N TYR D 75 -3.44 -17.66 41.40
CA TYR D 75 -3.83 -16.63 42.36
C TYR D 75 -4.92 -15.69 41.85
N TRP D 76 -5.31 -15.81 40.58
CA TRP D 76 -6.36 -14.94 40.03
C TRP D 76 -7.60 -14.93 40.91
N ARG D 77 -8.02 -16.11 41.40
CA ARG D 77 -9.22 -16.21 42.22
C ARG D 77 -9.17 -15.33 43.46
N SER D 78 -7.97 -15.00 43.95
CA SER D 78 -7.87 -14.16 45.13
C SER D 78 -8.32 -12.73 44.86
N TYR D 79 -8.41 -12.32 43.60
CA TYR D 79 -8.72 -10.95 43.23
C TYR D 79 -10.07 -10.85 42.51
N PHE D 80 -10.95 -11.84 42.68
CA PHE D 80 -12.21 -11.85 41.95
C PHE D 80 -13.28 -11.02 42.64
N GLU D 81 -13.28 -10.99 43.97
CA GLU D 81 -14.39 -10.42 44.72
C GLU D 81 -14.63 -8.96 44.38
N ASN D 82 -15.89 -8.62 44.10
CA ASN D 82 -16.42 -7.26 43.94
C ASN D 82 -16.07 -6.65 42.59
N THR D 83 -15.53 -7.43 41.65
CA THR D 83 -15.22 -6.91 40.33
C THR D 83 -16.47 -6.41 39.64
N ASP D 84 -16.40 -5.20 39.09
CA ASP D 84 -17.51 -4.60 38.37
C ASP D 84 -17.40 -4.77 36.87
N ILE D 85 -16.19 -4.67 36.32
CA ILE D 85 -15.95 -4.97 34.91
C ILE D 85 -14.71 -5.84 34.80
N LEU D 86 -14.79 -6.88 33.96
CA LEU D 86 -13.63 -7.68 33.60
C LEU D 86 -13.17 -7.28 32.21
N ILE D 87 -11.90 -6.91 32.08
CA ILE D 87 -11.26 -6.69 30.79
C ILE D 87 -10.29 -7.85 30.56
N TYR D 88 -10.55 -8.62 29.51
CA TYR D 88 -9.74 -9.77 29.13
C TYR D 88 -9.00 -9.42 27.86
N VAL D 89 -7.67 -9.52 27.89
CA VAL D 89 -6.82 -9.06 26.80
C VAL D 89 -6.25 -10.28 26.09
N ILE D 90 -6.30 -10.28 24.75
CA ILE D 90 -5.81 -11.37 23.93
C ILE D 90 -4.77 -10.82 22.95
N ASP D 91 -3.60 -11.45 22.93
CA ASP D 91 -2.55 -11.19 21.93
C ASP D 91 -3.07 -11.65 20.56
N SER D 92 -3.49 -10.69 19.74
CA SER D 92 -4.14 -11.04 18.47
C SER D 92 -3.16 -11.64 17.46
N ALA D 93 -1.85 -11.41 17.63
CA ALA D 93 -0.87 -11.95 16.70
C ALA D 93 -0.35 -13.32 17.13
N ASP D 94 -0.49 -13.67 18.41
CA ASP D 94 -0.05 -14.96 18.92
C ASP D 94 -1.20 -15.94 18.73
N ARG D 95 -1.25 -16.55 17.55
CA ARG D 95 -2.32 -17.48 17.24
C ARG D 95 -2.15 -18.84 17.91
N LYS D 96 -0.89 -19.27 18.13
CA LYS D 96 -0.62 -20.52 18.82
C LYS D 96 -1.40 -20.63 20.12
N ARG D 97 -1.76 -19.50 20.72
CA ARG D 97 -2.38 -19.45 22.04
C ARG D 97 -3.88 -19.17 21.97
N PHE D 98 -4.44 -18.99 20.77
CA PHE D 98 -5.87 -18.75 20.63
C PHE D 98 -6.69 -19.79 21.39
N GLU D 99 -6.33 -21.06 21.25
CA GLU D 99 -7.00 -22.10 22.02
C GLU D 99 -6.78 -21.91 23.51
N GLU D 100 -5.51 -21.74 23.93
CA GLU D 100 -5.20 -21.64 25.35
C GLU D 100 -5.98 -20.51 26.01
N THR D 101 -5.82 -19.29 25.52
CA THR D 101 -6.61 -18.21 26.09
C THR D 101 -8.10 -18.49 25.95
N GLY D 102 -8.48 -19.16 24.86
CA GLY D 102 -9.89 -19.50 24.66
C GLY D 102 -10.46 -20.33 25.79
N GLN D 103 -9.66 -21.25 26.35
CA GLN D 103 -10.19 -21.99 27.50
C GLN D 103 -10.20 -21.11 28.75
N GLU D 104 -9.15 -20.30 28.94
CA GLU D 104 -9.05 -19.51 30.16
C GLU D 104 -10.24 -18.59 30.33
N LEU D 105 -10.57 -17.82 29.28
CA LEU D 105 -11.76 -16.97 29.34
C LEU D 105 -13.00 -17.80 29.62
N THR D 106 -13.12 -18.95 28.93
CA THR D 106 -14.27 -19.82 29.18
C THR D 106 -14.29 -20.27 30.63
N GLU D 107 -13.11 -20.54 31.20
CA GLU D 107 -13.02 -20.88 32.61
C GLU D 107 -13.46 -19.71 33.49
N LEU D 108 -13.08 -18.49 33.11
CA LEU D 108 -13.41 -17.33 33.93
C LEU D 108 -14.91 -17.09 33.99
N LEU D 109 -15.60 -17.32 32.88
CA LEU D 109 -17.04 -17.04 32.83
C LEU D 109 -17.87 -18.13 33.48
N GLU D 110 -17.23 -19.21 33.94
CA GLU D 110 -17.87 -20.20 34.79
C GLU D 110 -17.59 -19.98 36.26
N GLU D 111 -16.50 -19.27 36.59
CA GLU D 111 -16.19 -18.93 37.97
C GLU D 111 -17.36 -18.20 38.61
N GLU D 112 -17.79 -18.70 39.77
CA GLU D 112 -18.94 -18.12 40.44
C GLU D 112 -18.64 -16.71 40.95
N LYS D 113 -17.39 -16.46 41.35
CA LYS D 113 -17.00 -15.16 41.90
C LYS D 113 -17.13 -14.04 40.87
N LEU D 114 -17.24 -14.38 39.58
CA LEU D 114 -17.25 -13.39 38.50
C LEU D 114 -18.56 -13.42 37.71
N SER D 115 -19.62 -13.97 38.29
CA SER D 115 -20.88 -14.09 37.59
C SER D 115 -21.52 -12.72 37.37
N CYS D 116 -22.08 -12.53 36.18
CA CYS D 116 -22.82 -11.36 35.72
C CYS D 116 -21.89 -10.19 35.38
N VAL D 117 -20.59 -10.29 35.65
CA VAL D 117 -19.67 -9.18 35.37
C VAL D 117 -19.56 -8.97 33.88
N PRO D 118 -19.79 -7.76 33.36
CA PRO D 118 -19.56 -7.51 31.93
C PRO D 118 -18.08 -7.68 31.59
N VAL D 119 -17.82 -8.29 30.44
CA VAL D 119 -16.46 -8.62 30.01
C VAL D 119 -16.18 -7.95 28.68
N LEU D 120 -15.19 -7.06 28.67
CA LEU D 120 -14.68 -6.47 27.44
C LEU D 120 -13.43 -7.24 27.02
N ILE D 121 -13.47 -7.83 25.83
CA ILE D 121 -12.34 -8.59 25.29
C ILE D 121 -11.57 -7.67 24.35
N PHE D 122 -10.40 -7.22 24.81
CA PHE D 122 -9.51 -6.43 23.97
C PHE D 122 -8.69 -7.36 23.08
N ALA D 123 -8.91 -7.29 21.77
CA ALA D 123 -8.05 -7.95 20.79
C ALA D 123 -6.84 -7.06 20.55
N ASN D 124 -5.86 -7.19 21.45
CA ASN D 124 -4.74 -6.29 21.52
C ASN D 124 -3.72 -6.59 20.42
N LYS D 125 -2.81 -5.64 20.20
CA LYS D 125 -1.68 -5.77 19.28
C LYS D 125 -2.12 -5.69 17.82
N GLN D 126 -3.19 -4.94 17.54
CA GLN D 126 -3.70 -4.78 16.17
C GLN D 126 -2.76 -4.00 15.28
N ASP D 127 -1.64 -3.49 15.79
CA ASP D 127 -0.69 -2.78 14.96
C ASP D 127 0.19 -3.70 14.13
N LEU D 128 0.12 -5.01 14.36
CA LEU D 128 0.95 -5.97 13.67
C LEU D 128 0.24 -6.50 12.44
N LEU D 129 1.00 -6.75 11.37
CA LEU D 129 0.42 -7.33 10.15
C LEU D 129 -0.19 -8.70 10.44
N THR D 130 0.54 -9.54 11.17
CA THR D 130 0.07 -10.89 11.46
C THR D 130 -1.03 -10.92 12.51
N ALA D 131 -1.39 -9.76 13.09
CA ALA D 131 -2.43 -9.72 14.11
C ALA D 131 -3.78 -10.04 13.48
N ALA D 132 -4.43 -11.10 13.98
CA ALA D 132 -5.77 -11.40 13.52
C ALA D 132 -6.73 -10.30 13.95
N PRO D 133 -7.67 -9.92 13.08
CA PRO D 133 -8.67 -8.91 13.47
C PRO D 133 -9.60 -9.45 14.55
N ALA D 134 -10.33 -8.53 15.17
CA ALA D 134 -11.20 -8.90 16.28
C ALA D 134 -12.29 -9.87 15.85
N SER D 135 -12.84 -9.68 14.64
CA SER D 135 -13.89 -10.57 14.14
C SER D 135 -13.40 -12.01 14.04
N GLU D 136 -12.18 -12.21 13.54
CA GLU D 136 -11.64 -13.56 13.42
C GLU D 136 -11.49 -14.23 14.78
N ILE D 137 -11.03 -13.47 15.78
CA ILE D 137 -10.87 -14.02 17.11
C ILE D 137 -12.23 -14.34 17.73
N ALA D 138 -13.20 -13.44 17.56
CA ALA D 138 -14.54 -13.69 18.09
C ALA D 138 -15.17 -14.92 17.46
N GLU D 139 -14.95 -15.12 16.16
CA GLU D 139 -15.43 -16.34 15.51
C GLU D 139 -14.74 -17.57 16.11
N GLY D 140 -13.41 -17.58 16.08
CA GLY D 140 -12.67 -18.73 16.62
C GLY D 140 -13.04 -19.09 18.05
N LEU D 141 -13.29 -18.09 18.88
CA LEU D 141 -13.58 -18.32 20.29
C LEU D 141 -15.04 -18.68 20.56
N ASN D 142 -15.93 -18.52 19.57
CA ASN D 142 -17.37 -18.73 19.76
C ASN D 142 -17.92 -17.82 20.86
N LEU D 143 -17.50 -16.56 20.85
CA LEU D 143 -17.95 -15.59 21.85
C LEU D 143 -19.45 -15.34 21.79
N HIS D 144 -20.13 -15.78 20.73
CA HIS D 144 -21.58 -15.57 20.65
C HIS D 144 -22.33 -16.44 21.66
N THR D 145 -21.67 -17.48 22.20
CA THR D 145 -22.31 -18.37 23.15
C THR D 145 -22.36 -17.80 24.56
N ILE D 146 -21.75 -16.63 24.80
CA ILE D 146 -21.81 -16.03 26.12
C ILE D 146 -23.26 -15.68 26.42
N ARG D 147 -23.79 -16.26 27.50
CA ARG D 147 -25.22 -16.14 27.80
C ARG D 147 -25.53 -15.39 29.09
N ASP D 148 -24.70 -15.50 30.13
CA ASP D 148 -25.00 -14.90 31.42
C ASP D 148 -24.23 -13.62 31.68
N ARG D 149 -24.03 -12.80 30.65
CA ARG D 149 -23.39 -11.49 30.82
C ARG D 149 -23.34 -10.78 29.48
N VAL D 150 -23.08 -9.47 29.54
CA VAL D 150 -22.97 -8.62 28.36
C VAL D 150 -21.50 -8.49 27.97
N TRP D 151 -21.12 -9.15 26.89
CA TRP D 151 -19.75 -9.12 26.38
C TRP D 151 -19.60 -8.13 25.22
N GLN D 152 -18.34 -7.91 24.83
CA GLN D 152 -17.96 -7.06 23.71
C GLN D 152 -16.51 -7.32 23.38
N ILE D 153 -16.20 -7.41 22.08
CA ILE D 153 -14.83 -7.52 21.62
C ILE D 153 -14.46 -6.21 20.92
N GLN D 154 -13.17 -5.87 20.98
CA GLN D 154 -12.69 -4.59 20.48
C GLN D 154 -11.26 -4.74 19.99
N SER D 155 -11.05 -4.51 18.69
CA SER D 155 -9.70 -4.34 18.17
C SER D 155 -9.01 -3.19 18.90
N CYS D 156 -7.74 -3.39 19.24
CA CYS D 156 -6.97 -2.35 19.91
C CYS D 156 -5.49 -2.63 19.75
N SER D 157 -4.69 -1.60 20.04
CA SER D 157 -3.24 -1.74 20.13
C SER D 157 -2.79 -0.92 21.33
N ALA D 158 -2.37 -1.60 22.40
CA ALA D 158 -1.90 -0.89 23.58
C ALA D 158 -0.64 -0.08 23.29
N LEU D 159 0.12 -0.47 22.26
CA LEU D 159 1.31 0.29 21.90
C LEU D 159 0.95 1.66 21.34
N THR D 160 0.03 1.71 20.38
CA THR D 160 -0.32 2.97 19.73
C THR D 160 -1.47 3.68 20.41
N GLY D 161 -2.44 2.94 20.95
CA GLY D 161 -3.63 3.53 21.53
C GLY D 161 -4.88 3.34 20.71
N GLU D 162 -4.75 2.93 19.44
CA GLU D 162 -5.91 2.68 18.59
C GLU D 162 -6.89 1.74 19.26
N GLY D 163 -8.16 2.14 19.30
CA GLY D 163 -9.23 1.29 19.75
C GLY D 163 -9.46 1.26 21.26
N VAL D 164 -8.47 1.70 22.05
CA VAL D 164 -8.58 1.54 23.50
C VAL D 164 -9.75 2.36 24.05
N GLN D 165 -9.94 3.57 23.55
CA GLN D 165 -11.02 4.41 24.07
C GLN D 165 -12.39 3.89 23.67
N ASP D 166 -12.51 3.21 22.52
CA ASP D 166 -13.78 2.59 22.17
C ASP D 166 -14.16 1.50 23.19
N GLY D 167 -13.20 0.63 23.50
CA GLY D 167 -13.45 -0.37 24.54
C GLY D 167 -13.79 0.26 25.86
N MET D 168 -13.08 1.32 26.25
CA MET D 168 -13.39 1.98 27.51
C MET D 168 -14.74 2.67 27.48
N ASN D 169 -15.16 3.16 26.32
CA ASN D 169 -16.51 3.72 26.17
C ASN D 169 -17.57 2.65 26.40
N TRP D 170 -17.37 1.47 25.79
CA TRP D 170 -18.27 0.35 26.07
C TRP D 170 -18.30 0.03 27.56
N VAL D 171 -17.12 0.00 28.19
CA VAL D 171 -17.06 -0.28 29.63
C VAL D 171 -17.87 0.76 30.40
N CYS D 172 -17.70 2.04 30.07
CA CYS D 172 -18.41 3.09 30.79
C CYS D 172 -19.92 2.99 30.59
N LYS D 173 -20.35 2.66 29.37
CA LYS D 173 -21.77 2.47 29.13
C LYS D 173 -22.33 1.34 29.99
N ASN D 174 -21.55 0.27 30.17
CA ASN D 174 -21.99 -0.92 30.88
C ASN D 174 -21.26 -1.08 32.22
N VAL D 175 -21.19 -0.01 33.02
CA VAL D 175 -20.51 -0.13 34.31
C VAL D 175 -21.38 -0.85 35.33
N ASN D 176 -22.70 -0.71 35.25
CA ASN D 176 -23.61 -1.21 36.27
C ASN D 176 -24.20 -2.54 35.84
N ALA D 177 -23.77 -3.61 36.50
CA ALA D 177 -24.31 -4.94 36.27
C ALA D 177 -25.48 -5.14 37.23
N LYS D 178 -26.70 -4.96 36.72
CA LYS D 178 -27.89 -4.97 37.57
C LYS D 178 -28.53 -6.36 37.51
N LYS D 179 -27.92 -7.28 38.23
CA LYS D 179 -28.44 -8.64 38.33
C LYS D 179 -29.66 -8.69 39.23
N SER E 3 1.76 84.94 8.54
CA SER E 3 0.84 84.09 9.30
C SER E 3 0.58 82.77 8.59
N ILE E 4 1.27 82.55 7.46
CA ILE E 4 1.28 81.22 6.87
C ILE E 4 2.14 80.29 7.71
N LEU E 5 3.21 80.81 8.31
CA LEU E 5 3.98 79.98 9.24
C LEU E 5 3.23 79.75 10.53
N ARG E 6 2.38 80.70 10.92
CA ARG E 6 1.45 80.46 12.03
C ARG E 6 0.49 79.34 11.69
N LYS E 7 0.13 79.20 10.42
CA LYS E 7 -0.75 78.12 9.98
C LYS E 7 -0.11 76.76 10.18
N LEU E 8 1.23 76.70 10.16
CA LEU E 8 1.93 75.44 10.40
C LEU E 8 1.64 74.84 11.78
N LYS E 9 0.49 75.20 12.35
CA LYS E 9 -0.02 74.58 13.55
C LYS E 9 -0.51 73.16 13.26
N SER E 10 -0.79 72.86 11.99
CA SER E 10 -1.34 71.57 11.57
C SER E 10 -0.21 70.56 11.55
N ALA E 11 -0.06 69.84 12.67
CA ALA E 11 0.99 68.86 12.83
C ALA E 11 0.46 67.75 13.72
N PRO E 12 -0.01 66.66 13.15
CA PRO E 12 -0.52 65.55 13.96
C PRO E 12 0.56 64.53 14.24
N ASP E 13 0.21 63.24 14.16
CA ASP E 13 1.15 62.16 14.38
C ASP E 13 0.53 60.84 13.94
N GLN E 14 0.67 60.48 12.67
CA GLN E 14 0.03 59.31 12.12
C GLN E 14 1.06 58.41 11.44
N GLU E 15 0.65 57.16 11.18
CA GLU E 15 1.53 56.19 10.53
C GLU E 15 0.67 55.26 9.68
N VAL E 16 0.87 55.28 8.36
CA VAL E 16 0.15 54.41 7.43
C VAL E 16 1.09 53.30 6.98
N ARG E 17 0.66 52.05 7.14
CA ARG E 17 1.49 50.89 6.81
C ARG E 17 0.91 50.14 5.62
N ILE E 18 1.70 50.07 4.54
CA ILE E 18 1.34 49.33 3.34
C ILE E 18 2.31 48.18 3.17
N LEU E 19 1.77 46.98 2.94
CA LEU E 19 2.56 45.75 2.81
C LEU E 19 2.31 45.17 1.43
N LEU E 20 3.37 45.09 0.62
CA LEU E 20 3.31 44.53 -0.73
C LEU E 20 3.84 43.11 -0.71
N LEU E 21 3.01 42.14 -1.05
CA LEU E 21 3.35 40.73 -1.06
C LEU E 21 3.01 40.11 -2.41
N GLY E 22 3.32 38.83 -2.56
CA GLY E 22 3.14 38.11 -3.81
C GLY E 22 4.28 37.17 -4.12
N LEU E 23 4.08 36.28 -5.09
CA LEU E 23 5.09 35.32 -5.47
C LEU E 23 6.35 36.03 -5.97
N ASP E 24 7.45 35.29 -6.03
CA ASP E 24 8.66 35.81 -6.63
C ASP E 24 8.44 36.12 -8.11
N ASN E 25 9.22 37.07 -8.62
CA ASN E 25 9.21 37.51 -10.01
C ASN E 25 7.90 38.20 -10.40
N ALA E 26 7.05 38.53 -9.43
CA ALA E 26 5.77 39.17 -9.73
C ALA E 26 5.92 40.64 -10.10
N GLY E 27 6.92 41.32 -9.53
CA GLY E 27 7.13 42.73 -9.83
C GLY E 27 7.02 43.63 -8.63
N LYS E 28 7.04 43.06 -7.43
CA LYS E 28 6.89 43.85 -6.20
C LYS E 28 7.97 44.91 -6.08
N THR E 29 9.24 44.50 -6.17
CA THR E 29 10.34 45.46 -6.00
C THR E 29 10.35 46.49 -7.12
N THR E 30 10.11 46.05 -8.36
CA THR E 30 10.01 47.01 -9.47
C THR E 30 8.92 48.03 -9.19
N LEU E 31 7.77 47.56 -8.69
CA LEU E 31 6.66 48.47 -8.38
C LEU E 31 7.05 49.46 -7.29
N LEU E 32 7.67 48.96 -6.21
CA LEU E 32 8.04 49.81 -5.10
C LEU E 32 9.01 50.89 -5.53
N LYS E 33 10.06 50.50 -6.26
CA LYS E 33 11.04 51.49 -6.70
C LYS E 33 10.46 52.44 -7.74
N GLN E 34 9.52 51.95 -8.57
CA GLN E 34 8.80 52.84 -9.48
C GLN E 34 8.05 53.91 -8.71
N LEU E 35 7.31 53.51 -7.65
CA LEU E 35 6.60 54.47 -6.83
C LEU E 35 7.53 55.52 -6.23
N ALA E 36 8.78 55.15 -5.94
CA ALA E 36 9.74 56.05 -5.35
C ALA E 36 10.65 56.71 -6.37
N SER E 37 10.27 56.66 -7.65
CA SER E 37 11.01 57.31 -8.74
C SER E 37 12.50 56.94 -8.70
N GLU E 38 12.76 55.65 -8.56
CA GLU E 38 14.10 55.15 -8.32
C GLU E 38 14.58 54.26 -9.47
N ASP E 39 15.90 54.17 -9.59
CA ASP E 39 16.54 53.26 -10.52
C ASP E 39 15.97 51.86 -10.42
N ILE E 40 15.52 51.32 -11.55
CA ILE E 40 15.06 49.93 -11.62
C ILE E 40 15.84 49.17 -12.69
N SER E 41 17.07 49.59 -12.97
CA SER E 41 17.83 48.99 -14.04
C SER E 41 18.45 47.64 -13.69
N HIS E 42 18.68 47.36 -12.40
CA HIS E 42 19.37 46.13 -11.99
C HIS E 42 18.78 45.61 -10.68
N ILE E 43 17.48 45.31 -10.71
CA ILE E 43 16.81 44.75 -9.55
C ILE E 43 17.09 43.25 -9.51
N THR E 44 17.42 42.74 -8.34
CA THR E 44 17.65 41.32 -8.11
C THR E 44 16.57 40.75 -7.22
N PRO E 45 16.39 39.43 -7.21
CA PRO E 45 15.41 38.83 -6.30
C PRO E 45 15.63 39.28 -4.87
N THR E 46 14.55 39.79 -4.25
CA THR E 46 14.65 40.41 -2.94
C THR E 46 14.77 39.31 -1.88
N GLN E 47 15.94 39.24 -1.25
CA GLN E 47 16.20 38.24 -0.20
C GLN E 47 16.08 38.89 1.18
N GLY E 48 14.86 39.32 1.49
CA GLY E 48 14.63 40.11 2.68
C GLY E 48 13.51 41.11 2.48
N PHE E 49 13.74 42.37 2.86
CA PHE E 49 12.71 43.40 2.71
C PHE E 49 13.32 44.69 2.21
N ASN E 50 12.48 45.45 1.50
CA ASN E 50 12.78 46.80 1.06
C ASN E 50 11.73 47.74 1.65
N ILE E 51 12.19 48.79 2.34
CA ILE E 51 11.29 49.73 3.00
C ILE E 51 11.37 51.08 2.31
N LYS E 52 10.22 51.73 2.14
CA LYS E 52 10.17 53.16 1.80
C LYS E 52 9.39 53.87 2.90
N SER E 53 10.09 54.70 3.67
CA SER E 53 9.50 55.46 4.77
C SER E 53 9.49 56.94 4.39
N VAL E 54 8.31 57.46 4.06
CA VAL E 54 8.15 58.84 3.60
C VAL E 54 7.52 59.64 4.74
N GLN E 55 8.25 60.64 5.22
CA GLN E 55 7.80 61.45 6.34
C GLN E 55 7.41 62.85 5.88
N SER E 56 6.41 63.41 6.55
CA SER E 56 6.04 64.81 6.37
C SER E 56 5.45 65.29 7.69
N GLN E 57 6.28 65.93 8.50
CA GLN E 57 5.83 66.68 9.68
C GLN E 57 4.95 65.84 10.58
N GLY E 58 5.48 64.67 10.96
CA GLY E 58 4.81 63.78 11.87
C GLY E 58 3.89 62.76 11.22
N PHE E 59 3.55 62.94 9.95
CA PHE E 59 2.82 61.92 9.20
C PHE E 59 3.82 61.00 8.52
N LYS E 60 3.73 59.70 8.78
CA LYS E 60 4.66 58.71 8.28
C LYS E 60 3.92 57.72 7.38
N LEU E 61 4.48 57.45 6.21
CA LEU E 61 3.96 56.42 5.29
C LEU E 61 5.05 55.37 5.06
N ASN E 62 4.81 54.17 5.55
CA ASN E 62 5.78 53.08 5.47
C ASN E 62 5.27 52.02 4.49
N VAL E 63 6.07 51.71 3.48
CA VAL E 63 5.74 50.71 2.49
C VAL E 63 6.77 49.59 2.58
N TRP E 64 6.29 48.35 2.73
CA TRP E 64 7.13 47.18 2.96
C TRP E 64 7.01 46.22 1.77
N ASP E 65 8.12 46.00 1.08
CA ASP E 65 8.23 45.00 0.02
C ASP E 65 8.99 43.80 0.58
N ILE E 66 8.28 42.68 0.78
CA ILE E 66 8.91 41.46 1.27
C ILE E 66 9.18 40.53 0.11
N GLY E 67 10.33 39.84 0.15
CA GLY E 67 10.63 38.85 -0.86
C GLY E 67 9.59 37.75 -0.93
N GLY E 68 9.42 37.19 -2.12
CA GLY E 68 8.45 36.14 -2.34
C GLY E 68 9.05 34.83 -2.77
N GLN E 69 10.35 34.65 -2.55
CA GLN E 69 10.99 33.38 -2.82
C GLN E 69 10.41 32.29 -1.91
N ARG E 70 10.50 31.05 -2.38
CA ARG E 70 10.02 29.92 -1.58
C ARG E 70 10.65 29.90 -0.20
N LYS E 71 11.87 30.40 -0.07
CA LYS E 71 12.61 30.42 1.20
C LYS E 71 12.38 31.69 1.99
N ILE E 72 11.43 32.54 1.58
CA ILE E 72 11.20 33.81 2.24
C ILE E 72 9.76 33.91 2.70
N ARG E 73 8.85 33.32 1.93
CA ARG E 73 7.43 33.32 2.30
C ARG E 73 7.15 32.89 3.75
N PRO E 74 7.79 31.86 4.30
CA PRO E 74 7.54 31.53 5.72
C PRO E 74 7.71 32.70 6.67
N TYR E 75 8.56 33.66 6.32
CA TYR E 75 8.82 34.82 7.18
C TYR E 75 7.81 35.96 6.97
N TRP E 76 6.95 35.86 5.95
CA TRP E 76 5.91 36.86 5.74
C TRP E 76 5.13 37.14 7.01
N ARG E 77 4.80 36.10 7.77
CA ARG E 77 4.02 36.25 8.99
C ARG E 77 4.65 37.21 9.99
N SER E 78 5.97 37.44 9.89
CA SER E 78 6.64 38.35 10.81
C SER E 78 6.34 39.82 10.51
N TYR E 79 5.83 40.12 9.33
CA TYR E 79 5.63 41.50 8.89
C TYR E 79 4.16 41.85 8.73
N PHE E 80 3.28 41.14 9.45
CA PHE E 80 1.84 41.32 9.30
C PHE E 80 1.26 42.40 10.21
N GLU E 81 1.73 42.49 11.45
CA GLU E 81 1.10 43.34 12.45
C GLU E 81 1.10 44.80 12.02
N ASN E 82 -0.07 45.44 12.16
CA ASN E 82 -0.31 46.87 11.98
C ASN E 82 -0.41 47.23 10.51
N THR E 83 -0.48 46.24 9.62
CA THR E 83 -0.65 46.53 8.20
C THR E 83 -1.98 47.25 7.98
N ASP E 84 -1.92 48.37 7.26
CA ASP E 84 -3.12 49.15 6.96
C ASP E 84 -3.66 48.86 5.56
N ILE E 85 -2.80 48.66 4.57
CA ILE E 85 -3.22 48.18 3.26
C ILE E 85 -2.31 47.03 2.84
N LEU E 86 -2.90 45.98 2.27
CA LEU E 86 -2.16 44.91 1.62
C LEU E 86 -2.25 45.07 0.11
N ILE E 87 -1.10 45.15 -0.55
CA ILE E 87 -1.01 45.14 -2.01
C ILE E 87 -0.39 43.81 -2.44
N TYR E 88 -1.15 43.04 -3.21
CA TYR E 88 -0.73 41.73 -3.70
C TYR E 88 -0.45 41.79 -5.18
N VAL E 89 0.76 41.40 -5.60
CA VAL E 89 1.23 41.54 -6.97
C VAL E 89 1.20 40.17 -7.65
N ILE E 90 0.67 40.12 -8.87
CA ILE E 90 0.59 38.89 -9.66
C ILE E 90 1.21 39.12 -11.02
N ASP E 91 2.17 38.27 -11.39
CA ASP E 91 2.70 38.25 -12.74
C ASP E 91 1.61 37.74 -13.67
N SER E 92 0.99 38.67 -14.41
CA SER E 92 -0.16 38.32 -15.25
C SER E 92 0.22 37.44 -16.43
N ALA E 93 1.49 37.41 -16.81
CA ALA E 93 1.93 36.61 -17.94
C ALA E 93 2.35 35.19 -17.54
N ASP E 94 2.67 34.98 -16.27
CA ASP E 94 3.11 33.68 -15.78
C ASP E 94 1.87 32.87 -15.41
N ARG E 95 1.32 32.15 -16.39
CA ARG E 95 0.12 31.36 -16.16
C ARG E 95 0.44 30.06 -15.42
N LYS E 96 1.62 29.49 -15.65
CA LYS E 96 2.06 28.30 -14.91
C LYS E 96 1.81 28.43 -13.43
N ARG E 97 1.86 29.65 -12.91
CA ARG E 97 1.83 29.91 -11.48
C ARG E 97 0.50 30.47 -11.00
N PHE E 98 -0.49 30.66 -11.88
CA PHE E 98 -1.77 31.25 -11.46
C PHE E 98 -2.38 30.49 -10.30
N GLU E 99 -2.24 29.16 -10.28
CA GLU E 99 -2.71 28.37 -9.15
C GLU E 99 -1.96 28.73 -7.87
N GLU E 100 -0.62 28.72 -7.94
CA GLU E 100 0.20 28.93 -6.75
C GLU E 100 -0.14 30.26 -6.08
N THR E 101 -0.06 31.35 -6.82
CA THR E 101 -0.40 32.64 -6.23
C THR E 101 -1.84 32.62 -5.72
N GLY E 102 -2.73 31.93 -6.44
CA GLY E 102 -4.11 31.84 -6.02
C GLY E 102 -4.27 31.24 -4.63
N GLN E 103 -3.47 30.22 -4.32
CA GLN E 103 -3.58 29.68 -2.96
C GLN E 103 -2.93 30.62 -1.96
N GLU E 104 -1.79 31.23 -2.33
CA GLU E 104 -1.07 32.08 -1.38
C GLU E 104 -1.93 33.23 -0.90
N LEU E 105 -2.57 33.94 -1.83
CA LEU E 105 -3.50 34.99 -1.44
C LEU E 105 -4.59 34.44 -0.53
N THR E 106 -5.12 33.25 -0.86
CA THR E 106 -6.12 32.63 0.00
C THR E 106 -5.56 32.42 1.40
N GLU E 107 -4.30 32.00 1.50
CA GLU E 107 -3.68 31.85 2.81
C GLU E 107 -3.54 33.20 3.50
N LEU E 108 -3.26 34.25 2.73
CA LEU E 108 -3.06 35.58 3.32
C LEU E 108 -4.36 36.12 3.93
N LEU E 109 -5.48 35.96 3.23
CA LEU E 109 -6.73 36.57 3.65
C LEU E 109 -7.41 35.80 4.78
N GLU E 110 -6.87 34.65 5.17
CA GLU E 110 -7.36 33.94 6.35
C GLU E 110 -6.53 34.21 7.60
N GLU E 111 -5.29 34.70 7.44
CA GLU E 111 -4.47 35.08 8.57
C GLU E 111 -5.20 36.12 9.44
N GLU E 112 -5.28 35.84 10.74
CA GLU E 112 -5.98 36.76 11.64
C GLU E 112 -5.24 38.09 11.76
N LYS E 113 -3.91 38.06 11.68
CA LYS E 113 -3.13 39.29 11.78
C LYS E 113 -3.42 40.26 10.65
N LEU E 114 -4.04 39.78 9.56
CA LEU E 114 -4.31 40.60 8.38
C LEU E 114 -5.81 40.71 8.10
N SER E 115 -6.66 40.39 9.06
CA SER E 115 -8.09 40.38 8.83
C SER E 115 -8.63 41.80 8.67
N CYS E 116 -9.50 41.98 7.68
CA CYS E 116 -10.21 43.21 7.34
C CYS E 116 -9.30 44.22 6.63
N VAL E 117 -8.00 43.95 6.51
CA VAL E 117 -7.10 44.88 5.84
C VAL E 117 -7.46 44.97 4.37
N PRO E 118 -7.71 46.16 3.82
CA PRO E 118 -8.05 46.26 2.39
C PRO E 118 -6.91 45.76 1.53
N VAL E 119 -7.26 45.00 0.50
CA VAL E 119 -6.28 44.35 -0.37
C VAL E 119 -6.49 44.82 -1.80
N LEU E 120 -5.47 45.48 -2.35
CA LEU E 120 -5.41 45.82 -3.76
C LEU E 120 -4.61 44.76 -4.51
N ILE E 121 -5.23 44.14 -5.51
CA ILE E 121 -4.58 43.11 -6.30
C ILE E 121 -4.08 43.74 -7.60
N PHE E 122 -2.76 43.93 -7.68
CA PHE E 122 -2.12 44.41 -8.90
C PHE E 122 -1.87 43.25 -9.85
N ALA E 123 -2.63 43.20 -10.95
CA ALA E 123 -2.33 42.28 -12.05
C ALA E 123 -1.23 42.91 -12.90
N ASN E 124 0.00 42.73 -12.45
CA ASN E 124 1.14 43.43 -13.01
C ASN E 124 1.56 42.82 -14.35
N LYS E 125 2.38 43.57 -15.08
CA LYS E 125 2.98 43.15 -16.35
C LYS E 125 1.95 43.11 -17.49
N GLN E 126 0.93 43.97 -17.42
CA GLN E 126 -0.06 44.06 -18.49
C GLN E 126 0.52 44.64 -19.78
N ASP E 127 1.79 45.03 -19.79
CA ASP E 127 2.42 45.52 -21.00
C ASP E 127 2.83 44.41 -21.95
N LEU E 128 2.63 43.16 -21.54
CA LEU E 128 3.03 41.99 -22.30
C LEU E 128 1.83 41.47 -23.08
N LEU E 129 2.05 41.09 -24.34
CA LEU E 129 0.97 40.50 -25.12
C LEU E 129 0.44 39.24 -24.46
N THR E 130 1.34 38.45 -23.87
CA THR E 130 0.97 37.20 -23.22
C THR E 130 0.27 37.40 -21.88
N ALA E 131 0.19 38.64 -21.39
CA ALA E 131 -0.44 38.90 -20.10
C ALA E 131 -1.94 38.66 -20.16
N ALA E 132 -2.43 37.74 -19.33
CA ALA E 132 -3.88 37.56 -19.23
C ALA E 132 -4.51 38.84 -18.67
N PRO E 133 -5.68 39.22 -19.16
CA PRO E 133 -6.32 40.45 -18.66
C PRO E 133 -6.71 40.35 -17.20
N ALA E 134 -6.88 41.52 -16.58
CA ALA E 134 -7.15 41.58 -15.14
C ALA E 134 -8.51 40.97 -14.81
N SER E 135 -9.51 41.20 -15.67
CA SER E 135 -10.83 40.61 -15.43
C SER E 135 -10.75 39.10 -15.42
N GLU E 136 -9.98 38.52 -16.34
CA GLU E 136 -9.82 37.07 -16.39
C GLU E 136 -9.12 36.55 -15.13
N ILE E 137 -8.12 37.30 -14.65
CA ILE E 137 -7.40 36.88 -13.45
C ILE E 137 -8.32 36.92 -12.23
N ALA E 138 -9.09 38.01 -12.08
CA ALA E 138 -10.03 38.12 -10.97
C ALA E 138 -11.09 37.04 -11.04
N GLU E 139 -11.52 36.68 -12.25
CA GLU E 139 -12.40 35.55 -12.47
C GLU E 139 -11.78 34.27 -11.93
N GLY E 140 -10.61 33.90 -12.48
CA GLY E 140 -9.95 32.68 -12.05
C GLY E 140 -9.71 32.61 -10.55
N LEU E 141 -9.44 33.75 -9.92
CA LEU E 141 -9.14 33.78 -8.49
C LEU E 141 -10.40 33.76 -7.63
N ASN E 142 -11.58 33.96 -8.21
CA ASN E 142 -12.83 34.02 -7.46
C ASN E 142 -12.78 35.15 -6.42
N LEU E 143 -12.26 36.30 -6.83
CA LEU E 143 -12.16 37.44 -5.92
C LEU E 143 -13.51 37.92 -5.42
N HIS E 144 -14.60 37.50 -6.07
CA HIS E 144 -15.94 37.94 -5.67
C HIS E 144 -16.41 37.26 -4.38
N THR E 145 -15.73 36.20 -3.93
CA THR E 145 -16.07 35.56 -2.67
C THR E 145 -15.46 36.27 -1.47
N ILE E 146 -14.65 37.31 -1.69
CA ILE E 146 -14.06 38.07 -0.58
C ILE E 146 -15.18 38.78 0.17
N ARG E 147 -15.25 38.54 1.48
CA ARG E 147 -16.39 39.01 2.28
C ARG E 147 -16.01 40.02 3.36
N ASP E 148 -15.00 39.73 4.18
CA ASP E 148 -14.72 40.53 5.36
C ASP E 148 -13.76 41.68 5.08
N ARG E 149 -13.71 42.20 3.86
CA ARG E 149 -12.81 43.31 3.57
C ARG E 149 -13.10 43.84 2.16
N VAL E 150 -12.66 45.07 1.93
CA VAL E 150 -12.78 45.71 0.62
C VAL E 150 -11.57 45.33 -0.23
N TRP E 151 -11.83 44.83 -1.42
CA TRP E 151 -10.80 44.43 -2.35
C TRP E 151 -10.96 45.19 -3.67
N GLN E 152 -9.92 45.10 -4.50
CA GLN E 152 -9.92 45.74 -5.80
C GLN E 152 -8.79 45.14 -6.63
N ILE E 153 -9.08 44.85 -7.89
CA ILE E 153 -8.05 44.43 -8.84
C ILE E 153 -7.77 45.61 -9.77
N GLN E 154 -6.54 45.67 -10.27
CA GLN E 154 -6.12 46.80 -11.09
C GLN E 154 -5.07 46.35 -12.09
N SER E 155 -5.38 46.46 -13.37
CA SER E 155 -4.38 46.31 -14.42
C SER E 155 -3.26 47.33 -14.20
N CYS E 156 -2.02 46.87 -14.33
CA CYS E 156 -0.89 47.76 -14.15
C CYS E 156 0.33 47.19 -14.85
N SER E 157 1.32 48.04 -15.06
CA SER E 157 2.64 47.63 -15.52
C SER E 157 3.67 48.39 -14.69
N ALA E 158 4.30 47.70 -13.74
CA ALA E 158 5.34 48.35 -12.95
C ALA E 158 6.49 48.84 -13.83
N LEU E 159 6.68 48.22 -14.99
CA LEU E 159 7.77 48.63 -15.88
C LEU E 159 7.50 50.00 -16.48
N THR E 160 6.33 50.17 -17.12
CA THR E 160 6.01 51.46 -17.73
C THR E 160 5.43 52.43 -16.72
N GLY E 161 4.64 51.93 -15.76
CA GLY E 161 3.93 52.77 -14.82
C GLY E 161 2.44 52.85 -15.08
N GLU E 162 2.00 52.40 -16.25
CA GLU E 162 0.59 52.42 -16.62
C GLU E 162 -0.26 51.74 -15.54
N GLY E 163 -1.27 52.45 -15.05
CA GLY E 163 -2.23 51.89 -14.13
C GLY E 163 -1.86 51.93 -12.66
N VAL E 164 -0.58 52.15 -12.34
CA VAL E 164 -0.15 52.09 -10.94
C VAL E 164 -0.83 53.16 -10.10
N GLN E 165 -0.96 54.37 -10.66
CA GLN E 165 -1.58 55.45 -9.91
C GLN E 165 -3.06 55.20 -9.68
N ASP E 166 -3.72 54.47 -10.57
CA ASP E 166 -5.09 54.06 -10.32
C ASP E 166 -5.18 53.24 -9.04
N GLY E 167 -4.32 52.23 -8.92
CA GLY E 167 -4.27 51.43 -7.71
C GLY E 167 -3.96 52.26 -6.47
N MET E 168 -3.02 53.20 -6.60
CA MET E 168 -2.67 54.03 -5.44
C MET E 168 -3.82 54.96 -5.05
N ASN E 169 -4.57 55.46 -6.04
CA ASN E 169 -5.77 56.24 -5.74
C ASN E 169 -6.80 55.40 -5.00
N TRP E 170 -7.01 54.16 -5.44
CA TRP E 170 -7.88 53.26 -4.71
C TRP E 170 -7.41 53.08 -3.26
N VAL E 171 -6.10 52.84 -3.08
CA VAL E 171 -5.54 52.68 -1.74
C VAL E 171 -5.86 53.91 -0.89
N CYS E 172 -5.69 55.10 -1.48
CA CYS E 172 -6.01 56.32 -0.76
C CYS E 172 -7.50 56.37 -0.42
N LYS E 173 -8.35 55.86 -1.31
CA LYS E 173 -9.79 55.82 -1.06
C LYS E 173 -10.10 55.01 0.20
N ASN E 174 -9.45 53.85 0.35
CA ASN E 174 -9.74 52.94 1.45
C ASN E 174 -8.61 52.92 2.48
N VAL E 175 -8.14 54.11 2.87
CA VAL E 175 -7.20 54.21 3.98
C VAL E 175 -7.91 54.41 5.30
N ASN E 176 -9.20 54.78 5.27
CA ASN E 176 -9.94 55.14 6.47
C ASN E 176 -10.03 53.97 7.45
N LEU F 1 12.53 -10.58 -32.47
CA LEU F 1 11.48 -11.44 -31.91
C LEU F 1 11.60 -12.85 -32.47
N LEU F 2 11.58 -12.96 -33.80
CA LEU F 2 11.90 -14.24 -34.44
C LEU F 2 13.31 -14.69 -34.05
N SER F 3 14.27 -13.77 -34.07
CA SER F 3 15.62 -14.10 -33.64
C SER F 3 15.66 -14.51 -32.18
N ILE F 4 14.92 -13.79 -31.33
CA ILE F 4 14.85 -14.14 -29.92
C ILE F 4 14.21 -15.52 -29.75
N LEU F 5 13.14 -15.78 -30.50
CA LEU F 5 12.49 -17.08 -30.41
C LEU F 5 13.46 -18.20 -30.78
N ARG F 6 14.21 -18.03 -31.88
CA ARG F 6 15.18 -19.04 -32.26
C ARG F 6 16.29 -19.19 -31.23
N LYS F 7 16.71 -18.08 -30.62
CA LYS F 7 17.77 -18.15 -29.60
C LYS F 7 17.30 -18.91 -28.37
N LEU F 8 16.01 -18.79 -28.02
CA LEU F 8 15.49 -19.44 -26.82
C LEU F 8 15.05 -20.88 -27.06
N LYS F 9 14.34 -21.12 -28.17
CA LYS F 9 13.78 -22.43 -28.49
C LYS F 9 14.81 -23.55 -28.48
N SER F 10 16.06 -23.24 -28.79
CA SER F 10 17.08 -24.27 -28.96
C SER F 10 18.32 -23.97 -28.12
N ALA F 11 18.98 -25.05 -27.71
CA ALA F 11 20.28 -25.05 -27.06
C ALA F 11 21.27 -24.24 -27.90
N PRO F 12 22.43 -23.85 -27.38
CA PRO F 12 23.38 -23.06 -28.17
C PRO F 12 24.22 -23.96 -29.06
N ASP F 13 24.85 -23.36 -30.07
CA ASP F 13 25.62 -24.12 -31.03
C ASP F 13 26.65 -24.96 -30.31
N GLN F 14 26.56 -26.27 -30.52
CA GLN F 14 27.31 -27.25 -29.73
C GLN F 14 27.86 -28.34 -30.63
N GLU F 15 28.65 -29.20 -30.00
CA GLU F 15 29.19 -30.40 -30.64
C GLU F 15 29.25 -31.44 -29.53
N VAL F 16 28.36 -32.43 -29.60
CA VAL F 16 28.26 -33.47 -28.59
C VAL F 16 29.01 -34.68 -29.09
N ARG F 17 29.95 -35.15 -28.29
CA ARG F 17 30.87 -36.22 -28.67
C ARG F 17 30.50 -37.47 -27.88
N ILE F 18 30.13 -38.52 -28.61
CA ILE F 18 29.81 -39.81 -28.02
C ILE F 18 30.81 -40.81 -28.58
N LEU F 19 31.42 -41.60 -27.70
CA LEU F 19 32.50 -42.50 -28.06
C LEU F 19 32.06 -43.93 -27.77
N LEU F 20 32.03 -44.77 -28.81
CA LEU F 20 31.63 -46.17 -28.69
C LEU F 20 32.87 -47.05 -28.60
N LEU F 21 33.02 -47.73 -27.47
CA LEU F 21 34.17 -48.59 -27.22
C LEU F 21 33.69 -49.97 -26.77
N GLY F 22 34.65 -50.89 -26.66
CA GLY F 22 34.37 -52.27 -26.32
C GLY F 22 35.26 -53.20 -27.12
N LEU F 23 35.36 -54.44 -26.64
CA LEU F 23 36.13 -55.47 -27.31
C LEU F 23 35.59 -55.70 -28.73
N ASP F 24 36.41 -56.34 -29.56
CA ASP F 24 35.94 -56.73 -30.89
C ASP F 24 34.77 -57.70 -30.78
N ASN F 25 33.91 -57.68 -31.80
CA ASN F 25 32.73 -58.52 -31.91
C ASN F 25 31.67 -58.20 -30.87
N ALA F 26 31.82 -57.07 -30.15
CA ALA F 26 30.87 -56.72 -29.12
C ALA F 26 29.56 -56.19 -29.69
N GLY F 27 29.61 -55.54 -30.86
CA GLY F 27 28.42 -55.01 -31.48
C GLY F 27 28.40 -53.51 -31.61
N LYS F 28 29.57 -52.89 -31.45
CA LYS F 28 29.66 -51.43 -31.56
C LYS F 28 29.15 -50.95 -32.91
N THR F 29 29.64 -51.56 -33.99
CA THR F 29 29.19 -51.16 -35.32
C THR F 29 27.70 -51.45 -35.51
N THR F 30 27.24 -52.62 -35.08
CA THR F 30 25.83 -52.95 -35.17
C THR F 30 24.98 -51.94 -34.39
N LEU F 31 25.42 -51.58 -33.19
CA LEU F 31 24.66 -50.60 -32.40
C LEU F 31 24.62 -49.24 -33.07
N LEU F 32 25.78 -48.77 -33.55
CA LEU F 32 25.83 -47.47 -34.21
C LEU F 32 24.92 -47.44 -35.43
N LYS F 33 24.98 -48.48 -36.27
CA LYS F 33 24.15 -48.51 -37.46
C LYS F 33 22.67 -48.68 -37.11
N GLN F 34 22.36 -49.37 -36.03
CA GLN F 34 20.99 -49.42 -35.52
C GLN F 34 20.48 -48.04 -35.16
N LEU F 35 21.28 -47.29 -34.38
CA LEU F 35 20.90 -45.94 -33.99
C LEU F 35 20.61 -45.06 -35.21
N ALA F 36 21.32 -45.28 -36.31
CA ALA F 36 21.15 -44.48 -37.51
C ALA F 36 20.18 -45.13 -38.50
N SER F 37 19.41 -46.12 -38.05
CA SER F 37 18.42 -46.80 -38.88
C SER F 37 19.03 -47.23 -40.21
N GLU F 38 20.20 -47.85 -40.12
CA GLU F 38 21.00 -48.22 -41.28
C GLU F 38 21.10 -49.73 -41.40
N ASP F 39 21.36 -50.17 -42.63
CA ASP F 39 21.61 -51.58 -42.94
C ASP F 39 22.62 -52.20 -41.98
N ILE F 40 22.25 -53.33 -41.37
CA ILE F 40 23.17 -54.11 -40.56
C ILE F 40 23.21 -55.55 -41.06
N SER F 41 22.95 -55.74 -42.35
CA SER F 41 22.86 -57.09 -42.89
C SER F 41 24.23 -57.72 -43.13
N HIS F 42 25.26 -56.92 -43.35
CA HIS F 42 26.57 -57.42 -43.75
C HIS F 42 27.68 -56.60 -43.08
N ILE F 43 27.67 -56.57 -41.76
CA ILE F 43 28.67 -55.84 -41.01
C ILE F 43 29.92 -56.69 -40.88
N THR F 44 31.07 -56.07 -41.11
CA THR F 44 32.37 -56.71 -40.99
C THR F 44 33.14 -56.13 -39.81
N PRO F 45 34.13 -56.84 -39.28
CA PRO F 45 34.99 -56.23 -38.26
C PRO F 45 35.61 -54.95 -38.79
N THR F 46 35.36 -53.86 -38.07
CA THR F 46 35.74 -52.54 -38.54
C THR F 46 37.23 -52.30 -38.31
N GLN F 47 37.96 -52.14 -39.42
CA GLN F 47 39.39 -51.89 -39.36
C GLN F 47 39.64 -50.38 -39.44
N GLY F 48 39.22 -49.70 -38.38
CA GLY F 48 39.28 -48.26 -38.35
C GLY F 48 38.17 -47.63 -37.52
N PHE F 49 37.51 -46.61 -38.06
CA PHE F 49 36.43 -45.93 -37.35
C PHE F 49 35.27 -45.65 -38.29
N ASN F 50 34.08 -45.61 -37.70
CA ASN F 50 32.85 -45.24 -38.38
C ASN F 50 32.26 -44.03 -37.68
N ILE F 51 31.92 -43.00 -38.45
CA ILE F 51 31.41 -41.75 -37.90
C ILE F 51 29.96 -41.58 -38.32
N LYS F 52 29.13 -41.14 -37.39
CA LYS F 52 27.80 -40.60 -37.67
C LYS F 52 27.79 -39.16 -37.20
N SER F 53 27.73 -38.22 -38.14
CA SER F 53 27.69 -36.80 -37.84
C SER F 53 26.28 -36.30 -38.14
N VAL F 54 25.50 -36.09 -37.08
CA VAL F 54 24.11 -35.71 -37.19
C VAL F 54 24.03 -34.22 -36.86
N GLN F 55 23.75 -33.40 -37.87
CA GLN F 55 23.77 -31.96 -37.76
C GLN F 55 22.36 -31.38 -37.91
N SER F 56 22.10 -30.30 -37.18
CA SER F 56 20.84 -29.59 -37.27
C SER F 56 21.17 -28.10 -37.15
N GLN F 57 21.26 -27.44 -38.30
CA GLN F 57 21.43 -25.99 -38.41
C GLN F 57 22.52 -25.46 -37.49
N GLY F 58 23.62 -26.21 -37.37
CA GLY F 58 24.77 -25.80 -36.60
C GLY F 58 24.97 -26.53 -35.29
N PHE F 59 23.94 -27.22 -34.79
CA PHE F 59 24.08 -28.11 -33.64
C PHE F 59 24.56 -29.45 -34.15
N LYS F 60 25.71 -29.92 -33.66
CA LYS F 60 26.30 -31.15 -34.14
C LYS F 60 26.35 -32.22 -33.06
N LEU F 61 26.04 -33.46 -33.47
CA LEU F 61 26.17 -34.65 -32.64
C LEU F 61 27.06 -35.63 -33.41
N ASN F 62 28.27 -35.87 -32.91
CA ASN F 62 29.22 -36.74 -33.58
C ASN F 62 29.38 -38.02 -32.78
N VAL F 63 29.13 -39.16 -33.42
CA VAL F 63 29.20 -40.46 -32.76
C VAL F 63 30.27 -41.29 -33.46
N TRP F 64 31.22 -41.81 -32.67
CA TRP F 64 32.40 -42.52 -33.16
C TRP F 64 32.39 -43.97 -32.72
N ASP F 65 32.26 -44.89 -33.68
CA ASP F 65 32.47 -46.32 -33.42
C ASP F 65 33.88 -46.65 -33.91
N ILE F 66 34.81 -46.89 -32.98
CA ILE F 66 36.16 -47.28 -33.37
C ILE F 66 36.32 -48.78 -33.16
N GLY F 67 37.05 -49.42 -34.09
CA GLY F 67 37.30 -50.84 -33.97
C GLY F 67 38.00 -51.22 -32.68
N GLY F 68 37.76 -52.46 -32.24
CA GLY F 68 38.37 -53.00 -31.04
C GLY F 68 39.12 -54.29 -31.28
N GLN F 69 39.47 -54.58 -32.54
CA GLN F 69 40.17 -55.80 -32.93
C GLN F 69 41.61 -55.92 -32.41
N ARG F 70 41.81 -55.61 -31.13
CA ARG F 70 43.10 -55.75 -30.44
C ARG F 70 44.31 -55.11 -31.12
N LYS F 71 44.38 -55.12 -32.45
CA LYS F 71 45.49 -54.49 -33.15
C LYS F 71 45.17 -53.06 -33.51
N ILE F 72 44.21 -52.47 -32.82
CA ILE F 72 43.67 -51.14 -33.10
C ILE F 72 43.54 -50.37 -31.78
N ARG F 73 43.33 -51.09 -30.69
CA ARG F 73 43.17 -50.48 -29.37
C ARG F 73 44.24 -49.46 -28.97
N PRO F 74 45.54 -49.65 -29.28
CA PRO F 74 46.52 -48.58 -28.98
C PRO F 74 46.13 -47.22 -29.53
N TYR F 75 45.32 -47.19 -30.58
CA TYR F 75 44.92 -45.94 -31.22
C TYR F 75 43.73 -45.29 -30.54
N TRP F 76 43.09 -45.96 -29.58
CA TRP F 76 41.96 -45.40 -28.87
C TRP F 76 42.30 -44.03 -28.27
N ARG F 77 43.49 -43.90 -27.70
CA ARG F 77 43.90 -42.63 -27.10
C ARG F 77 43.87 -41.48 -28.10
N SER F 78 43.98 -41.77 -29.39
CA SER F 78 43.94 -40.72 -30.40
C SER F 78 42.56 -40.10 -30.56
N TYR F 79 41.50 -40.77 -30.07
CA TYR F 79 40.14 -40.31 -30.28
C TYR F 79 39.45 -39.92 -28.97
N PHE F 80 40.21 -39.61 -27.93
CA PHE F 80 39.63 -39.30 -26.62
C PHE F 80 39.19 -37.85 -26.51
N GLU F 81 39.88 -36.94 -27.22
CA GLU F 81 39.71 -35.50 -27.02
C GLU F 81 38.26 -35.08 -27.20
N ASN F 82 37.73 -34.38 -26.21
CA ASN F 82 36.44 -33.68 -26.21
C ASN F 82 35.24 -34.61 -26.06
N THR F 83 35.46 -35.88 -25.72
CA THR F 83 34.35 -36.81 -25.55
C THR F 83 33.40 -36.34 -24.45
N ASP F 84 32.10 -36.34 -24.76
CA ASP F 84 31.07 -35.94 -23.81
C ASP F 84 30.39 -37.11 -23.14
N ILE F 85 30.16 -38.21 -23.87
CA ILE F 85 29.65 -39.45 -23.30
C ILE F 85 30.47 -40.62 -23.84
N LEU F 86 30.85 -41.54 -22.96
CA LEU F 86 31.45 -42.81 -23.35
C LEU F 86 30.41 -43.92 -23.20
N ILE F 87 30.16 -44.64 -24.29
CA ILE F 87 29.34 -45.84 -24.27
C ILE F 87 30.27 -47.03 -24.51
N TYR F 88 30.31 -47.94 -23.54
CA TYR F 88 31.13 -49.14 -23.59
C TYR F 88 30.22 -50.35 -23.74
N VAL F 89 30.46 -51.14 -24.79
CA VAL F 89 29.59 -52.25 -25.16
C VAL F 89 30.28 -53.55 -24.79
N ILE F 90 29.56 -54.45 -24.14
CA ILE F 90 30.10 -55.75 -23.74
C ILE F 90 29.22 -56.86 -24.30
N ASP F 91 29.84 -57.81 -24.99
CA ASP F 91 29.18 -59.02 -25.44
C ASP F 91 28.79 -59.85 -24.22
N SER F 92 27.51 -59.81 -23.86
CA SER F 92 27.05 -60.43 -22.62
C SER F 92 27.08 -61.95 -22.69
N ALA F 93 27.13 -62.54 -23.88
CA ALA F 93 27.13 -63.99 -24.00
C ALA F 93 28.52 -64.60 -24.01
N ASP F 94 29.55 -63.81 -24.31
CA ASP F 94 30.93 -64.31 -24.33
C ASP F 94 31.51 -64.17 -22.93
N ARG F 95 31.34 -65.20 -22.12
CA ARG F 95 31.84 -65.16 -20.75
C ARG F 95 33.35 -65.32 -20.70
N LYS F 96 33.91 -66.07 -21.66
CA LYS F 96 35.37 -66.25 -21.74
C LYS F 96 36.12 -64.92 -21.69
N ARG F 97 35.47 -63.83 -22.11
CA ARG F 97 36.11 -62.54 -22.22
C ARG F 97 35.69 -61.57 -21.12
N PHE F 98 34.82 -62.00 -20.19
CA PHE F 98 34.35 -61.14 -19.12
C PHE F 98 35.49 -60.44 -18.41
N GLU F 99 36.53 -61.20 -18.03
CA GLU F 99 37.68 -60.60 -17.37
C GLU F 99 38.36 -59.59 -18.28
N GLU F 100 38.64 -59.98 -19.53
CA GLU F 100 39.38 -59.12 -20.44
C GLU F 100 38.72 -57.75 -20.59
N THR F 101 37.44 -57.73 -20.98
CA THR F 101 36.73 -56.46 -21.09
C THR F 101 36.70 -55.74 -19.74
N GLY F 102 36.59 -56.50 -18.65
CA GLY F 102 36.61 -55.90 -17.33
C GLY F 102 37.90 -55.13 -17.08
N GLN F 103 39.01 -55.61 -17.66
CA GLN F 103 40.27 -54.89 -17.54
C GLN F 103 40.24 -53.62 -18.36
N GLU F 104 39.76 -53.71 -19.61
CA GLU F 104 39.80 -52.57 -20.52
C GLU F 104 39.03 -51.39 -19.96
N LEU F 105 37.81 -51.63 -19.50
CA LEU F 105 37.01 -50.57 -18.89
C LEU F 105 37.78 -49.89 -17.76
N THR F 106 38.44 -50.69 -16.91
CA THR F 106 39.21 -50.10 -15.82
C THR F 106 40.30 -49.17 -16.34
N GLU F 107 40.95 -49.55 -17.45
CA GLU F 107 41.93 -48.65 -18.06
C GLU F 107 41.26 -47.38 -18.57
N LEU F 108 40.06 -47.52 -19.15
CA LEU F 108 39.42 -46.37 -19.79
C LEU F 108 39.04 -45.31 -18.75
N LEU F 109 38.60 -45.74 -17.57
CA LEU F 109 38.17 -44.81 -16.54
C LEU F 109 39.34 -44.21 -15.77
N GLU F 110 40.57 -44.67 -16.05
CA GLU F 110 41.77 -44.06 -15.52
C GLU F 110 42.44 -43.11 -16.50
N GLU F 111 42.20 -43.26 -17.80
CA GLU F 111 42.76 -42.37 -18.81
C GLU F 111 42.42 -40.92 -18.50
N GLU F 112 43.45 -40.06 -18.50
CA GLU F 112 43.27 -38.66 -18.10
C GLU F 112 42.43 -37.90 -19.12
N LYS F 113 42.57 -38.22 -20.42
CA LYS F 113 41.82 -37.51 -21.44
C LYS F 113 40.32 -37.76 -21.36
N LEU F 114 39.87 -38.77 -20.61
CA LEU F 114 38.47 -39.15 -20.54
C LEU F 114 37.89 -39.00 -19.14
N SER F 115 38.55 -38.21 -18.27
CA SER F 115 38.11 -38.08 -16.89
C SER F 115 36.78 -37.37 -16.80
N CYS F 116 35.90 -37.89 -15.93
CA CYS F 116 34.58 -37.36 -15.58
C CYS F 116 33.53 -37.64 -16.65
N VAL F 117 33.91 -38.21 -17.79
CA VAL F 117 32.95 -38.48 -18.86
C VAL F 117 31.96 -39.54 -18.41
N PRO F 118 30.65 -39.30 -18.51
CA PRO F 118 29.68 -40.34 -18.14
C PRO F 118 29.79 -41.57 -19.02
N VAL F 119 29.70 -42.75 -18.40
CA VAL F 119 29.90 -44.02 -19.09
C VAL F 119 28.64 -44.87 -18.97
N LEU F 120 28.03 -45.15 -20.12
CA LEU F 120 26.94 -46.12 -20.23
C LEU F 120 27.50 -47.45 -20.74
N ILE F 121 27.34 -48.49 -19.94
CA ILE F 121 27.78 -49.84 -20.27
C ILE F 121 26.58 -50.61 -20.82
N PHE F 122 26.58 -50.84 -22.12
CA PHE F 122 25.56 -51.66 -22.77
C PHE F 122 25.93 -53.13 -22.62
N ALA F 123 25.11 -53.87 -21.86
CA ALA F 123 25.24 -55.33 -21.81
C ALA F 123 24.53 -55.89 -23.03
N ASN F 124 25.25 -55.88 -24.15
CA ASN F 124 24.65 -56.15 -25.44
C ASN F 124 24.39 -57.65 -25.62
N LYS F 125 23.54 -57.96 -26.61
CA LYS F 125 23.22 -59.32 -27.01
C LYS F 125 22.31 -60.01 -25.99
N GLN F 126 21.46 -59.24 -25.31
CA GLN F 126 20.53 -59.78 -24.32
C GLN F 126 19.44 -60.64 -24.95
N ASP F 127 19.37 -60.74 -26.28
CA ASP F 127 18.39 -61.58 -26.93
C ASP F 127 18.78 -63.05 -26.92
N LEU F 128 19.99 -63.37 -26.46
CA LEU F 128 20.50 -64.73 -26.48
C LEU F 128 20.19 -65.43 -25.17
N LEU F 129 19.90 -66.73 -25.27
CA LEU F 129 19.65 -67.54 -24.09
C LEU F 129 20.87 -67.57 -23.18
N THR F 130 22.05 -67.75 -23.76
CA THR F 130 23.30 -67.83 -23.02
C THR F 130 23.80 -66.48 -22.53
N ALA F 131 23.11 -65.39 -22.86
CA ALA F 131 23.54 -64.05 -22.46
C ALA F 131 23.44 -63.89 -20.96
N ALA F 132 24.56 -63.56 -20.32
CA ALA F 132 24.57 -63.27 -18.89
C ALA F 132 23.72 -62.03 -18.60
N PRO F 133 22.96 -62.02 -17.51
CA PRO F 133 22.14 -60.85 -17.18
C PRO F 133 22.99 -59.63 -16.84
N ALA F 134 22.33 -58.47 -16.88
CA ALA F 134 23.02 -57.20 -16.67
C ALA F 134 23.54 -57.06 -15.24
N SER F 135 22.74 -57.48 -14.25
CA SER F 135 23.16 -57.36 -12.87
C SER F 135 24.43 -58.17 -12.60
N GLU F 136 24.50 -59.39 -13.14
CA GLU F 136 25.68 -60.22 -12.97
C GLU F 136 26.91 -59.57 -13.59
N ILE F 137 26.74 -58.92 -14.74
CA ILE F 137 27.87 -58.26 -15.40
C ILE F 137 28.32 -57.06 -14.58
N ALA F 138 27.37 -56.26 -14.07
CA ALA F 138 27.72 -55.10 -13.26
C ALA F 138 28.43 -55.51 -11.99
N GLU F 139 28.00 -56.61 -11.37
CA GLU F 139 28.69 -57.15 -10.20
C GLU F 139 30.10 -57.57 -10.55
N GLY F 140 30.25 -58.43 -11.56
CA GLY F 140 31.58 -58.87 -11.97
C GLY F 140 32.52 -57.74 -12.29
N LEU F 141 32.00 -56.66 -12.88
CA LEU F 141 32.83 -55.53 -13.26
C LEU F 141 33.12 -54.58 -12.11
N ASN F 142 32.42 -54.73 -10.98
CA ASN F 142 32.54 -53.81 -9.84
C ASN F 142 32.21 -52.37 -10.25
N LEU F 143 31.17 -52.22 -11.07
CA LEU F 143 30.72 -50.90 -11.47
C LEU F 143 30.19 -50.10 -10.29
N HIS F 144 29.93 -50.78 -9.16
CA HIS F 144 29.44 -50.15 -7.94
C HIS F 144 30.52 -49.32 -7.26
N THR F 145 31.79 -49.57 -7.57
CA THR F 145 32.88 -48.85 -6.92
C THR F 145 33.18 -47.49 -7.54
N ILE F 146 32.60 -47.17 -8.69
CA ILE F 146 32.84 -45.88 -9.32
C ILE F 146 32.23 -44.79 -8.44
N ARG F 147 33.06 -43.84 -8.03
CA ARG F 147 32.64 -42.78 -7.12
C ARG F 147 32.60 -41.42 -7.82
N ASP F 148 32.25 -41.44 -9.11
CA ASP F 148 32.16 -40.27 -9.95
C ASP F 148 31.68 -40.73 -11.32
N ARG F 149 31.95 -39.93 -12.35
CA ARG F 149 31.72 -40.32 -13.74
C ARG F 149 30.28 -40.66 -14.09
N VAL F 150 29.39 -40.79 -13.10
CA VAL F 150 27.98 -41.10 -13.34
C VAL F 150 27.91 -42.27 -14.32
N TRP F 151 28.03 -43.48 -13.80
CA TRP F 151 28.02 -44.65 -14.65
C TRP F 151 26.63 -45.25 -14.69
N GLN F 152 26.41 -46.17 -15.63
CA GLN F 152 25.12 -46.84 -15.69
C GLN F 152 25.23 -48.04 -16.61
N ILE F 153 24.62 -49.16 -16.20
CA ILE F 153 24.55 -50.35 -17.04
C ILE F 153 23.13 -50.51 -17.56
N GLN F 154 23.03 -51.12 -18.74
CA GLN F 154 21.73 -51.24 -19.43
C GLN F 154 21.72 -52.51 -20.26
N SER F 155 20.80 -53.43 -19.94
CA SER F 155 20.50 -54.55 -20.82
C SER F 155 20.04 -54.04 -22.19
N CYS F 156 20.52 -54.68 -23.25
CA CYS F 156 20.11 -54.29 -24.59
C CYS F 156 20.42 -55.42 -25.58
N SER F 157 19.83 -55.31 -26.76
CA SER F 157 20.14 -56.17 -27.89
C SER F 157 20.20 -55.30 -29.13
N ALA F 158 21.41 -55.10 -29.67
CA ALA F 158 21.56 -54.28 -30.87
C ALA F 158 20.88 -54.89 -32.08
N LEU F 159 20.70 -56.20 -32.10
CA LEU F 159 20.02 -56.85 -33.22
C LEU F 159 18.55 -56.42 -33.30
N THR F 160 17.85 -56.53 -32.17
CA THR F 160 16.42 -56.23 -32.15
C THR F 160 16.14 -54.77 -31.85
N GLY F 161 16.95 -54.15 -30.99
CA GLY F 161 16.74 -52.80 -30.54
C GLY F 161 16.26 -52.70 -29.12
N GLU F 162 15.79 -53.81 -28.54
CA GLU F 162 15.34 -53.84 -27.16
C GLU F 162 16.41 -53.27 -26.24
N GLY F 163 16.01 -52.32 -25.40
CA GLY F 163 16.89 -51.74 -24.41
C GLY F 163 17.74 -50.60 -24.89
N VAL F 164 17.92 -50.46 -26.21
CA VAL F 164 18.83 -49.45 -26.74
C VAL F 164 18.32 -48.05 -26.42
N GLN F 165 17.00 -47.83 -26.59
CA GLN F 165 16.47 -46.49 -26.34
C GLN F 165 16.45 -46.15 -24.86
N ASP F 166 16.34 -47.14 -23.97
CA ASP F 166 16.46 -46.86 -22.54
C ASP F 166 17.85 -46.31 -22.23
N GLY F 167 18.89 -46.98 -22.72
CA GLY F 167 20.24 -46.47 -22.57
C GLY F 167 20.43 -45.09 -23.17
N MET F 168 19.85 -44.86 -24.37
CA MET F 168 20.00 -43.55 -24.99
C MET F 168 19.24 -42.46 -24.24
N ASN F 169 18.11 -42.81 -23.62
CA ASN F 169 17.40 -41.86 -22.76
C ASN F 169 18.27 -41.49 -21.56
N TRP F 170 18.89 -42.49 -20.93
CA TRP F 170 19.84 -42.21 -19.86
C TRP F 170 20.95 -41.30 -20.34
N VAL F 171 21.51 -41.58 -21.52
CA VAL F 171 22.57 -40.73 -22.08
C VAL F 171 22.06 -39.30 -22.22
N CYS F 172 20.83 -39.13 -22.68
CA CYS F 172 20.27 -37.80 -22.84
C CYS F 172 20.14 -37.10 -21.49
N LYS F 173 19.78 -37.84 -20.44
CA LYS F 173 19.70 -37.24 -19.10
C LYS F 173 21.05 -36.70 -18.63
N ASN F 174 22.12 -37.44 -18.88
CA ASN F 174 23.45 -37.14 -18.34
C ASN F 174 24.44 -36.68 -19.40
N VAL F 175 24.06 -35.67 -20.19
CA VAL F 175 24.93 -35.20 -21.27
C VAL F 175 26.09 -34.36 -20.74
N ASN F 176 25.85 -33.50 -19.76
CA ASN F 176 26.85 -32.50 -19.35
C ASN F 176 27.68 -33.00 -18.18
N ALA F 177 29.00 -33.04 -18.38
CA ALA F 177 29.96 -33.30 -17.31
C ALA F 177 30.63 -31.97 -16.97
N LYS F 178 29.88 -31.15 -16.23
CA LYS F 178 30.33 -29.81 -15.86
C LYS F 178 31.14 -29.93 -14.57
N LYS F 179 32.46 -29.79 -14.68
CA LYS F 179 33.38 -29.80 -13.55
C LYS F 179 34.41 -28.69 -13.69
N LYS F 180 33.95 -27.51 -14.11
CA LYS F 180 34.85 -26.40 -14.34
C LYS F 180 34.52 -25.23 -13.40
N ASP G 1 -16.03 -47.84 39.01
CA ASP G 1 -15.06 -47.25 39.94
C ASP G 1 -13.67 -47.85 39.77
N THR G 2 -12.74 -47.00 39.35
CA THR G 2 -11.34 -47.36 39.09
C THR G 2 -11.22 -48.56 38.15
N ILE G 3 -11.52 -48.30 36.88
CA ILE G 3 -11.27 -49.22 35.80
C ILE G 3 -10.33 -48.53 34.83
N ARG G 4 -9.09 -48.97 34.77
CA ARG G 4 -8.17 -48.38 33.82
C ARG G 4 -8.11 -49.23 32.56
N PRO G 5 -7.70 -48.65 31.42
CA PRO G 5 -7.62 -49.45 30.19
C PRO G 5 -6.75 -50.69 30.33
N GLU G 6 -5.69 -50.63 31.12
CA GLU G 6 -4.81 -51.80 31.27
C GLU G 6 -5.52 -52.94 31.99
N HIS G 7 -6.41 -52.63 32.92
CA HIS G 7 -7.18 -53.67 33.62
C HIS G 7 -8.34 -54.19 32.79
N VAL G 8 -8.28 -53.98 31.48
CA VAL G 8 -9.33 -54.37 30.55
C VAL G 8 -8.69 -55.12 29.40
N LEU G 9 -7.46 -54.71 29.03
CA LEU G 9 -6.70 -55.40 27.99
C LEU G 9 -6.27 -56.79 28.42
N ARG G 10 -6.35 -57.13 29.71
CA ARG G 10 -5.96 -58.44 30.19
C ARG G 10 -7.13 -59.41 30.25
N LEU G 11 -8.35 -58.92 30.04
CA LEU G 11 -9.53 -59.79 30.06
C LEU G 11 -9.43 -60.88 29.01
N SER G 12 -9.94 -62.06 29.34
CA SER G 12 -9.95 -63.20 28.45
C SER G 12 -11.35 -63.55 27.96
N ARG G 13 -12.36 -62.83 28.43
CA ARG G 13 -13.74 -63.11 28.07
C ARG G 13 -14.58 -61.89 28.39
N VAL G 14 -15.74 -61.80 27.73
CA VAL G 14 -16.67 -60.70 27.98
C VAL G 14 -16.99 -60.60 29.46
N THR G 15 -17.12 -59.38 29.95
CA THR G 15 -17.45 -59.20 31.36
C THR G 15 -18.86 -59.68 31.63
N GLU G 16 -19.08 -60.12 32.87
CA GLU G 16 -20.36 -60.66 33.25
C GLU G 16 -21.39 -59.58 33.54
N ASN G 17 -20.95 -58.38 33.90
CA ASN G 17 -21.85 -57.28 34.24
C ASN G 17 -21.19 -55.99 33.79
N TYR G 18 -22.00 -54.92 33.76
CA TYR G 18 -21.48 -53.61 33.39
C TYR G 18 -20.50 -53.09 34.43
N LEU G 19 -19.45 -52.42 33.97
CA LEU G 19 -18.37 -51.95 34.83
C LEU G 19 -18.51 -50.49 35.23
N CYS G 20 -19.63 -49.85 34.89
CA CYS G 20 -19.84 -48.45 35.26
C CYS G 20 -21.30 -48.11 35.03
N LYS G 21 -21.70 -47.01 35.61
CA LYS G 21 -23.08 -46.56 35.55
C LYS G 21 -23.24 -45.55 34.41
N PRO G 22 -24.44 -45.44 33.84
CA PRO G 22 -24.66 -44.36 32.86
C PRO G 22 -24.31 -42.98 33.40
N GLU G 23 -24.38 -42.83 34.73
CA GLU G 23 -24.07 -41.57 35.39
C GLU G 23 -22.59 -41.22 35.33
N ASP G 24 -21.72 -42.19 35.02
CA ASP G 24 -20.29 -41.90 34.91
C ASP G 24 -19.97 -41.06 33.69
N ASN G 25 -20.91 -40.94 32.75
CA ASN G 25 -20.73 -40.15 31.53
C ASN G 25 -20.85 -38.67 31.90
N ILE G 26 -19.76 -38.12 32.45
CA ILE G 26 -19.77 -36.74 32.89
C ILE G 26 -19.65 -35.77 31.74
N TYR G 27 -19.32 -36.25 30.55
CA TYR G 27 -19.07 -35.41 29.39
C TYR G 27 -20.23 -35.42 28.40
N SER G 28 -21.38 -35.98 28.80
CA SER G 28 -22.56 -36.13 27.94
C SER G 28 -22.17 -36.51 26.52
N ILE G 29 -21.27 -37.49 26.41
CA ILE G 29 -20.95 -38.08 25.11
C ILE G 29 -22.12 -38.97 24.69
N ASP G 30 -22.66 -38.72 23.50
CA ASP G 30 -23.85 -39.42 23.02
C ASP G 30 -23.57 -39.95 21.62
N PHE G 31 -23.56 -41.27 21.48
CA PHE G 31 -23.41 -41.89 20.17
C PHE G 31 -24.68 -41.67 19.36
N THR G 32 -24.55 -40.98 18.23
CA THR G 32 -25.71 -40.60 17.44
C THR G 32 -25.88 -41.40 16.16
N ARG G 33 -24.87 -42.17 15.75
CA ARG G 33 -25.04 -42.87 14.47
C ARG G 33 -24.14 -44.09 14.41
N PHE G 34 -24.64 -45.18 13.82
CA PHE G 34 -23.85 -46.40 13.70
C PHE G 34 -24.03 -47.02 12.31
N LYS G 35 -22.93 -47.51 11.75
CA LYS G 35 -22.92 -48.05 10.39
C LYS G 35 -21.95 -49.21 10.23
N ILE G 36 -22.43 -50.32 9.68
CA ILE G 36 -21.57 -51.42 9.21
C ILE G 36 -21.72 -51.51 7.70
N ARG G 37 -20.58 -51.52 6.99
CA ARG G 37 -20.59 -51.71 5.54
C ARG G 37 -19.45 -52.62 5.11
N ASP G 38 -19.74 -53.46 4.11
CA ASP G 38 -18.73 -54.30 3.46
C ASP G 38 -17.95 -53.45 2.46
N LEU G 39 -16.64 -53.33 2.66
CA LEU G 39 -15.84 -52.46 1.80
C LEU G 39 -15.39 -53.14 0.51
N GLU G 40 -15.58 -54.45 0.37
CA GLU G 40 -15.26 -55.10 -0.89
C GLU G 40 -16.37 -54.88 -1.92
N THR G 41 -17.63 -54.96 -1.49
CA THR G 41 -18.75 -54.68 -2.39
C THR G 41 -19.31 -53.27 -2.22
N GLY G 42 -19.03 -52.60 -1.11
CA GLY G 42 -19.57 -51.29 -0.82
C GLY G 42 -20.94 -51.28 -0.20
N THR G 43 -21.61 -52.43 -0.12
CA THR G 43 -22.97 -52.49 0.42
C THR G 43 -22.98 -52.14 1.91
N VAL G 44 -23.95 -51.32 2.30
CA VAL G 44 -24.16 -50.95 3.69
C VAL G 44 -24.97 -52.05 4.37
N LEU G 45 -24.33 -52.80 5.27
CA LEU G 45 -25.01 -53.91 5.92
C LEU G 45 -26.05 -53.40 6.92
N PHE G 46 -25.67 -52.44 7.76
CA PHE G 46 -26.60 -51.92 8.74
C PHE G 46 -26.28 -50.45 8.99
N GLU G 47 -27.32 -49.63 9.18
CA GLU G 47 -27.07 -48.24 9.55
C GLU G 47 -28.28 -47.71 10.31
N ILE G 48 -28.01 -46.90 11.34
CA ILE G 48 -29.06 -46.26 12.10
C ILE G 48 -28.60 -44.86 12.50
N ALA G 49 -29.48 -43.89 12.32
CA ALA G 49 -29.24 -42.47 12.41
C ALA G 49 -29.86 -41.91 13.69
N LYS G 50 -29.78 -40.58 13.81
CA LYS G 50 -30.34 -39.86 14.94
C LYS G 50 -31.87 -39.75 14.91
N PRO G 51 -32.53 -39.45 13.78
CA PRO G 51 -34.00 -39.30 13.86
C PRO G 51 -34.71 -40.62 14.06
N CYS G 52 -34.07 -41.73 13.73
CA CYS G 52 -34.55 -43.07 14.04
C CYS G 52 -33.90 -43.53 15.34
N VAL G 53 -34.66 -44.22 16.18
CA VAL G 53 -34.18 -44.69 17.46
C VAL G 53 -33.92 -46.19 17.44
N SER G 54 -34.88 -46.98 16.99
CA SER G 54 -34.72 -48.42 16.94
C SER G 54 -35.74 -49.02 15.99
N ASP G 55 -35.51 -50.27 15.63
CA ASP G 55 -36.47 -51.09 14.90
C ASP G 55 -36.89 -52.31 15.72
N GLN G 56 -36.86 -52.17 17.04
CA GLN G 56 -37.09 -53.29 17.93
C GLN G 56 -38.55 -53.73 17.89
N GLU G 57 -38.77 -55.03 17.64
CA GLU G 57 -40.12 -55.57 17.51
C GLU G 57 -40.79 -55.87 18.84
N GLU G 58 -40.04 -55.86 19.94
CA GLU G 58 -40.58 -56.02 21.28
C GLU G 58 -40.36 -54.73 22.07
N ASP G 59 -40.91 -54.69 23.27
CA ASP G 59 -40.75 -53.54 24.16
C ASP G 59 -39.71 -53.86 25.23
N GLU G 60 -39.54 -52.91 26.16
CA GLU G 60 -38.48 -53.02 27.16
C GLU G 60 -38.65 -54.26 28.04
N GLU G 61 -39.88 -54.54 28.46
CA GLU G 61 -40.14 -55.70 29.30
C GLU G 61 -41.18 -56.60 28.66
N SER G 70 -28.66 -53.25 29.56
CA SER G 70 -30.03 -53.42 29.11
C SER G 70 -30.81 -52.11 29.21
N ALA G 71 -30.16 -51.09 29.77
CA ALA G 71 -30.78 -49.77 29.95
C ALA G 71 -30.29 -48.79 28.89
N GLY G 72 -30.35 -49.20 27.62
CA GLY G 72 -29.93 -48.36 26.52
C GLY G 72 -28.52 -48.62 26.02
N ARG G 73 -27.82 -49.60 26.56
CA ARG G 73 -26.45 -49.90 26.16
C ARG G 73 -26.31 -51.36 25.73
N PHE G 74 -27.32 -51.89 25.05
CA PHE G 74 -27.25 -53.27 24.58
C PHE G 74 -27.85 -53.37 23.18
N VAL G 75 -27.05 -53.84 22.24
CA VAL G 75 -27.50 -54.09 20.87
C VAL G 75 -27.05 -55.51 20.53
N ARG G 76 -27.75 -56.13 19.58
CA ARG G 76 -27.29 -57.42 19.09
C ARG G 76 -27.68 -57.57 17.62
N TYR G 77 -26.78 -58.14 16.83
CA TYR G 77 -26.96 -58.26 15.39
C TYR G 77 -26.94 -59.73 14.99
N GLN G 78 -27.78 -60.09 14.02
CA GLN G 78 -27.78 -61.41 13.42
C GLN G 78 -27.39 -61.28 11.95
N PHE G 79 -26.60 -62.23 11.47
CA PHE G 79 -26.15 -62.26 10.10
C PHE G 79 -26.37 -63.65 9.52
N THR G 80 -26.26 -63.74 8.20
CA THR G 80 -26.17 -65.03 7.55
C THR G 80 -24.73 -65.51 7.61
N PRO G 81 -24.50 -66.83 7.50
CA PRO G 81 -23.12 -67.33 7.49
C PRO G 81 -22.23 -66.60 6.49
N ALA G 82 -22.80 -66.08 5.39
CA ALA G 82 -22.02 -65.36 4.40
C ALA G 82 -21.25 -64.18 4.99
N PHE G 83 -21.80 -63.54 6.03
CA PHE G 83 -21.08 -62.43 6.67
C PHE G 83 -19.70 -62.87 7.14
N LEU G 84 -19.59 -64.11 7.60
CA LEU G 84 -18.31 -64.59 8.13
C LEU G 84 -17.31 -64.86 7.02
N ARG G 85 -17.68 -64.62 5.76
CA ARG G 85 -16.76 -64.72 4.65
C ARG G 85 -16.50 -63.36 4.00
N LEU G 86 -16.68 -62.28 4.75
CA LEU G 86 -16.35 -60.96 4.23
C LEU G 86 -14.86 -60.72 4.44
N ARG G 87 -14.21 -60.09 3.45
CA ARG G 87 -12.77 -59.90 3.55
C ARG G 87 -12.42 -58.68 4.41
N THR G 88 -13.00 -57.52 4.12
CA THR G 88 -12.72 -56.29 4.86
C THR G 88 -14.03 -55.61 5.22
N VAL G 89 -14.14 -55.15 6.46
CA VAL G 89 -15.38 -54.57 6.97
C VAL G 89 -15.09 -53.18 7.54
N GLY G 90 -16.08 -52.29 7.47
CA GLY G 90 -15.96 -50.97 8.03
C GLY G 90 -17.09 -50.63 8.99
N ALA G 91 -16.74 -50.42 10.26
CA ALA G 91 -17.69 -50.06 11.30
C ALA G 91 -17.49 -48.60 11.71
N THR G 92 -18.52 -47.79 11.55
CA THR G 92 -18.49 -46.36 11.80
C THR G 92 -19.34 -46.02 13.02
N VAL G 93 -18.76 -45.25 13.94
CA VAL G 93 -19.47 -44.69 15.08
C VAL G 93 -19.43 -43.17 14.98
N GLU G 94 -20.58 -42.54 15.23
CA GLU G 94 -20.68 -41.08 15.26
C GLU G 94 -21.24 -40.65 16.60
N PHE G 95 -20.49 -39.81 17.31
CA PHE G 95 -20.83 -39.35 18.65
C PHE G 95 -20.65 -37.84 18.77
N THR G 96 -21.48 -37.23 19.61
CA THR G 96 -21.36 -35.82 19.97
C THR G 96 -20.78 -35.67 21.37
N VAL G 97 -20.22 -34.49 21.63
CA VAL G 97 -19.59 -34.18 22.90
C VAL G 97 -20.26 -32.93 23.47
N GLY G 98 -20.21 -32.79 24.79
CA GLY G 98 -20.95 -31.78 25.51
C GLY G 98 -20.12 -30.57 25.89
N ASP G 99 -20.61 -29.83 26.89
CA ASP G 99 -20.00 -28.57 27.30
C ASP G 99 -18.53 -28.74 27.66
N LYS G 100 -18.24 -29.66 28.57
CA LYS G 100 -16.88 -29.87 29.03
C LYS G 100 -15.98 -30.29 27.86
N PRO G 101 -14.75 -29.79 27.80
CA PRO G 101 -13.79 -30.33 26.83
C PRO G 101 -13.29 -31.69 27.30
N VAL G 102 -12.81 -32.48 26.36
CA VAL G 102 -12.37 -33.85 26.63
C VAL G 102 -10.96 -34.02 26.12
N SER G 103 -10.03 -34.32 27.02
CA SER G 103 -8.67 -34.68 26.67
C SER G 103 -8.48 -36.18 26.80
N ASN G 104 -7.95 -36.81 25.75
CA ASN G 104 -7.66 -38.25 25.71
C ASN G 104 -8.94 -39.07 25.94
N PHE G 105 -9.77 -39.05 24.91
CA PHE G 105 -10.87 -40.02 24.79
C PHE G 105 -10.31 -41.25 24.10
N ARG G 106 -10.61 -42.43 24.64
CA ARG G 106 -10.01 -43.67 24.18
C ARG G 106 -11.11 -44.73 24.08
N MET G 107 -10.89 -45.69 23.19
CA MET G 107 -11.89 -46.71 22.88
C MET G 107 -11.22 -48.07 22.77
N ILE G 108 -11.73 -49.04 23.53
CA ILE G 108 -11.23 -50.41 23.49
C ILE G 108 -12.43 -51.32 23.28
N GLU G 109 -12.52 -51.92 22.09
CA GLU G 109 -13.61 -52.82 21.76
C GLU G 109 -13.03 -54.21 21.55
N ARG G 110 -13.54 -55.17 22.30
CA ARG G 110 -13.03 -56.54 22.28
C ARG G 110 -14.15 -57.50 21.93
N HIS G 111 -13.94 -58.30 20.88
CA HIS G 111 -14.88 -59.34 20.47
C HIS G 111 -14.34 -60.69 20.91
N TYR G 112 -15.13 -61.41 21.71
CA TYR G 112 -14.82 -62.76 22.12
C TYR G 112 -15.86 -63.75 21.58
N PHE G 113 -15.45 -65.02 21.57
CA PHE G 113 -16.35 -66.16 21.46
C PHE G 113 -15.97 -67.01 22.67
N ARG G 114 -16.80 -66.95 23.71
CA ARG G 114 -16.57 -67.66 24.96
C ARG G 114 -15.23 -67.19 25.55
N GLU G 115 -14.19 -68.00 25.47
CA GLU G 115 -12.85 -67.62 25.94
C GLU G 115 -11.88 -67.48 24.78
N HIS G 116 -12.35 -66.95 23.66
CA HIS G 116 -11.54 -66.77 22.46
C HIS G 116 -11.61 -65.33 22.00
N LEU G 117 -10.53 -64.58 22.20
CA LEU G 117 -10.48 -63.18 21.78
C LEU G 117 -10.41 -63.13 20.26
N LEU G 118 -11.49 -62.69 19.62
CA LEU G 118 -11.52 -62.61 18.16
C LEU G 118 -10.80 -61.37 17.67
N LYS G 119 -11.21 -60.20 18.13
CA LYS G 119 -10.68 -58.94 17.63
C LYS G 119 -10.51 -57.95 18.76
N ASN G 120 -9.38 -57.25 18.79
CA ASN G 120 -9.13 -56.18 19.74
C ASN G 120 -8.89 -54.89 18.95
N PHE G 121 -9.70 -53.87 19.23
CA PHE G 121 -9.56 -52.55 18.62
C PHE G 121 -9.31 -51.55 19.74
N ASP G 122 -8.07 -51.08 19.84
CA ASP G 122 -7.67 -50.11 20.86
C ASP G 122 -7.28 -48.83 20.12
N PHE G 123 -8.15 -47.83 20.18
CA PHE G 123 -7.94 -46.57 19.47
C PHE G 123 -8.02 -45.40 20.44
N ASP G 124 -7.00 -44.54 20.41
CA ASP G 124 -6.94 -43.35 21.25
C ASP G 124 -7.36 -42.15 20.40
N PHE G 125 -8.60 -41.69 20.58
CA PHE G 125 -9.04 -40.48 19.90
C PHE G 125 -8.24 -39.26 20.35
N GLY G 126 -8.00 -39.15 21.65
CA GLY G 126 -7.40 -37.94 22.18
C GLY G 126 -8.39 -36.83 22.41
N PHE G 127 -7.98 -35.59 22.14
CA PHE G 127 -8.80 -34.43 22.43
C PHE G 127 -10.11 -34.44 21.63
N CYS G 128 -11.19 -34.08 22.31
CA CYS G 128 -12.50 -33.91 21.69
C CYS G 128 -12.98 -32.48 21.89
N ILE G 129 -13.25 -31.79 20.79
CA ILE G 129 -13.76 -30.40 20.85
C ILE G 129 -15.11 -30.39 21.57
N PRO G 130 -15.38 -29.43 22.45
CA PRO G 130 -16.71 -29.36 23.08
C PRO G 130 -17.76 -29.03 22.03
N SER G 131 -18.94 -29.63 22.22
CA SER G 131 -20.09 -29.45 21.32
C SER G 131 -19.77 -29.91 19.89
N SER G 132 -18.82 -30.82 19.75
CA SER G 132 -18.45 -31.32 18.44
C SER G 132 -19.28 -32.56 18.08
N ARG G 133 -19.23 -32.93 16.81
CA ARG G 133 -19.83 -34.17 16.32
C ARG G 133 -18.79 -34.88 15.46
N ASN G 134 -18.30 -36.03 15.93
CA ASN G 134 -17.20 -36.72 15.29
C ASN G 134 -17.62 -38.10 14.84
N THR G 135 -16.94 -38.60 13.81
CA THR G 135 -17.14 -39.95 13.32
C THR G 135 -15.79 -40.68 13.28
N CYS G 136 -15.86 -42.00 13.41
CA CYS G 136 -14.68 -42.85 13.27
C CYS G 136 -15.11 -44.16 12.63
N GLU G 137 -14.53 -44.48 11.48
CA GLU G 137 -14.72 -45.77 10.83
C GLU G 137 -13.49 -46.62 10.99
N HIS G 138 -13.63 -47.73 11.71
CA HIS G 138 -12.59 -48.76 11.72
C HIS G 138 -12.78 -49.68 10.53
N ILE G 139 -11.79 -49.69 9.64
CA ILE G 139 -11.76 -50.57 8.48
C ILE G 139 -10.75 -51.66 8.76
N TYR G 140 -11.23 -52.89 8.97
CA TYR G 140 -10.34 -53.98 9.31
C TYR G 140 -10.43 -55.10 8.27
N GLU G 141 -9.26 -55.60 7.89
CA GLU G 141 -9.15 -56.91 7.28
C GLU G 141 -9.72 -57.94 8.24
N PHE G 142 -10.76 -58.65 7.80
CA PHE G 142 -11.45 -59.60 8.68
C PHE G 142 -10.44 -60.50 9.38
N PRO G 143 -10.58 -60.73 10.68
CA PRO G 143 -9.64 -61.61 11.38
C PRO G 143 -9.66 -63.01 10.80
N GLN G 144 -8.48 -63.62 10.74
CA GLN G 144 -8.36 -64.97 10.21
C GLN G 144 -8.95 -65.94 11.22
N LEU G 145 -10.19 -66.35 10.97
CA LEU G 145 -10.92 -67.24 11.86
C LEU G 145 -10.79 -68.66 11.32
N SER G 146 -10.27 -69.57 12.14
CA SER G 146 -10.20 -70.96 11.75
C SER G 146 -11.60 -71.50 11.46
N GLU G 147 -11.65 -72.51 10.58
CA GLU G 147 -12.93 -73.07 10.19
C GLU G 147 -13.67 -73.68 11.37
N ASP G 148 -12.94 -74.14 12.39
CA ASP G 148 -13.58 -74.60 13.61
C ASP G 148 -14.28 -73.46 14.34
N VAL G 149 -13.60 -72.32 14.47
CA VAL G 149 -14.20 -71.16 15.12
C VAL G 149 -15.42 -70.67 14.35
N ILE G 150 -15.33 -70.65 13.02
CA ILE G 150 -16.48 -70.27 12.19
C ILE G 150 -17.63 -71.23 12.41
N ARG G 151 -17.34 -72.53 12.34
CA ARG G 151 -18.34 -73.57 12.64
C ARG G 151 -19.06 -73.26 13.95
N LEU G 152 -18.29 -73.03 15.01
CA LEU G 152 -18.89 -72.79 16.32
C LEU G 152 -19.72 -71.50 16.32
N MET G 153 -19.18 -70.43 15.73
CA MET G 153 -19.88 -69.16 15.70
C MET G 153 -21.22 -69.28 14.99
N ILE G 154 -21.26 -70.02 13.88
CA ILE G 154 -22.55 -70.29 13.22
C ILE G 154 -23.45 -71.08 14.15
N GLU G 155 -22.94 -72.17 14.72
CA GLU G 155 -23.78 -73.11 15.44
C GLU G 155 -24.25 -72.60 16.79
N ASN G 156 -23.54 -71.65 17.40
CA ASN G 156 -23.92 -71.13 18.70
C ASN G 156 -24.30 -69.65 18.59
N PRO G 157 -25.56 -69.34 18.25
CA PRO G 157 -25.96 -67.93 18.14
C PRO G 157 -25.77 -67.19 19.45
N TYR G 158 -25.17 -66.00 19.36
CA TYR G 158 -25.07 -65.02 20.46
C TYR G 158 -24.13 -65.47 21.56
N GLU G 159 -23.31 -66.49 21.32
CA GLU G 159 -22.16 -66.75 22.18
C GLU G 159 -20.94 -65.96 21.74
N THR G 160 -21.00 -65.34 20.57
CA THR G 160 -20.04 -64.32 20.16
C THR G 160 -20.50 -62.99 20.73
N ARG G 161 -19.73 -62.44 21.68
CA ARG G 161 -20.11 -61.22 22.36
C ARG G 161 -18.96 -60.21 22.32
N SER G 162 -19.29 -58.94 22.53
CA SER G 162 -18.29 -57.89 22.48
C SER G 162 -18.49 -56.89 23.61
N ASP G 163 -17.37 -56.38 24.10
CA ASP G 163 -17.33 -55.31 25.09
C ASP G 163 -16.82 -54.03 24.44
N SER G 164 -17.55 -52.93 24.62
CA SER G 164 -17.11 -51.61 24.18
C SER G 164 -16.82 -50.77 25.42
N PHE G 165 -15.54 -50.54 25.71
CA PHE G 165 -15.12 -49.70 26.81
C PHE G 165 -14.67 -48.35 26.26
N TYR G 166 -15.11 -47.28 26.90
CA TYR G 166 -14.76 -45.93 26.51
C TYR G 166 -14.17 -45.22 27.72
N PHE G 167 -12.98 -44.66 27.56
CA PHE G 167 -12.23 -44.06 28.65
C PHE G 167 -12.00 -42.58 28.39
N VAL G 168 -11.92 -41.81 29.48
CA VAL G 168 -11.51 -40.42 29.45
C VAL G 168 -10.43 -40.28 30.51
N ASP G 169 -9.19 -40.04 30.09
CA ASP G 169 -8.05 -39.93 30.99
C ASP G 169 -7.85 -41.23 31.78
N ASN G 170 -7.93 -42.36 31.09
CA ASN G 170 -7.75 -43.70 31.66
C ASN G 170 -8.80 -44.03 32.72
N LYS G 171 -9.97 -43.40 32.64
CA LYS G 171 -11.05 -43.57 33.60
C LYS G 171 -12.30 -43.98 32.83
N LEU G 172 -12.73 -45.24 33.01
CA LEU G 172 -13.89 -45.75 32.29
C LEU G 172 -15.10 -44.84 32.48
N ILE G 173 -15.80 -44.57 31.38
CA ILE G 173 -16.87 -43.59 31.35
C ILE G 173 -18.14 -44.26 30.85
N MET G 174 -17.99 -45.21 29.93
CA MET G 174 -19.12 -45.79 29.22
C MET G 174 -18.82 -47.25 28.93
N HIS G 175 -19.82 -48.10 29.06
CA HIS G 175 -19.66 -49.54 28.81
C HIS G 175 -20.89 -50.06 28.09
N ASN G 176 -20.73 -50.40 26.80
CA ASN G 176 -21.77 -51.01 26.00
C ASN G 176 -21.41 -52.46 25.67
N LYS G 177 -22.43 -53.28 25.46
CA LYS G 177 -22.24 -54.68 25.15
C LYS G 177 -23.02 -55.06 23.89
N ALA G 178 -22.66 -56.21 23.32
CA ALA G 178 -23.32 -56.69 22.12
C ALA G 178 -23.12 -58.19 21.97
N ASP G 179 -24.14 -58.87 21.46
CA ASP G 179 -24.05 -60.28 21.07
C ASP G 179 -24.29 -60.39 19.56
N TYR G 180 -23.61 -61.34 18.93
CA TYR G 180 -23.72 -61.53 17.49
C TYR G 180 -24.08 -62.97 17.16
N ALA G 181 -24.95 -63.14 16.16
CA ALA G 181 -25.34 -64.45 15.65
C ALA G 181 -25.15 -64.48 14.15
N TYR G 182 -24.92 -65.69 13.61
CA TYR G 182 -24.58 -65.87 12.20
C TYR G 182 -25.45 -66.98 11.60
N ASN G 183 -26.77 -66.72 11.59
CA ASN G 183 -27.74 -67.62 10.97
C ASN G 183 -28.54 -66.87 9.91
N THR H 2 -24.77 -25.59 -24.25
CA THR H 2 -23.70 -24.73 -23.76
C THR H 2 -22.36 -25.47 -23.87
N ILE H 3 -21.42 -24.86 -24.58
CA ILE H 3 -20.15 -25.47 -24.94
C ILE H 3 -19.01 -24.74 -24.23
N ARG H 4 -18.20 -25.50 -23.49
CA ARG H 4 -17.07 -24.99 -22.73
C ARG H 4 -15.80 -25.04 -23.58
N PRO H 5 -14.78 -24.21 -23.25
CA PRO H 5 -13.55 -24.22 -24.07
C PRO H 5 -12.87 -25.57 -24.16
N GLU H 6 -12.89 -26.36 -23.09
CA GLU H 6 -12.26 -27.67 -23.13
C GLU H 6 -12.99 -28.61 -24.08
N HIS H 7 -14.28 -28.35 -24.32
CA HIS H 7 -15.11 -29.14 -25.22
C HIS H 7 -14.77 -28.86 -26.68
N VAL H 8 -13.60 -28.30 -26.93
CA VAL H 8 -13.25 -27.84 -28.27
C VAL H 8 -11.88 -28.34 -28.72
N LEU H 9 -10.93 -28.41 -27.77
CA LEU H 9 -9.61 -28.94 -28.07
C LEU H 9 -9.63 -30.43 -28.39
N ARG H 10 -10.76 -31.10 -28.16
CA ARG H 10 -10.89 -32.53 -28.37
C ARG H 10 -11.41 -32.86 -29.77
N LEU H 11 -11.80 -31.84 -30.54
CA LEU H 11 -12.23 -32.01 -31.91
C LEU H 11 -11.14 -32.59 -32.80
N SER H 12 -11.54 -33.41 -33.76
CA SER H 12 -10.62 -34.00 -34.73
C SER H 12 -10.82 -33.44 -36.13
N ARG H 13 -11.80 -32.56 -36.32
CA ARG H 13 -12.12 -31.98 -37.63
C ARG H 13 -13.00 -30.77 -37.41
N VAL H 14 -13.03 -29.90 -38.42
CA VAL H 14 -13.93 -28.74 -38.38
C VAL H 14 -15.35 -29.21 -38.13
N THR H 15 -16.08 -28.45 -37.31
CA THR H 15 -17.46 -28.80 -37.00
C THR H 15 -18.38 -28.60 -38.20
N GLU H 16 -19.46 -29.38 -38.23
CA GLU H 16 -20.42 -29.28 -39.33
C GLU H 16 -21.33 -28.07 -39.19
N ASN H 17 -21.49 -27.53 -37.99
CA ASN H 17 -22.43 -26.44 -37.77
C ASN H 17 -21.85 -25.49 -36.73
N TYR H 18 -22.44 -24.29 -36.69
CA TYR H 18 -22.07 -23.29 -35.70
C TYR H 18 -22.50 -23.74 -34.30
N LEU H 19 -21.67 -23.45 -33.30
CA LEU H 19 -21.93 -23.88 -31.93
C LEU H 19 -22.56 -22.81 -31.07
N CYS H 20 -22.99 -21.69 -31.65
CA CYS H 20 -23.67 -20.64 -30.90
C CYS H 20 -24.30 -19.67 -31.89
N LYS H 21 -25.22 -18.87 -31.38
CA LYS H 21 -25.89 -17.90 -32.22
C LYS H 21 -25.22 -16.54 -32.09
N PRO H 22 -25.31 -15.71 -33.13
CA PRO H 22 -24.78 -14.34 -33.04
C PRO H 22 -25.28 -13.54 -31.86
N GLU H 23 -26.46 -13.87 -31.33
CA GLU H 23 -27.04 -13.15 -30.20
C GLU H 23 -26.26 -13.36 -28.91
N ASP H 24 -25.37 -14.34 -28.86
CA ASP H 24 -24.62 -14.59 -27.63
C ASP H 24 -23.61 -13.51 -27.31
N ASN H 25 -23.25 -12.63 -28.26
CA ASN H 25 -22.24 -11.60 -28.01
C ASN H 25 -22.82 -10.48 -27.14
N ILE H 26 -22.98 -10.79 -25.85
CA ILE H 26 -23.53 -9.84 -24.89
C ILE H 26 -22.50 -8.85 -24.37
N TYR H 27 -21.22 -9.07 -24.66
CA TYR H 27 -20.15 -8.23 -24.13
C TYR H 27 -19.68 -7.18 -25.13
N SER H 28 -20.42 -7.02 -26.23
CA SER H 28 -20.09 -6.11 -27.33
C SER H 28 -18.60 -6.08 -27.64
N ILE H 29 -18.00 -7.26 -27.70
CA ILE H 29 -16.64 -7.40 -28.24
C ILE H 29 -16.75 -7.35 -29.77
N ASP H 30 -16.00 -6.43 -30.39
CA ASP H 30 -16.12 -6.20 -31.83
C ASP H 30 -14.74 -6.21 -32.47
N PHE H 31 -14.51 -7.20 -33.35
CA PHE H 31 -13.28 -7.24 -34.12
C PHE H 31 -13.30 -6.15 -35.17
N THR H 32 -12.33 -5.24 -35.10
CA THR H 32 -12.31 -4.08 -35.99
C THR H 32 -11.20 -4.15 -37.04
N ARG H 33 -10.24 -5.08 -36.92
CA ARG H 33 -9.15 -5.06 -37.87
C ARG H 33 -8.51 -6.45 -37.98
N PHE H 34 -8.12 -6.83 -39.20
CA PHE H 34 -7.49 -8.12 -39.43
C PHE H 34 -6.35 -7.99 -40.43
N LYS H 35 -5.24 -8.68 -40.17
CA LYS H 35 -4.06 -8.57 -41.04
C LYS H 35 -3.29 -9.87 -41.11
N ILE H 36 -2.98 -10.31 -42.34
CA ILE H 36 -2.05 -11.40 -42.60
C ILE H 36 -0.80 -10.82 -43.28
N ARG H 37 0.38 -11.14 -42.74
CA ARG H 37 1.62 -10.67 -43.35
C ARG H 37 2.71 -11.75 -43.31
N ASP H 38 3.52 -11.76 -44.37
CA ASP H 38 4.72 -12.59 -44.44
C ASP H 38 5.82 -11.91 -43.61
N LEU H 39 6.27 -12.58 -42.55
CA LEU H 39 7.21 -11.97 -41.63
C LEU H 39 8.67 -12.11 -42.01
N GLU H 40 9.00 -12.92 -43.03
CA GLU H 40 10.39 -12.94 -43.49
C GLU H 40 10.67 -11.76 -44.41
N THR H 41 9.72 -11.43 -45.30
CA THR H 41 9.86 -10.30 -46.20
C THR H 41 9.14 -9.05 -45.71
N GLY H 42 8.21 -9.17 -44.76
CA GLY H 42 7.43 -8.05 -44.30
C GLY H 42 6.21 -7.74 -45.13
N THR H 43 6.01 -8.41 -46.26
CA THR H 43 4.90 -8.09 -47.13
C THR H 43 3.56 -8.33 -46.43
N VAL H 44 2.68 -7.34 -46.51
CA VAL H 44 1.33 -7.47 -45.95
C VAL H 44 0.46 -8.20 -46.97
N LEU H 45 0.12 -9.45 -46.67
CA LEU H 45 -0.64 -10.26 -47.62
C LEU H 45 -2.08 -9.79 -47.72
N PHE H 46 -2.72 -9.57 -46.57
CA PHE H 46 -4.11 -9.13 -46.55
C PHE H 46 -4.32 -8.24 -45.35
N GLU H 47 -5.15 -7.21 -45.51
CA GLU H 47 -5.53 -6.39 -44.37
C GLU H 47 -6.87 -5.74 -44.63
N ILE H 48 -7.71 -5.70 -43.60
CA ILE H 48 -8.99 -4.99 -43.68
C ILE H 48 -9.28 -4.39 -42.31
N ALA H 49 -9.59 -3.09 -42.28
CA ALA H 49 -9.69 -2.36 -41.02
C ALA H 49 -10.86 -1.37 -41.06
N LYS H 50 -11.03 -0.70 -39.91
CA LYS H 50 -11.91 0.38 -39.48
C LYS H 50 -13.10 0.62 -40.45
N PRO H 51 -13.17 1.65 -41.31
CA PRO H 51 -14.44 1.85 -42.04
C PRO H 51 -14.67 0.81 -43.13
N CYS H 52 -13.64 0.10 -43.56
CA CYS H 52 -13.81 -0.93 -44.58
C CYS H 52 -14.48 -2.15 -43.95
N VAL H 53 -15.61 -2.55 -44.52
CA VAL H 53 -16.37 -3.69 -44.01
C VAL H 53 -16.08 -4.96 -44.80
N SER H 54 -16.04 -4.85 -46.12
CA SER H 54 -15.76 -6.01 -46.98
C SER H 54 -15.37 -5.50 -48.36
N ASP H 55 -14.87 -6.42 -49.18
CA ASP H 55 -14.60 -6.17 -50.59
C ASP H 55 -15.25 -7.24 -51.46
N GLN H 56 -16.29 -7.90 -50.95
CA GLN H 56 -16.85 -9.07 -51.62
C GLN H 56 -17.73 -8.64 -52.79
N GLU H 57 -17.47 -9.23 -53.95
CA GLU H 57 -18.40 -9.16 -55.05
C GLU H 57 -19.50 -10.19 -54.86
N GLU H 58 -20.52 -10.10 -55.71
CA GLU H 58 -21.55 -11.13 -55.84
C GLU H 58 -22.17 -11.48 -54.48
N ASP H 59 -22.97 -10.55 -53.98
CA ASP H 59 -23.69 -10.81 -52.73
C ASP H 59 -24.83 -9.81 -52.54
N SER H 70 -25.95 -16.94 -40.67
CA SER H 70 -24.98 -17.45 -41.62
C SER H 70 -23.90 -16.42 -41.93
N ALA H 71 -24.32 -15.19 -42.20
CA ALA H 71 -23.42 -14.14 -42.65
C ALA H 71 -22.80 -13.41 -41.47
N GLY H 72 -21.77 -12.60 -41.78
CA GLY H 72 -21.04 -11.84 -40.80
C GLY H 72 -19.89 -12.59 -40.15
N ARG H 73 -19.95 -13.92 -40.13
CA ARG H 73 -18.97 -14.72 -39.42
C ARG H 73 -18.39 -15.81 -40.31
N PHE H 74 -18.23 -15.55 -41.59
CA PHE H 74 -17.62 -16.52 -42.50
C PHE H 74 -16.77 -15.77 -43.52
N VAL H 75 -15.49 -16.13 -43.61
CA VAL H 75 -14.57 -15.59 -44.59
C VAL H 75 -13.88 -16.76 -45.27
N ARG H 76 -13.38 -16.53 -46.47
CA ARG H 76 -12.55 -17.55 -47.11
C ARG H 76 -11.49 -16.84 -47.95
N TYR H 77 -10.26 -17.35 -47.91
CA TYR H 77 -9.14 -16.74 -48.59
C TYR H 77 -8.55 -17.70 -49.61
N GLN H 78 -8.13 -17.17 -50.74
CA GLN H 78 -7.40 -17.92 -51.75
C GLN H 78 -6.00 -17.34 -51.86
N PHE H 79 -5.02 -18.21 -52.03
CA PHE H 79 -3.63 -17.81 -52.16
C PHE H 79 -3.04 -18.48 -53.38
N THR H 80 -1.89 -17.98 -53.78
CA THR H 80 -1.15 -18.74 -54.77
C THR H 80 -0.39 -19.84 -54.05
N PRO H 81 -0.07 -20.95 -54.74
CA PRO H 81 0.66 -22.05 -54.08
C PRO H 81 1.90 -21.62 -53.32
N ALA H 82 2.57 -20.54 -53.74
CA ALA H 82 3.77 -20.07 -53.06
C ALA H 82 3.52 -19.81 -51.58
N PHE H 83 2.30 -19.41 -51.21
CA PHE H 83 1.97 -19.17 -49.81
C PHE H 83 2.30 -20.37 -48.94
N LEU H 84 2.13 -21.59 -49.48
CA LEU H 84 2.33 -22.78 -48.67
C LEU H 84 3.79 -23.08 -48.41
N ARG H 85 4.73 -22.30 -48.94
CA ARG H 85 6.15 -22.47 -48.65
C ARG H 85 6.72 -21.27 -47.89
N LEU H 86 5.88 -20.57 -47.12
CA LEU H 86 6.35 -19.47 -46.30
C LEU H 86 6.96 -20.01 -45.00
N ARG H 87 7.97 -19.30 -44.50
CA ARG H 87 8.64 -19.76 -43.27
C ARG H 87 7.83 -19.39 -42.04
N THR H 88 7.51 -18.09 -41.88
CA THR H 88 6.80 -17.58 -40.72
C THR H 88 5.72 -16.61 -41.16
N VAL H 89 4.55 -16.71 -40.53
CA VAL H 89 3.39 -15.90 -40.89
C VAL H 89 2.92 -15.16 -39.65
N GLY H 90 2.34 -13.98 -39.86
CA GLY H 90 1.78 -13.20 -38.77
C GLY H 90 0.32 -12.81 -39.00
N ALA H 91 -0.56 -13.32 -38.14
CA ALA H 91 -1.99 -13.02 -38.20
C ALA H 91 -2.37 -12.14 -37.01
N THR H 92 -2.88 -10.95 -37.31
CA THR H 92 -3.23 -9.95 -36.31
C THR H 92 -4.74 -9.72 -36.28
N VAL H 93 -5.30 -9.76 -35.08
CA VAL H 93 -6.69 -9.38 -34.85
C VAL H 93 -6.71 -8.18 -33.91
N GLU H 94 -7.55 -7.19 -34.24
CA GLU H 94 -7.76 -6.01 -33.41
C GLU H 94 -9.25 -5.93 -33.10
N PHE H 95 -9.57 -5.95 -31.80
CA PHE H 95 -10.93 -5.96 -31.30
C PHE H 95 -11.09 -4.94 -30.18
N THR H 96 -12.28 -4.37 -30.08
CA THR H 96 -12.64 -3.49 -28.98
C THR H 96 -13.56 -4.20 -27.99
N VAL H 97 -13.59 -3.68 -26.77
CA VAL H 97 -14.39 -4.25 -25.70
C VAL H 97 -15.30 -3.14 -25.18
N GLY H 98 -16.47 -3.52 -24.67
CA GLY H 98 -17.51 -2.60 -24.31
C GLY H 98 -17.61 -2.33 -22.82
N ASP H 99 -18.78 -1.83 -22.41
CA ASP H 99 -19.01 -1.43 -21.03
C ASP H 99 -18.77 -2.58 -20.06
N LYS H 100 -19.36 -3.74 -20.34
CA LYS H 100 -19.18 -4.88 -19.45
C LYS H 100 -17.69 -5.18 -19.29
N PRO H 101 -17.24 -5.48 -18.08
CA PRO H 101 -15.87 -5.96 -17.93
C PRO H 101 -15.75 -7.39 -18.40
N VAL H 102 -14.56 -7.77 -18.79
CA VAL H 102 -14.30 -9.11 -19.31
C VAL H 102 -13.12 -9.68 -18.55
N SER H 103 -13.38 -10.74 -17.78
CA SER H 103 -12.34 -11.53 -17.14
C SER H 103 -12.23 -12.84 -17.90
N ASN H 104 -10.99 -13.19 -18.29
CA ASN H 104 -10.72 -14.43 -19.03
C ASN H 104 -11.45 -14.46 -20.37
N PHE H 105 -10.97 -13.61 -21.27
CA PHE H 105 -11.27 -13.70 -22.69
C PHE H 105 -10.27 -14.66 -23.31
N ARG H 106 -10.75 -15.60 -24.10
CA ARG H 106 -9.93 -16.69 -24.61
C ARG H 106 -10.26 -16.94 -26.08
N MET H 107 -9.28 -17.45 -26.81
CA MET H 107 -9.39 -17.66 -28.25
C MET H 107 -8.76 -19.00 -28.62
N ILE H 108 -9.52 -19.85 -29.32
CA ILE H 108 -9.05 -21.14 -29.80
C ILE H 108 -9.31 -21.22 -31.29
N GLU H 109 -8.25 -21.20 -32.10
CA GLU H 109 -8.38 -21.27 -33.55
C GLU H 109 -7.68 -22.53 -34.05
N ARG H 110 -8.44 -23.37 -34.75
CA ARG H 110 -7.95 -24.66 -35.23
C ARG H 110 -8.11 -24.77 -36.74
N HIS H 111 -7.01 -25.05 -37.43
CA HIS H 111 -7.01 -25.27 -38.87
C HIS H 111 -6.84 -26.76 -39.17
N TYR H 112 -7.81 -27.33 -39.90
CA TYR H 112 -7.72 -28.68 -40.40
C TYR H 112 -7.70 -28.67 -41.92
N PHE H 113 -7.21 -29.77 -42.50
CA PHE H 113 -7.44 -30.11 -43.90
C PHE H 113 -7.96 -31.54 -43.95
N ARG H 114 -9.27 -31.71 -44.02
CA ARG H 114 -9.91 -33.01 -44.18
C ARG H 114 -9.39 -34.01 -43.14
N GLU H 115 -9.66 -33.68 -41.86
CA GLU H 115 -9.33 -34.54 -40.73
C GLU H 115 -7.81 -34.59 -40.50
N HIS H 116 -7.13 -33.47 -40.74
CA HIS H 116 -5.70 -33.31 -40.53
C HIS H 116 -5.50 -32.03 -39.74
N LEU H 117 -5.16 -32.13 -38.45
CA LEU H 117 -4.98 -30.93 -37.65
C LEU H 117 -3.70 -30.23 -38.10
N LEU H 118 -3.85 -29.12 -38.83
CA LEU H 118 -2.71 -28.36 -39.31
C LEU H 118 -2.14 -27.46 -38.24
N LYS H 119 -2.96 -26.57 -37.67
CA LYS H 119 -2.49 -25.57 -36.74
C LYS H 119 -3.51 -25.38 -35.62
N ASN H 120 -3.00 -25.32 -34.39
CA ASN H 120 -3.82 -25.04 -33.21
C ASN H 120 -3.27 -23.78 -32.54
N PHE H 121 -4.13 -22.77 -32.38
CA PHE H 121 -3.77 -21.55 -31.67
C PHE H 121 -4.75 -21.37 -30.52
N ASP H 122 -4.29 -21.63 -29.30
CA ASP H 122 -5.09 -21.48 -28.09
C ASP H 122 -4.44 -20.40 -27.24
N PHE H 123 -5.04 -19.22 -27.21
CA PHE H 123 -4.50 -18.08 -26.49
C PHE H 123 -5.51 -17.56 -25.49
N ASP H 124 -5.06 -17.41 -24.24
CA ASP H 124 -5.88 -16.88 -23.16
C ASP H 124 -5.50 -15.42 -22.94
N PHE H 125 -6.33 -14.51 -23.44
CA PHE H 125 -6.11 -13.08 -23.17
C PHE H 125 -6.24 -12.79 -21.69
N GLY H 126 -7.26 -13.37 -21.04
CA GLY H 126 -7.55 -13.01 -19.68
C GLY H 126 -8.36 -11.73 -19.59
N PHE H 127 -8.09 -10.91 -18.58
CA PHE H 127 -8.87 -9.70 -18.36
C PHE H 127 -8.77 -8.75 -19.54
N CYS H 128 -9.90 -8.16 -19.92
CA CYS H 128 -9.95 -7.13 -20.95
C CYS H 128 -10.49 -5.85 -20.34
N ILE H 129 -9.70 -4.78 -20.43
CA ILE H 129 -10.11 -3.48 -19.88
C ILE H 129 -11.37 -3.01 -20.58
N PRO H 130 -12.35 -2.47 -19.85
CA PRO H 130 -13.56 -1.96 -20.52
C PRO H 130 -13.24 -0.77 -21.42
N SER H 131 -13.97 -0.69 -22.54
CA SER H 131 -13.82 0.39 -23.52
C SER H 131 -12.41 0.42 -24.11
N SER H 132 -11.74 -0.73 -24.14
CA SER H 132 -10.39 -0.83 -24.65
C SER H 132 -10.40 -1.17 -26.15
N ARG H 133 -9.22 -1.01 -26.76
CA ARG H 133 -8.97 -1.46 -28.13
C ARG H 133 -7.65 -2.23 -28.11
N ASN H 134 -7.71 -3.53 -28.37
CA ASN H 134 -6.56 -4.41 -28.21
C ASN H 134 -6.25 -5.08 -29.54
N THR H 135 -4.97 -5.44 -29.70
CA THR H 135 -4.52 -6.22 -30.85
C THR H 135 -3.75 -7.43 -30.35
N CYS H 136 -3.73 -8.47 -31.17
CA CYS H 136 -2.93 -9.67 -30.93
C CYS H 136 -2.43 -10.19 -32.27
N GLU H 137 -1.12 -10.26 -32.43
CA GLU H 137 -0.49 -10.86 -33.60
C GLU H 137 0.10 -12.21 -33.20
N HIS H 138 -0.43 -13.28 -33.77
CA HIS H 138 0.19 -14.58 -33.70
C HIS H 138 1.25 -14.70 -34.78
N ILE H 139 2.50 -14.82 -34.37
CA ILE H 139 3.63 -15.00 -35.28
C ILE H 139 4.06 -16.46 -35.16
N TYR H 140 3.79 -17.25 -36.20
CA TYR H 140 4.09 -18.68 -36.13
C TYR H 140 5.03 -19.12 -37.24
N GLU H 141 6.00 -19.95 -36.85
CA GLU H 141 6.72 -20.80 -37.80
C GLU H 141 5.71 -21.72 -38.49
N PHE H 142 5.65 -21.62 -39.81
CA PHE H 142 4.70 -22.41 -40.60
C PHE H 142 4.74 -23.87 -40.19
N PRO H 143 3.60 -24.54 -40.07
CA PRO H 143 3.59 -25.96 -39.69
C PRO H 143 4.33 -26.80 -40.73
N GLN H 144 5.05 -27.80 -40.23
CA GLN H 144 5.83 -28.70 -41.08
C GLN H 144 4.88 -29.62 -41.85
N LEU H 145 4.60 -29.27 -43.10
CA LEU H 145 3.66 -29.98 -43.94
C LEU H 145 4.40 -30.90 -44.91
N SER H 146 4.05 -32.19 -44.89
CA SER H 146 4.59 -33.11 -45.89
C SER H 146 4.14 -32.69 -47.29
N GLU H 147 4.96 -33.07 -48.28
CA GLU H 147 4.66 -32.66 -49.65
C GLU H 147 3.35 -33.24 -50.16
N ASP H 148 2.92 -34.39 -49.62
CA ASP H 148 1.62 -34.94 -49.97
C ASP H 148 0.48 -34.03 -49.50
N VAL H 149 0.57 -33.56 -48.24
CA VAL H 149 -0.47 -32.67 -47.72
C VAL H 149 -0.53 -31.38 -48.51
N ILE H 150 0.64 -30.82 -48.86
CA ILE H 150 0.66 -29.62 -49.68
C ILE H 150 0.02 -29.89 -51.05
N ARG H 151 0.44 -30.99 -51.68
CA ARG H 151 -0.17 -31.41 -52.94
C ARG H 151 -1.69 -31.40 -52.86
N LEU H 152 -2.22 -32.09 -51.85
CA LEU H 152 -3.68 -32.20 -51.70
C LEU H 152 -4.31 -30.83 -51.46
N MET H 153 -3.70 -30.03 -50.58
CA MET H 153 -4.25 -28.71 -50.27
C MET H 153 -4.34 -27.84 -51.52
N ILE H 154 -3.32 -27.90 -52.39
CA ILE H 154 -3.41 -27.21 -53.67
C ILE H 154 -4.55 -27.77 -54.49
N GLU H 155 -4.62 -29.10 -54.61
CA GLU H 155 -5.54 -29.72 -55.55
C GLU H 155 -7.00 -29.66 -55.09
N ASN H 156 -7.26 -29.54 -53.79
CA ASN H 156 -8.62 -29.51 -53.24
C ASN H 156 -8.90 -28.16 -52.59
N PRO H 157 -9.33 -27.16 -53.36
CA PRO H 157 -9.65 -25.85 -52.79
C PRO H 157 -10.75 -25.93 -51.74
N TYR H 158 -10.54 -25.23 -50.63
CA TYR H 158 -11.53 -24.98 -49.59
C TYR H 158 -11.88 -26.22 -48.79
N GLU H 159 -11.10 -27.28 -48.91
CA GLU H 159 -11.15 -28.38 -47.96
C GLU H 159 -10.24 -28.13 -46.77
N THR H 160 -9.39 -27.10 -46.87
CA THR H 160 -8.67 -26.55 -45.72
C THR H 160 -9.58 -25.54 -45.01
N ARG H 161 -10.02 -25.87 -43.81
CA ARG H 161 -10.95 -25.02 -43.07
C ARG H 161 -10.45 -24.76 -41.66
N SER H 162 -11.03 -23.73 -41.03
CA SER H 162 -10.63 -23.34 -39.69
C SER H 162 -11.86 -23.00 -38.85
N ASP H 163 -11.78 -23.30 -37.56
CA ASP H 163 -12.75 -22.89 -36.57
C ASP H 163 -12.12 -21.86 -35.64
N SER H 164 -12.81 -20.72 -35.47
CA SER H 164 -12.40 -19.67 -34.53
C SER H 164 -13.41 -19.60 -33.39
N PHE H 165 -13.02 -20.07 -32.21
CA PHE H 165 -13.84 -20.04 -31.01
C PHE H 165 -13.38 -18.92 -30.09
N TYR H 166 -14.33 -18.15 -29.56
CA TYR H 166 -14.05 -17.06 -28.63
C TYR H 166 -14.87 -17.27 -27.36
N PHE H 167 -14.20 -17.26 -26.20
CA PHE H 167 -14.81 -17.52 -24.91
C PHE H 167 -14.64 -16.32 -23.98
N VAL H 168 -15.66 -16.09 -23.15
CA VAL H 168 -15.63 -15.12 -22.05
C VAL H 168 -16.18 -15.82 -20.82
N ASP H 169 -15.33 -16.00 -19.82
CA ASP H 169 -15.70 -16.72 -18.59
C ASP H 169 -16.13 -18.15 -18.93
N ASN H 170 -15.38 -18.76 -19.85
CA ASN H 170 -15.58 -20.14 -20.31
C ASN H 170 -16.96 -20.35 -20.95
N LYS H 171 -17.56 -19.28 -21.48
CA LYS H 171 -18.86 -19.37 -22.15
C LYS H 171 -18.69 -18.83 -23.56
N LEU H 172 -18.70 -19.72 -24.54
CA LEU H 172 -18.51 -19.35 -25.94
C LEU H 172 -19.50 -18.27 -26.37
N ILE H 173 -18.99 -17.28 -27.10
CA ILE H 173 -19.79 -16.10 -27.43
C ILE H 173 -19.87 -15.98 -28.94
N MET H 174 -18.82 -16.42 -29.62
CA MET H 174 -18.65 -16.17 -31.03
C MET H 174 -17.99 -17.40 -31.66
N HIS H 175 -18.47 -17.76 -32.85
CA HIS H 175 -17.92 -18.88 -33.60
C HIS H 175 -17.84 -18.47 -35.05
N ASN H 176 -16.62 -18.23 -35.54
CA ASN H 176 -16.39 -17.92 -36.92
C ASN H 176 -15.62 -19.06 -37.57
N LYS H 177 -15.86 -19.28 -38.86
CA LYS H 177 -15.14 -20.30 -39.61
C LYS H 177 -14.62 -19.71 -40.91
N ALA H 178 -13.72 -20.44 -41.55
CA ALA H 178 -13.10 -19.97 -42.78
C ALA H 178 -12.62 -21.15 -43.61
N ASP H 179 -12.66 -20.99 -44.92
CA ASP H 179 -12.10 -21.96 -45.86
C ASP H 179 -10.92 -21.33 -46.60
N TYR H 180 -9.93 -22.15 -46.91
CA TYR H 180 -8.72 -21.66 -47.57
C TYR H 180 -8.46 -22.45 -48.84
N ALA H 181 -8.03 -21.74 -49.89
CA ALA H 181 -7.63 -22.33 -51.15
C ALA H 181 -6.26 -21.82 -51.53
N TYR H 182 -5.54 -22.62 -52.32
CA TYR H 182 -4.15 -22.35 -52.66
C TYR H 182 -3.96 -22.50 -54.18
N ASN H 183 -4.61 -21.63 -54.93
CA ASN H 183 -4.51 -21.61 -56.38
C ASN H 183 -3.95 -20.28 -56.86
N ASP I 1 36.57 34.26 39.45
CA ASP I 1 37.28 35.26 38.65
C ASP I 1 38.36 34.62 37.77
N THR I 2 38.17 34.74 36.46
CA THR I 2 39.06 34.19 35.43
C THR I 2 39.35 32.71 35.67
N ILE I 3 38.33 31.90 35.40
CA ILE I 3 38.45 30.45 35.37
C ILE I 3 38.07 30.01 33.97
N ARG I 4 39.04 29.55 33.21
CA ARG I 4 38.77 29.05 31.87
C ARG I 4 38.67 27.53 31.90
N PRO I 5 38.02 26.92 30.91
CA PRO I 5 37.92 25.46 30.91
C PRO I 5 39.27 24.75 30.96
N GLU I 6 40.31 25.34 30.38
CA GLU I 6 41.61 24.68 30.35
C GLU I 6 42.22 24.56 31.74
N HIS I 7 42.00 25.55 32.60
CA HIS I 7 42.49 25.51 33.97
C HIS I 7 41.61 24.68 34.90
N VAL I 8 40.78 23.81 34.33
CA VAL I 8 39.83 23.01 35.10
C VAL I 8 39.98 21.56 34.68
N LEU I 9 40.29 21.35 33.40
CA LEU I 9 40.58 20.01 32.90
C LEU I 9 41.88 19.46 33.46
N ARG I 10 42.74 20.30 34.04
CA ARG I 10 44.01 19.88 34.57
C ARG I 10 43.96 19.58 36.07
N LEU I 11 42.85 19.90 36.73
CA LEU I 11 42.69 19.58 38.14
C LEU I 11 42.78 18.08 38.37
N SER I 12 43.37 17.69 39.51
CA SER I 12 43.51 16.28 39.86
C SER I 12 42.63 15.86 41.02
N ARG I 13 41.87 16.79 41.61
CA ARG I 13 41.03 16.47 42.76
C ARG I 13 39.98 17.56 42.91
N VAL I 14 38.92 17.23 43.64
CA VAL I 14 37.85 18.19 43.91
C VAL I 14 38.42 19.49 44.47
N THR I 15 37.85 20.61 44.02
CA THR I 15 38.26 21.90 44.52
C THR I 15 37.78 22.08 45.96
N GLU I 16 38.53 22.88 46.72
CA GLU I 16 38.19 23.12 48.12
C GLU I 16 37.05 24.12 48.27
N ASN I 17 36.84 24.98 47.27
CA ASN I 17 35.83 26.02 47.36
C ASN I 17 35.19 26.23 46.00
N TYR I 18 34.03 26.86 46.00
CA TYR I 18 33.37 27.21 44.76
C TYR I 18 34.16 28.30 44.05
N LEU I 19 34.24 28.20 42.72
CA LEU I 19 35.07 29.11 41.94
C LEU I 19 34.28 30.28 41.37
N CYS I 20 33.03 30.45 41.80
CA CYS I 20 32.20 31.56 41.38
C CYS I 20 30.99 31.62 42.31
N LYS I 21 30.35 32.77 42.33
CA LYS I 21 29.19 33.02 43.17
C LYS I 21 27.91 32.82 42.39
N PRO I 22 26.81 32.51 43.08
CA PRO I 22 25.50 32.43 42.39
C PRO I 22 25.18 33.67 41.57
N GLU I 23 25.74 34.82 41.93
CA GLU I 23 25.50 36.04 41.15
C GLU I 23 26.18 35.99 39.79
N ASP I 24 27.13 35.07 39.59
CA ASP I 24 27.81 34.96 38.31
C ASP I 24 26.89 34.42 37.21
N ASN I 25 25.78 33.80 37.58
CA ASN I 25 24.82 33.25 36.61
C ASN I 25 24.00 34.40 36.01
N ILE I 26 24.65 35.14 35.10
CA ILE I 26 24.00 36.31 34.49
C ILE I 26 23.04 35.97 33.37
N TYR I 27 23.01 34.72 32.90
CA TYR I 27 22.14 34.33 31.80
C TYR I 27 20.87 33.64 32.28
N SER I 28 20.58 33.72 33.59
CA SER I 28 19.43 33.08 34.22
C SER I 28 19.18 31.66 33.69
N ILE I 29 20.26 30.89 33.61
CA ILE I 29 20.16 29.45 33.36
C ILE I 29 19.70 28.76 34.64
N ASP I 30 18.62 27.99 34.54
CA ASP I 30 18.02 27.33 35.69
C ASP I 30 17.85 25.86 35.37
N PHE I 31 18.57 25.01 36.09
CA PHE I 31 18.40 23.57 35.94
C PHE I 31 17.07 23.16 36.56
N THR I 32 16.17 22.62 35.72
CA THR I 32 14.82 22.30 36.15
C THR I 32 14.57 20.81 36.32
N ARG I 33 15.47 19.95 35.85
CA ARG I 33 15.17 18.52 35.95
C ARG I 33 16.45 17.70 35.96
N PHE I 34 16.47 16.66 36.79
CA PHE I 34 17.61 15.74 36.88
C PHE I 34 17.11 14.31 37.00
N LYS I 35 17.78 13.40 36.29
CA LYS I 35 17.36 11.99 36.29
C LYS I 35 18.55 11.07 36.14
N ILE I 36 18.65 10.06 37.00
CA ILE I 36 19.56 8.94 36.86
C ILE I 36 18.73 7.68 36.61
N ARG I 37 19.05 6.94 35.55
CA ARG I 37 18.37 5.69 35.27
C ARG I 37 19.37 4.62 34.81
N ASP I 38 19.13 3.39 35.22
CA ASP I 38 19.90 2.24 34.74
C ASP I 38 19.37 1.88 33.35
N LEU I 39 20.22 2.01 32.34
CA LEU I 39 19.76 1.81 30.96
C LEU I 39 19.79 0.35 30.53
N GLU I 40 20.31 -0.53 31.37
CA GLU I 40 20.24 -1.97 31.07
C GLU I 40 18.86 -2.52 31.41
N THR I 41 18.30 -2.09 32.54
CA THR I 41 16.95 -2.48 32.94
C THR I 41 15.90 -1.41 32.66
N GLY I 42 16.32 -0.17 32.42
CA GLY I 42 15.40 0.92 32.23
C GLY I 42 14.94 1.58 33.51
N THR I 43 15.30 1.03 34.67
CA THR I 43 14.82 1.55 35.94
C THR I 43 15.29 2.98 36.16
N VAL I 44 14.36 3.85 36.54
CA VAL I 44 14.70 5.22 36.91
C VAL I 44 15.16 5.20 38.36
N LEU I 45 16.46 5.38 38.58
CA LEU I 45 17.00 5.27 39.93
C LEU I 45 16.63 6.50 40.75
N PHE I 46 16.80 7.69 40.17
CA PHE I 46 16.50 8.91 40.89
C PHE I 46 16.00 9.95 39.89
N GLU I 47 15.01 10.74 40.30
CA GLU I 47 14.57 11.83 39.45
C GLU I 47 13.95 12.91 40.31
N ILE I 48 14.28 14.16 40.00
CA ILE I 48 13.65 15.30 40.67
C ILE I 48 13.52 16.43 39.65
N ALA I 49 12.33 16.98 39.52
CA ALA I 49 12.03 17.93 38.46
C ALA I 49 11.13 19.06 38.96
N LYS I 50 10.87 20.00 38.04
CA LYS I 50 10.03 21.20 38.06
C LYS I 50 9.65 21.67 39.47
N PRO I 51 8.44 21.46 40.05
CA PRO I 51 8.17 22.10 41.34
C PRO I 51 8.90 21.47 42.51
N CYS I 52 9.24 20.18 42.43
CA CYS I 52 9.95 19.55 43.53
C CYS I 52 11.39 20.03 43.57
N VAL I 53 11.85 20.40 44.77
CA VAL I 53 13.13 21.07 44.95
C VAL I 53 14.10 20.21 45.75
N SER I 54 13.61 19.48 46.75
CA SER I 54 14.48 18.68 47.61
C SER I 54 13.63 17.72 48.43
N ASP I 55 14.29 16.68 48.92
CA ASP I 55 13.72 15.79 49.93
C ASP I 55 14.69 15.68 51.11
N GLN I 56 15.09 16.83 51.63
CA GLN I 56 16.18 16.91 52.60
C GLN I 56 15.70 16.65 54.01
N GLU I 57 16.53 15.94 54.78
CA GLU I 57 16.29 15.67 56.19
C GLU I 57 14.96 14.94 56.41
N SER I 70 27.48 28.34 53.07
CA SER I 70 28.01 29.19 52.01
C SER I 70 27.03 29.32 50.84
N ALA I 71 26.96 28.28 50.02
CA ALA I 71 26.22 28.33 48.77
C ALA I 71 25.22 27.18 48.69
N GLY I 72 24.04 27.45 48.13
CA GLY I 72 22.99 26.47 48.02
C GLY I 72 22.95 25.78 46.67
N ARG I 73 23.99 25.01 46.37
CA ARG I 73 24.15 24.33 45.09
C ARG I 73 24.99 23.07 45.31
N PHE I 74 24.61 22.30 46.32
CA PHE I 74 25.33 21.09 46.69
C PHE I 74 24.34 19.96 46.96
N VAL I 75 24.53 18.84 46.28
CA VAL I 75 23.74 17.63 46.46
C VAL I 75 24.71 16.48 46.69
N ARG I 76 24.22 15.43 47.34
CA ARG I 76 25.01 14.22 47.49
C ARG I 76 24.07 13.01 47.49
N TYR I 77 24.49 11.93 46.82
CA TYR I 77 23.66 10.76 46.63
C TYR I 77 24.31 9.53 47.25
N GLN I 78 23.48 8.65 47.82
CA GLN I 78 23.93 7.36 48.33
C GLN I 78 23.27 6.22 47.55
N PHE I 79 24.02 5.16 47.31
CA PHE I 79 23.56 3.98 46.59
C PHE I 79 23.91 2.72 47.37
N THR I 80 23.30 1.61 46.96
CA THR I 80 23.75 0.30 47.44
C THR I 80 24.95 -0.15 46.60
N PRO I 81 25.79 -1.04 47.13
CA PRO I 81 26.95 -1.52 46.36
C PRO I 81 26.62 -2.00 44.96
N ALA I 82 25.40 -2.50 44.72
CA ALA I 82 25.03 -2.97 43.39
C ALA I 82 25.24 -1.90 42.31
N PHE I 83 25.09 -0.62 42.67
CA PHE I 83 25.29 0.45 41.70
C PHE I 83 26.67 0.37 41.06
N LEU I 84 27.68 -0.02 41.83
CA LEU I 84 29.04 -0.05 41.29
C LEU I 84 29.28 -1.24 40.37
N ARG I 85 28.29 -2.11 40.19
CA ARG I 85 28.39 -3.20 39.23
C ARG I 85 27.36 -3.05 38.12
N LEU I 86 26.93 -1.83 37.86
CA LEU I 86 26.01 -1.56 36.76
C LEU I 86 26.79 -1.42 35.46
N ARG I 87 26.17 -1.81 34.36
CA ARG I 87 26.86 -1.77 33.07
C ARG I 87 26.82 -0.37 32.45
N THR I 88 25.63 0.18 32.24
CA THR I 88 25.46 1.48 31.60
C THR I 88 24.44 2.32 32.34
N VAL I 89 24.74 3.60 32.53
CA VAL I 89 23.89 4.50 33.28
C VAL I 89 23.59 5.72 32.41
N GLY I 90 22.41 6.32 32.62
CA GLY I 90 22.01 7.51 31.91
C GLY I 90 21.59 8.65 32.82
N ALA I 91 22.33 9.75 32.77
CA ALA I 91 22.07 10.94 33.57
C ALA I 91 21.56 12.07 32.68
N THR I 92 20.36 12.57 32.98
CA THR I 92 19.69 13.59 32.21
C THR I 92 19.60 14.88 33.00
N VAL I 93 19.99 15.99 32.38
CA VAL I 93 19.83 17.33 32.92
C VAL I 93 18.93 18.14 31.99
N GLU I 94 18.00 18.87 32.56
CA GLU I 94 17.10 19.77 31.83
C GLU I 94 17.21 21.17 32.40
N PHE I 95 17.59 22.13 31.54
CA PHE I 95 17.81 23.52 31.93
C PHE I 95 17.11 24.47 30.96
N THR I 96 16.68 25.62 31.48
CA THR I 96 16.11 26.69 30.68
C THR I 96 17.08 27.87 30.55
N VAL I 97 16.89 28.66 29.50
CA VAL I 97 17.73 29.83 29.21
C VAL I 97 16.80 31.04 29.09
N GLY I 98 17.34 32.22 29.39
CA GLY I 98 16.54 33.44 29.49
C GLY I 98 16.68 34.35 28.28
N ASP I 99 16.29 35.61 28.50
CA ASP I 99 16.27 36.61 27.42
C ASP I 99 17.64 36.79 26.79
N LYS I 100 18.68 36.99 27.60
CA LYS I 100 20.02 37.23 27.09
C LYS I 100 20.45 36.09 26.18
N PRO I 101 21.14 36.38 25.07
CA PRO I 101 21.62 35.30 24.20
C PRO I 101 22.80 34.57 24.81
N VAL I 102 22.94 33.30 24.42
CA VAL I 102 24.00 32.43 24.90
C VAL I 102 24.62 31.75 23.69
N SER I 103 25.89 32.07 23.40
CA SER I 103 26.68 31.36 22.40
C SER I 103 27.76 30.55 23.10
N ASN I 104 27.88 29.27 22.74
CA ASN I 104 28.89 28.37 23.29
C ASN I 104 28.71 28.19 24.81
N PHE I 105 27.65 27.46 25.13
CA PHE I 105 27.44 26.91 26.47
C PHE I 105 28.15 25.57 26.57
N ARG I 106 28.87 25.35 27.67
CA ARG I 106 29.72 24.18 27.83
C ARG I 106 29.58 23.63 29.24
N MET I 107 29.80 22.32 29.38
CA MET I 107 29.62 21.62 30.65
C MET I 107 30.77 20.64 30.84
N ILE I 108 31.44 20.73 31.98
CA ILE I 108 32.55 19.85 32.33
C ILE I 108 32.28 19.28 33.72
N GLU I 109 31.99 17.98 33.79
CA GLU I 109 31.69 17.32 35.06
C GLU I 109 32.75 16.25 35.33
N ARG I 110 33.43 16.35 36.47
CA ARG I 110 34.53 15.47 36.83
C ARG I 110 34.25 14.79 38.15
N HIS I 111 34.30 13.45 38.16
CA HIS I 111 34.15 12.65 39.37
C HIS I 111 35.53 12.12 39.79
N TYR I 112 35.95 12.45 41.00
CA TYR I 112 37.17 11.93 41.60
C TYR I 112 36.84 11.08 42.83
N PHE I 113 37.80 10.23 43.21
CA PHE I 113 37.84 9.61 44.54
C PHE I 113 39.24 9.80 45.10
N ARG I 114 39.43 10.81 45.94
CA ARG I 114 40.72 11.11 46.57
C ARG I 114 41.84 11.18 45.54
N GLU I 115 41.81 12.24 44.74
CA GLU I 115 42.83 12.49 43.73
C GLU I 115 42.91 11.37 42.70
N HIS I 116 41.77 10.75 42.39
CA HIS I 116 41.69 9.67 41.42
C HIS I 116 40.55 9.99 40.47
N LEU I 117 40.88 10.40 39.25
CA LEU I 117 39.87 10.80 38.27
C LEU I 117 39.12 9.58 37.74
N LEU I 118 37.85 9.43 38.14
CA LEU I 118 37.05 8.31 37.67
C LEU I 118 36.50 8.57 36.27
N LYS I 119 35.77 9.67 36.11
CA LYS I 119 35.03 9.95 34.88
C LYS I 119 35.11 11.43 34.54
N ASN I 120 35.33 11.72 33.26
CA ASN I 120 35.32 13.08 32.73
C ASN I 120 34.25 13.20 31.66
N PHE I 121 33.33 14.13 31.84
CA PHE I 121 32.28 14.42 30.85
C PHE I 121 32.43 15.87 30.41
N ASP I 122 32.95 16.07 29.21
CA ASP I 122 33.15 17.39 28.62
C ASP I 122 32.27 17.50 27.37
N PHE I 123 31.17 18.25 27.49
CA PHE I 123 30.23 18.41 26.39
C PHE I 123 30.03 19.90 26.11
N ASP I 124 30.19 20.28 24.85
CA ASP I 124 29.98 21.66 24.40
C ASP I 124 28.60 21.75 23.76
N PHE I 125 27.63 22.30 24.49
CA PHE I 125 26.31 22.53 23.92
C PHE I 125 26.36 23.50 22.76
N GLY I 126 27.15 24.57 22.89
CA GLY I 126 27.15 25.61 21.88
C GLY I 126 25.99 26.59 22.04
N PHE I 127 25.44 27.05 20.92
CA PHE I 127 24.38 28.04 20.98
C PHE I 127 23.15 27.48 21.69
N CYS I 128 22.58 28.31 22.57
CA CYS I 128 21.33 28.01 23.24
C CYS I 128 20.30 29.05 22.85
N ILE I 129 19.18 28.59 22.28
CA ILE I 129 18.12 29.53 21.86
C ILE I 129 17.62 30.29 23.08
N PRO I 130 17.41 31.59 22.99
CA PRO I 130 16.85 32.32 24.14
C PRO I 130 15.46 31.83 24.46
N SER I 131 15.14 31.81 25.77
CA SER I 131 13.84 31.36 26.27
C SER I 131 13.57 29.89 25.91
N SER I 132 14.63 29.12 25.71
CA SER I 132 14.52 27.71 25.36
C SER I 132 14.50 26.84 26.61
N ARG I 133 14.11 25.58 26.42
CA ARG I 133 14.19 24.55 27.46
C ARG I 133 14.83 23.32 26.83
N ASN I 134 16.03 22.97 27.29
CA ASN I 134 16.83 21.94 26.66
C ASN I 134 17.14 20.81 27.65
N THR I 135 17.37 19.62 27.09
CA THR I 135 17.76 18.45 27.86
C THR I 135 19.03 17.84 27.28
N CYS I 136 19.78 17.16 28.13
CA CYS I 136 20.96 16.39 27.72
C CYS I 136 21.06 15.15 28.58
N GLU I 137 21.02 13.98 27.96
CA GLU I 137 21.27 12.71 28.65
C GLU I 137 22.63 12.17 28.26
N HIS I 138 23.53 12.10 29.25
CA HIS I 138 24.79 11.39 29.11
C HIS I 138 24.56 9.91 29.42
N ILE I 139 24.75 9.07 28.40
CA ILE I 139 24.63 7.62 28.54
C ILE I 139 26.04 7.05 28.49
N TYR I 140 26.55 6.58 29.63
CA TYR I 140 27.91 6.07 29.67
C TYR I 140 27.93 4.62 30.16
N GLU I 141 28.70 3.79 29.45
CA GLU I 141 29.18 2.52 29.99
C GLU I 141 30.05 2.79 31.21
N PHE I 142 29.66 2.24 32.35
CA PHE I 142 30.33 2.51 33.62
C PHE I 142 31.84 2.41 33.47
N PRO I 143 32.61 3.32 34.07
CA PRO I 143 34.08 3.31 33.93
C PRO I 143 34.73 2.03 34.44
N GLN I 144 35.84 1.65 33.80
CA GLN I 144 36.57 0.43 34.15
C GLN I 144 37.22 0.58 35.53
N LEU I 145 36.56 0.04 36.55
CA LEU I 145 37.04 0.10 37.93
C LEU I 145 37.62 -1.24 38.37
N SER I 146 38.88 -1.23 38.77
CA SER I 146 39.47 -2.41 39.40
C SER I 146 38.77 -2.70 40.73
N GLU I 147 38.81 -3.98 41.13
CA GLU I 147 38.14 -4.38 42.37
C GLU I 147 38.71 -3.66 43.59
N ASP I 148 39.97 -3.22 43.52
CA ASP I 148 40.53 -2.39 44.59
C ASP I 148 39.77 -1.07 44.70
N VAL I 149 39.50 -0.44 43.55
CA VAL I 149 38.73 0.80 43.53
C VAL I 149 37.33 0.56 44.06
N ILE I 150 36.72 -0.56 43.72
CA ILE I 150 35.40 -0.89 44.28
C ILE I 150 35.47 -0.98 45.80
N ARG I 151 36.41 -1.76 46.31
CA ARG I 151 36.61 -1.90 47.75
C ARG I 151 36.68 -0.52 48.42
N LEU I 152 37.58 0.34 47.92
CA LEU I 152 37.77 1.64 48.55
C LEU I 152 36.52 2.51 48.44
N MET I 153 35.91 2.58 47.25
CA MET I 153 34.73 3.43 47.05
C MET I 153 33.58 3.00 47.95
N ILE I 154 33.35 1.70 48.08
CA ILE I 154 32.32 1.23 49.01
C ILE I 154 32.68 1.58 50.44
N GLU I 155 33.91 1.29 50.85
CA GLU I 155 34.28 1.39 52.26
C GLU I 155 34.37 2.83 52.75
N ASN I 156 34.58 3.79 51.84
CA ASN I 156 34.73 5.18 52.25
C ASN I 156 33.58 6.03 51.71
N PRO I 157 32.45 6.09 52.43
CA PRO I 157 31.32 6.91 51.95
C PRO I 157 31.71 8.38 51.82
N TYR I 158 31.33 8.97 50.68
CA TYR I 158 31.40 10.40 50.40
C TYR I 158 32.82 10.93 50.27
N GLU I 159 33.81 10.06 50.13
CA GLU I 159 35.13 10.48 49.66
C GLU I 159 35.22 10.47 48.15
N THR I 160 34.23 9.90 47.47
CA THR I 160 34.03 10.09 46.04
C THR I 160 33.23 11.37 45.84
N ARG I 161 33.86 12.39 45.25
CA ARG I 161 33.23 13.69 45.08
C ARG I 161 33.32 14.11 43.62
N SER I 162 32.46 15.06 43.23
CA SER I 162 32.42 15.52 41.85
C SER I 162 32.29 17.03 41.78
N ASP I 163 32.92 17.61 40.77
CA ASP I 163 32.78 19.01 40.42
C ASP I 163 32.00 19.14 39.13
N SER I 164 30.96 19.97 39.13
CA SER I 164 30.18 20.29 37.94
C SER I 164 30.45 21.75 37.58
N PHE I 165 31.23 21.97 36.53
CA PHE I 165 31.54 23.31 36.03
C PHE I 165 30.72 23.59 34.78
N TYR I 166 30.16 24.80 34.72
CA TYR I 166 29.38 25.25 33.58
C TYR I 166 29.98 26.55 33.07
N PHE I 167 30.29 26.59 31.77
CA PHE I 167 30.95 27.71 31.14
C PHE I 167 30.07 28.33 30.06
N VAL I 168 30.20 29.63 29.88
CA VAL I 168 29.61 30.37 28.76
C VAL I 168 30.69 31.26 28.17
N ASP I 169 31.07 30.98 26.92
CA ASP I 169 32.14 31.72 26.24
C ASP I 169 33.46 31.57 27.00
N ASN I 170 33.74 30.34 27.45
CA ASN I 170 34.96 29.99 28.18
C ASN I 170 35.07 30.73 29.50
N LYS I 171 33.95 31.19 30.07
CA LYS I 171 33.93 31.93 31.32
C LYS I 171 33.00 31.23 32.29
N LEU I 172 33.58 30.63 33.34
CA LEU I 172 32.81 29.88 34.33
C LEU I 172 31.69 30.73 34.91
N ILE I 173 30.51 30.13 35.02
CA ILE I 173 29.31 30.85 35.42
C ILE I 173 28.67 30.18 36.63
N MET I 174 28.80 28.86 36.69
CA MET I 174 28.08 28.05 37.67
C MET I 174 28.98 26.91 38.10
N HIS I 175 28.97 26.63 39.40
CA HIS I 175 29.77 25.54 39.96
C HIS I 175 28.95 24.81 41.01
N ASN I 176 28.54 23.59 40.68
CA ASN I 176 27.86 22.73 41.62
C ASN I 176 28.78 21.57 41.96
N LYS I 177 28.63 21.04 43.16
CA LYS I 177 29.48 19.95 43.64
C LYS I 177 28.59 18.82 44.17
N ALA I 178 29.20 17.65 44.31
CA ALA I 178 28.46 16.49 44.79
C ALA I 178 29.42 15.47 45.37
N ASP I 179 28.95 14.77 46.40
CA ASP I 179 29.65 13.62 46.96
C ASP I 179 28.77 12.39 46.79
N TYR I 180 29.39 11.24 46.55
CA TYR I 180 28.66 10.00 46.32
C TYR I 180 29.14 8.93 47.29
N ALA I 181 28.20 8.16 47.84
CA ALA I 181 28.50 7.04 48.71
C ALA I 181 27.77 5.80 48.24
N TYR I 182 28.34 4.64 48.54
CA TYR I 182 27.81 3.36 48.08
C TYR I 182 27.74 2.39 49.25
N ASN I 183 26.97 2.77 50.27
CA ASN I 183 26.76 1.93 51.45
C ASN I 183 25.28 1.67 51.68
N ASP J 1 -16.21 50.49 -17.97
CA ASP J 1 -15.41 51.71 -17.87
C ASP J 1 -13.99 51.49 -18.39
N THR J 2 -13.71 52.11 -19.54
CA THR J 2 -12.43 52.02 -20.23
C THR J 2 -12.00 50.58 -20.48
N ILE J 3 -12.74 49.94 -21.39
CA ILE J 3 -12.38 48.62 -21.92
C ILE J 3 -12.19 48.79 -23.43
N ARG J 4 -10.95 48.68 -23.87
CA ARG J 4 -10.52 48.78 -25.25
C ARG J 4 -10.33 47.42 -25.87
N PRO J 5 -10.31 47.34 -27.21
CA PRO J 5 -10.07 46.04 -27.87
C PRO J 5 -8.81 45.32 -27.41
N GLU J 6 -7.78 46.05 -26.97
CA GLU J 6 -6.57 45.38 -26.52
C GLU J 6 -6.84 44.53 -25.29
N HIS J 7 -7.73 45.00 -24.41
CA HIS J 7 -8.13 44.25 -23.22
C HIS J 7 -9.20 43.20 -23.53
N VAL J 8 -9.46 42.88 -24.80
CA VAL J 8 -10.52 41.94 -25.09
C VAL J 8 -10.01 40.92 -26.10
N LEU J 9 -9.10 41.35 -26.97
CA LEU J 9 -8.47 40.46 -27.92
C LEU J 9 -7.55 39.44 -27.26
N ARG J 10 -7.23 39.63 -25.98
CA ARG J 10 -6.35 38.74 -25.23
C ARG J 10 -7.10 37.66 -24.48
N LEU J 11 -8.43 37.70 -24.46
CA LEU J 11 -9.20 36.70 -23.73
C LEU J 11 -8.90 35.30 -24.26
N SER J 12 -8.85 34.34 -23.32
CA SER J 12 -8.61 32.95 -23.64
C SER J 12 -9.84 32.10 -23.40
N ARG J 13 -10.92 32.70 -22.88
CA ARG J 13 -12.15 32.00 -22.56
C ARG J 13 -13.24 33.03 -22.41
N VAL J 14 -14.50 32.58 -22.55
CA VAL J 14 -15.63 33.47 -22.36
C VAL J 14 -15.53 34.15 -21.00
N THR J 15 -15.90 35.43 -20.97
CA THR J 15 -15.87 36.13 -19.69
C THR J 15 -16.97 35.61 -18.79
N GLU J 16 -16.73 35.66 -17.48
CA GLU J 16 -17.73 35.19 -16.53
C GLU J 16 -18.81 36.23 -16.32
N ASN J 17 -18.53 37.50 -16.61
CA ASN J 17 -19.47 38.58 -16.36
C ASN J 17 -19.34 39.60 -17.49
N TYR J 18 -20.35 40.45 -17.59
CA TYR J 18 -20.37 41.51 -18.59
C TYR J 18 -19.32 42.57 -18.30
N LEU J 19 -18.72 43.11 -19.35
CA LEU J 19 -17.65 44.09 -19.23
C LEU J 19 -18.13 45.52 -19.37
N CYS J 20 -19.45 45.74 -19.39
CA CYS J 20 -20.01 47.09 -19.45
C CYS J 20 -21.50 47.01 -19.15
N LYS J 21 -22.06 48.17 -18.77
CA LYS J 21 -23.47 48.31 -18.43
C LYS J 21 -24.26 48.83 -19.62
N PRO J 22 -25.57 48.54 -19.68
CA PRO J 22 -26.40 49.11 -20.74
C PRO J 22 -26.36 50.64 -20.84
N GLU J 23 -26.10 51.35 -19.73
CA GLU J 23 -26.08 52.80 -19.79
C GLU J 23 -24.87 53.34 -20.55
N ASP J 24 -23.85 52.50 -20.80
CA ASP J 24 -22.69 52.98 -21.53
C ASP J 24 -23.00 53.26 -23.00
N ASN J 25 -24.10 52.73 -23.51
CA ASN J 25 -24.50 52.92 -24.90
C ASN J 25 -25.05 54.34 -25.06
N ILE J 26 -24.14 55.31 -25.14
CA ILE J 26 -24.54 56.71 -25.26
C ILE J 26 -24.98 57.06 -26.67
N TYR J 27 -24.77 56.17 -27.63
CA TYR J 27 -25.07 56.43 -29.03
C TYR J 27 -26.39 55.81 -29.45
N SER J 28 -27.18 55.31 -28.50
CA SER J 28 -28.45 54.63 -28.75
C SER J 28 -28.37 53.72 -29.98
N ILE J 29 -27.30 52.94 -30.05
CA ILE J 29 -27.21 51.90 -31.07
C ILE J 29 -28.14 50.75 -30.65
N ASP J 30 -29.05 50.38 -31.55
CA ASP J 30 -30.08 49.40 -31.24
C ASP J 30 -30.11 48.33 -32.33
N PHE J 31 -29.77 47.10 -31.97
CA PHE J 31 -29.88 45.98 -32.89
C PHE J 31 -31.34 45.63 -33.11
N THR J 32 -31.80 45.74 -34.36
CA THR J 32 -33.20 45.55 -34.68
C THR J 32 -33.48 44.23 -35.39
N ARG J 33 -32.47 43.52 -35.88
CA ARG J 33 -32.76 42.31 -36.63
C ARG J 33 -31.57 41.36 -36.60
N PHE J 34 -31.86 40.05 -36.49
CA PHE J 34 -30.83 39.03 -36.49
C PHE J 34 -31.27 37.86 -37.37
N LYS J 35 -30.33 37.32 -38.15
CA LYS J 35 -30.64 36.24 -39.07
C LYS J 35 -29.48 35.28 -39.22
N ILE J 36 -29.74 33.98 -39.08
CA ILE J 36 -28.81 32.92 -39.44
C ILE J 36 -29.39 32.17 -40.64
N ARG J 37 -28.59 32.04 -41.71
CA ARG J 37 -29.02 31.29 -42.88
C ARG J 37 -27.87 30.46 -43.47
N ASP J 38 -28.22 29.28 -43.98
CA ASP J 38 -27.29 28.45 -44.74
C ASP J 38 -27.21 28.97 -46.17
N LEU J 39 -26.02 29.38 -46.60
CA LEU J 39 -25.90 29.98 -47.92
C LEU J 39 -25.69 28.97 -49.05
N GLU J 40 -25.45 27.69 -48.75
CA GLU J 40 -25.39 26.71 -49.82
C GLU J 40 -26.79 26.28 -50.26
N THR J 41 -27.69 26.09 -49.30
CA THR J 41 -29.07 25.73 -49.61
C THR J 41 -30.03 26.91 -49.59
N GLY J 42 -29.61 28.04 -49.01
CA GLY J 42 -30.48 29.20 -48.90
C GLY J 42 -31.40 29.20 -47.71
N THR J 43 -31.45 28.11 -46.95
CA THR J 43 -32.39 28.02 -45.84
C THR J 43 -32.11 29.08 -44.78
N VAL J 44 -33.15 29.80 -44.37
CA VAL J 44 -33.05 30.74 -43.26
C VAL J 44 -33.24 29.93 -41.99
N LEU J 45 -32.16 29.74 -41.23
CA LEU J 45 -32.23 28.89 -40.05
C LEU J 45 -32.97 29.58 -38.93
N PHE J 46 -32.65 30.84 -38.67
CA PHE J 46 -33.29 31.58 -37.59
C PHE J 46 -33.37 33.04 -37.98
N GLU J 47 -34.47 33.71 -37.62
CA GLU J 47 -34.57 35.14 -37.86
C GLU J 47 -35.52 35.75 -36.84
N ILE J 48 -35.16 36.92 -36.32
CA ILE J 48 -36.03 37.67 -35.42
C ILE J 48 -35.82 39.16 -35.68
N ALA J 49 -36.92 39.90 -35.83
CA ALA J 49 -36.86 41.29 -36.25
C ALA J 49 -37.79 42.17 -35.42
N LYS J 50 -37.75 43.48 -35.73
CA LYS J 50 -38.44 44.65 -35.20
C LYS J 50 -39.61 44.40 -34.23
N PRO J 51 -40.86 44.14 -34.64
CA PRO J 51 -41.93 44.08 -33.63
C PRO J 51 -41.89 42.85 -32.76
N CYS J 52 -41.06 41.86 -33.08
CA CYS J 52 -40.94 40.64 -32.30
C CYS J 52 -39.70 40.71 -31.42
N VAL J 53 -39.85 40.31 -30.16
CA VAL J 53 -38.81 40.44 -29.16
C VAL J 53 -38.23 39.09 -28.75
N SER J 54 -39.09 38.11 -28.51
CA SER J 54 -38.60 36.85 -27.94
C SER J 54 -39.61 35.75 -28.19
N ASP J 55 -39.14 34.52 -28.00
CA ASP J 55 -40.01 33.33 -27.98
C ASP J 55 -39.74 32.48 -26.76
N GLN J 56 -39.12 33.05 -25.73
CA GLN J 56 -38.79 32.28 -24.54
C GLN J 56 -40.05 31.82 -23.82
N GLU J 57 -40.00 30.57 -23.34
CA GLU J 57 -41.14 29.94 -22.68
C GLU J 57 -41.12 30.13 -21.17
N GLU J 58 -40.08 30.74 -20.64
CA GLU J 58 -40.03 31.20 -19.25
C GLU J 58 -39.40 32.59 -19.23
N ASP J 59 -39.75 33.36 -18.21
CA ASP J 59 -39.32 34.75 -18.12
C ASP J 59 -38.25 34.92 -17.05
N GLU J 60 -37.90 36.18 -16.77
CA GLU J 60 -36.87 36.54 -15.80
C GLU J 60 -35.53 35.92 -16.15
N SER J 70 -28.45 41.25 -16.64
CA SER J 70 -28.83 40.91 -18.01
C SER J 70 -30.34 40.73 -18.14
N ALA J 71 -30.95 41.48 -19.04
CA ALA J 71 -32.36 41.34 -19.36
C ALA J 71 -32.58 40.91 -20.80
N GLY J 72 -31.99 41.61 -21.76
CA GLY J 72 -32.12 41.23 -23.15
C GLY J 72 -30.78 41.24 -23.87
N ARG J 73 -29.70 40.88 -23.16
CA ARG J 73 -28.37 40.82 -23.75
C ARG J 73 -27.74 39.45 -23.62
N PHE J 74 -28.57 38.41 -23.53
CA PHE J 74 -28.09 37.03 -23.55
C PHE J 74 -29.14 36.17 -24.22
N VAL J 75 -28.73 35.50 -25.30
CA VAL J 75 -29.57 34.54 -25.99
C VAL J 75 -28.74 33.28 -26.18
N ARG J 76 -29.41 32.14 -26.35
CA ARG J 76 -28.70 30.92 -26.66
C ARG J 76 -29.54 30.07 -27.62
N TYR J 77 -28.88 29.43 -28.57
CA TYR J 77 -29.54 28.71 -29.66
C TYR J 77 -29.22 27.23 -29.61
N GLN J 78 -30.20 26.41 -29.97
CA GLN J 78 -30.01 24.96 -30.13
C GLN J 78 -30.24 24.58 -31.58
N PHE J 79 -29.44 23.63 -32.06
CA PHE J 79 -29.53 23.13 -33.41
C PHE J 79 -29.55 21.60 -33.38
N THR J 80 -29.92 21.01 -34.50
CA THR J 80 -29.72 19.58 -34.68
C THR J 80 -28.29 19.34 -35.15
N PRO J 81 -27.73 18.15 -34.93
CA PRO J 81 -26.36 17.88 -35.39
C PRO J 81 -26.07 18.24 -36.84
N ALA J 82 -27.08 18.19 -37.72
CA ALA J 82 -26.88 18.53 -39.12
C ALA J 82 -26.29 19.92 -39.31
N PHE J 83 -26.60 20.85 -38.39
CA PHE J 83 -26.05 22.19 -38.48
C PHE J 83 -24.53 22.17 -38.58
N LEU J 84 -23.89 21.22 -37.91
CA LEU J 84 -22.44 21.18 -37.90
C LEU J 84 -21.84 20.69 -39.22
N ARG J 85 -22.68 20.41 -40.22
CA ARG J 85 -22.21 20.05 -41.56
C ARG J 85 -22.58 21.11 -42.59
N LEU J 86 -22.81 22.35 -42.17
CA LEU J 86 -23.13 23.44 -43.09
C LEU J 86 -21.83 24.06 -43.60
N ARG J 87 -21.53 23.84 -44.89
CA ARG J 87 -20.30 24.37 -45.48
C ARG J 87 -20.12 25.87 -45.23
N THR J 88 -21.12 26.68 -45.54
CA THR J 88 -21.01 28.13 -45.39
C THR J 88 -22.24 28.67 -44.69
N VAL J 89 -22.02 29.55 -43.71
CA VAL J 89 -23.13 30.09 -42.91
C VAL J 89 -23.07 31.62 -42.96
N GLY J 90 -24.24 32.25 -42.88
CA GLY J 90 -24.36 33.69 -42.87
C GLY J 90 -25.15 34.24 -41.70
N ALA J 91 -24.48 35.05 -40.88
CA ALA J 91 -25.08 35.72 -39.73
C ALA J 91 -25.23 37.20 -40.02
N THR J 92 -26.46 37.69 -39.99
CA THR J 92 -26.80 39.07 -40.32
C THR J 92 -27.24 39.80 -39.08
N VAL J 93 -26.65 40.97 -38.83
CA VAL J 93 -27.06 41.87 -37.77
C VAL J 93 -27.53 43.17 -38.40
N GLU J 94 -28.67 43.68 -37.95
CA GLU J 94 -29.21 44.96 -38.40
C GLU J 94 -29.45 45.84 -37.18
N PHE J 95 -28.80 47.01 -37.18
CA PHE J 95 -28.83 47.95 -36.06
C PHE J 95 -29.10 49.37 -36.55
N THR J 96 -29.74 50.16 -35.70
CA THR J 96 -29.94 51.58 -35.93
C THR J 96 -28.98 52.41 -35.07
N VAL J 97 -28.75 53.64 -35.51
CA VAL J 97 -27.83 54.56 -34.85
C VAL J 97 -28.60 55.83 -34.51
N GLY J 98 -28.16 56.53 -33.48
CA GLY J 98 -28.89 57.66 -32.93
C GLY J 98 -28.36 59.01 -33.37
N ASP J 99 -28.73 60.04 -32.60
CA ASP J 99 -28.41 61.42 -32.96
C ASP J 99 -26.90 61.63 -33.12
N LYS J 100 -26.12 61.24 -32.11
CA LYS J 100 -24.68 61.44 -32.17
C LYS J 100 -24.11 60.69 -33.37
N PRO J 101 -23.16 61.28 -34.09
CA PRO J 101 -22.45 60.52 -35.13
C PRO J 101 -21.47 59.55 -34.51
N VAL J 102 -21.15 58.51 -35.27
CA VAL J 102 -20.27 57.45 -34.79
C VAL J 102 -19.14 57.27 -35.79
N SER J 103 -17.92 57.55 -35.35
CA SER J 103 -16.72 57.26 -36.12
C SER J 103 -16.05 56.03 -35.53
N ASN J 104 -15.71 55.07 -36.39
CA ASN J 104 -15.06 53.82 -35.97
C ASN J 104 -15.96 53.03 -35.02
N PHE J 105 -17.02 52.48 -35.60
CA PHE J 105 -17.79 51.43 -34.97
C PHE J 105 -17.13 50.10 -35.30
N ARG J 106 -16.92 49.26 -34.28
CA ARG J 106 -16.15 48.04 -34.44
C ARG J 106 -16.82 46.90 -33.70
N MET J 107 -16.58 45.68 -34.18
CA MET J 107 -17.23 44.48 -33.66
C MET J 107 -16.20 43.37 -33.53
N ILE J 108 -16.13 42.76 -32.35
CA ILE J 108 -15.27 41.61 -32.09
C ILE J 108 -16.13 40.49 -31.54
N GLU J 109 -16.29 39.43 -32.31
CA GLU J 109 -17.10 38.28 -31.92
C GLU J 109 -16.18 37.08 -31.76
N ARG J 110 -16.20 36.48 -30.57
CA ARG J 110 -15.30 35.37 -30.24
C ARG J 110 -16.14 34.16 -29.83
N HIS J 111 -15.94 33.06 -30.53
CA HIS J 111 -16.56 31.78 -30.19
C HIS J 111 -15.52 30.87 -29.56
N TYR J 112 -15.79 30.43 -28.34
CA TYR J 112 -14.98 29.41 -27.68
C TYR J 112 -15.82 28.16 -27.49
N PHE J 113 -15.14 27.04 -27.26
CA PHE J 113 -15.76 25.82 -26.76
C PHE J 113 -14.98 25.39 -25.52
N ARG J 114 -15.42 25.89 -24.37
CA ARG J 114 -14.83 25.52 -23.08
C ARG J 114 -13.31 25.65 -23.15
N GLU J 115 -12.88 26.91 -23.30
CA GLU J 115 -11.47 27.29 -23.35
C GLU J 115 -10.81 26.80 -24.65
N HIS J 116 -11.59 26.77 -25.73
CA HIS J 116 -11.10 26.39 -27.06
C HIS J 116 -11.63 27.40 -28.06
N LEU J 117 -10.76 28.30 -28.54
CA LEU J 117 -11.18 29.36 -29.46
C LEU J 117 -11.46 28.81 -30.85
N LEU J 118 -12.75 28.76 -31.23
CA LEU J 118 -13.14 28.28 -32.55
C LEU J 118 -12.99 29.35 -33.62
N LYS J 119 -13.65 30.48 -33.42
CA LYS J 119 -13.80 31.51 -34.44
C LYS J 119 -13.61 32.87 -33.80
N ASN J 120 -12.81 33.71 -34.43
CA ASN J 120 -12.64 35.11 -34.01
C ASN J 120 -13.03 35.98 -35.20
N PHE J 121 -14.00 36.87 -34.97
CA PHE J 121 -14.47 37.78 -36.01
C PHE J 121 -14.24 39.21 -35.55
N ASP J 122 -13.24 39.86 -36.14
CA ASP J 122 -12.90 41.25 -35.84
C ASP J 122 -13.17 42.07 -37.10
N PHE J 123 -14.26 42.84 -37.08
CA PHE J 123 -14.67 43.65 -38.21
C PHE J 123 -14.81 45.10 -37.79
N ASP J 124 -14.19 45.99 -38.56
CA ASP J 124 -14.27 47.43 -38.33
C ASP J 124 -15.29 48.02 -39.28
N PHE J 125 -16.49 48.32 -38.77
CA PHE J 125 -17.48 49.01 -39.58
C PHE J 125 -16.98 50.39 -39.99
N GLY J 126 -16.34 51.09 -39.07
CA GLY J 126 -15.95 52.47 -39.31
C GLY J 126 -17.08 53.46 -39.10
N PHE J 127 -17.10 54.50 -39.91
CA PHE J 127 -18.07 55.58 -39.73
C PHE J 127 -19.49 55.07 -39.89
N CYS J 128 -20.39 55.51 -39.01
CA CYS J 128 -21.81 55.22 -39.10
C CYS J 128 -22.57 56.53 -39.24
N ILE J 129 -23.35 56.65 -40.31
CA ILE J 129 -24.17 57.84 -40.54
C ILE J 129 -25.16 58.00 -39.39
N PRO J 130 -25.38 59.20 -38.87
CA PRO J 130 -26.37 59.38 -37.79
C PRO J 130 -27.77 59.07 -38.27
N SER J 131 -28.57 58.49 -37.35
CA SER J 131 -29.96 58.12 -37.61
C SER J 131 -30.08 57.09 -38.74
N SER J 132 -29.04 56.30 -38.94
CA SER J 132 -29.03 55.30 -40.00
C SER J 132 -29.60 53.97 -39.51
N ARG J 133 -29.89 53.09 -40.47
CA ARG J 133 -30.26 51.71 -40.21
C ARG J 133 -29.41 50.84 -41.13
N ASN J 134 -28.49 50.08 -40.54
CA ASN J 134 -27.48 49.35 -41.29
C ASN J 134 -27.58 47.86 -41.02
N THR J 135 -27.11 47.08 -42.00
CA THR J 135 -26.99 45.63 -41.85
C THR J 135 -25.56 45.22 -42.18
N CYS J 136 -25.16 44.10 -41.60
CA CYS J 136 -23.88 43.46 -41.90
C CYS J 136 -24.08 41.97 -41.80
N GLU J 137 -23.84 41.27 -42.90
CA GLU J 137 -23.87 39.82 -42.91
C GLU J 137 -22.44 39.29 -42.98
N HIS J 138 -22.03 38.59 -41.92
CA HIS J 138 -20.80 37.82 -41.92
C HIS J 138 -21.09 36.45 -42.54
N ILE J 139 -20.50 36.20 -43.69
CA ILE J 139 -20.62 34.93 -44.41
C ILE J 139 -19.29 34.21 -44.25
N TYR J 140 -19.26 33.13 -43.49
CA TYR J 140 -18.02 32.41 -43.26
C TYR J 140 -18.12 30.98 -43.78
N GLU J 141 -17.05 30.56 -44.46
CA GLU J 141 -16.76 29.16 -44.68
C GLU J 141 -16.64 28.49 -43.32
N PHE J 142 -17.53 27.56 -43.03
CA PHE J 142 -17.55 26.89 -41.73
C PHE J 142 -16.16 26.35 -41.41
N PRO J 143 -15.68 26.48 -40.16
CA PRO J 143 -14.37 25.93 -39.82
C PRO J 143 -14.39 24.42 -40.04
N GLN J 144 -13.28 23.92 -40.57
CA GLN J 144 -13.15 22.48 -40.85
C GLN J 144 -12.99 21.77 -39.51
N LEU J 145 -14.07 21.16 -39.05
CA LEU J 145 -14.11 20.54 -37.73
C LEU J 145 -13.81 19.05 -37.88
N SER J 146 -12.79 18.60 -37.15
CA SER J 146 -12.51 17.17 -37.09
C SER J 146 -13.71 16.46 -36.46
N GLU J 147 -13.86 15.18 -36.81
CA GLU J 147 -15.02 14.44 -36.34
C GLU J 147 -15.06 14.37 -34.81
N ASP J 148 -13.90 14.42 -34.17
CA ASP J 148 -13.83 14.46 -32.71
C ASP J 148 -14.41 15.76 -32.15
N VAL J 149 -14.04 16.90 -32.75
CA VAL J 149 -14.56 18.18 -32.28
C VAL J 149 -16.07 18.24 -32.44
N ILE J 150 -16.59 17.74 -33.56
CA ILE J 150 -18.03 17.67 -33.74
C ILE J 150 -18.65 16.79 -32.66
N ARG J 151 -18.07 15.60 -32.45
CA ARG J 151 -18.50 14.70 -31.38
C ARG J 151 -18.67 15.46 -30.07
N LEU J 152 -17.61 16.16 -29.65
CA LEU J 152 -17.61 16.86 -28.37
C LEU J 152 -18.67 17.96 -28.34
N MET J 153 -18.76 18.75 -29.41
CA MET J 153 -19.72 19.83 -29.47
C MET J 153 -21.16 19.33 -29.35
N ILE J 154 -21.46 18.21 -30.02
CA ILE J 154 -22.79 17.61 -29.89
C ILE J 154 -23.02 17.16 -28.45
N GLU J 155 -22.05 16.43 -27.89
CA GLU J 155 -22.28 15.80 -26.59
C GLU J 155 -22.30 16.79 -25.43
N ASN J 156 -21.72 17.98 -25.61
CA ASN J 156 -21.66 18.98 -24.55
C ASN J 156 -22.51 20.20 -24.89
N PRO J 157 -23.81 20.17 -24.62
CA PRO J 157 -24.65 21.33 -24.92
C PRO J 157 -24.22 22.57 -24.15
N TYR J 158 -24.13 23.69 -24.86
CA TYR J 158 -23.96 25.03 -24.31
C TYR J 158 -22.60 25.26 -23.68
N GLU J 159 -21.63 24.36 -23.90
CA GLU J 159 -20.25 24.67 -23.58
C GLU J 159 -19.55 25.36 -24.74
N THR J 160 -20.18 25.40 -25.91
CA THR J 160 -19.79 26.30 -26.98
C THR J 160 -20.47 27.65 -26.74
N ARG J 161 -19.68 28.66 -26.40
CA ARG J 161 -20.22 29.96 -26.04
C ARG J 161 -19.53 31.05 -26.85
N SER J 162 -20.16 32.23 -26.89
CA SER J 162 -19.64 33.34 -27.67
C SER J 162 -19.79 34.65 -26.91
N ASP J 163 -18.81 35.52 -27.09
CA ASP J 163 -18.83 36.90 -26.63
C ASP J 163 -18.90 37.85 -27.83
N SER J 164 -19.86 38.77 -27.80
CA SER J 164 -19.99 39.82 -28.81
C SER J 164 -19.66 41.17 -28.17
N PHE J 165 -18.50 41.72 -28.52
CA PHE J 165 -18.05 43.02 -28.04
C PHE J 165 -18.24 44.06 -29.14
N TYR J 166 -18.77 45.21 -28.76
CA TYR J 166 -19.00 46.31 -29.71
C TYR J 166 -18.30 47.56 -29.18
N PHE J 167 -17.48 48.17 -30.02
CA PHE J 167 -16.66 49.32 -29.63
C PHE J 167 -17.00 50.54 -30.48
N VAL J 168 -16.84 51.71 -29.86
CA VAL J 168 -16.91 52.99 -30.54
C VAL J 168 -15.68 53.78 -30.10
N ASP J 169 -14.76 54.02 -31.04
CA ASP J 169 -13.51 54.73 -30.75
C ASP J 169 -12.69 54.00 -29.69
N ASN J 170 -12.62 52.67 -29.82
CA ASN J 170 -11.87 51.80 -28.92
C ASN J 170 -12.38 51.83 -27.48
N LYS J 171 -13.65 52.19 -27.27
CA LYS J 171 -14.25 52.21 -25.95
C LYS J 171 -15.50 51.34 -26.00
N LEU J 172 -15.43 50.18 -25.34
CA LEU J 172 -16.53 49.21 -25.35
C LEU J 172 -17.83 49.87 -24.94
N ILE J 173 -18.89 49.56 -25.67
CA ILE J 173 -20.17 50.22 -25.51
C ILE J 173 -21.24 49.17 -25.24
N MET J 174 -21.04 47.97 -25.78
CA MET J 174 -22.08 46.94 -25.78
C MET J 174 -21.42 45.57 -25.66
N HIS J 175 -22.02 44.69 -24.85
CA HIS J 175 -21.51 43.34 -24.66
C HIS J 175 -22.68 42.36 -24.56
N ASN J 176 -22.85 41.54 -25.59
CA ASN J 176 -23.85 40.48 -25.63
C ASN J 176 -23.18 39.12 -25.59
N LYS J 177 -23.89 38.12 -25.07
CA LYS J 177 -23.36 36.77 -24.95
C LYS J 177 -24.31 35.75 -25.57
N ALA J 178 -23.77 34.55 -25.80
CA ALA J 178 -24.57 33.47 -26.37
C ALA J 178 -23.92 32.12 -26.08
N ASP J 179 -24.77 31.11 -25.85
CA ASP J 179 -24.35 29.72 -25.75
C ASP J 179 -25.01 28.91 -26.85
N TYR J 180 -24.32 27.91 -27.37
CA TYR J 180 -24.86 27.11 -28.46
C TYR J 180 -24.83 25.63 -28.12
N ALA J 181 -25.91 24.92 -28.49
CA ALA J 181 -26.02 23.47 -28.35
C ALA J 181 -26.44 22.89 -29.69
N TYR J 182 -26.08 21.63 -29.93
CA TYR J 182 -26.30 21.01 -31.24
C TYR J 182 -26.94 19.63 -31.09
N ASN J 183 -28.12 19.60 -30.48
CA ASN J 183 -28.92 18.37 -30.39
C ASN J 183 -30.35 18.65 -30.90
N ASP K 1 27.19 48.61 27.84
CA ASP K 1 26.42 47.66 28.63
C ASP K 1 25.01 48.18 28.90
N THR K 2 24.02 47.46 28.35
CA THR K 2 22.61 47.80 28.49
C THR K 2 22.34 49.30 28.35
N ILE K 3 22.32 49.78 27.12
CA ILE K 3 21.93 51.14 26.80
C ILE K 3 20.61 51.00 26.06
N ARG K 4 19.55 51.47 26.69
CA ARG K 4 18.25 51.28 26.07
C ARG K 4 17.90 52.50 25.21
N PRO K 5 17.01 52.33 24.24
CA PRO K 5 16.63 53.46 23.38
C PRO K 5 16.13 54.68 24.15
N GLU K 6 15.48 54.48 25.30
CA GLU K 6 14.91 55.60 26.02
C GLU K 6 16.01 56.54 26.54
N HIS K 7 17.16 56.01 26.95
CA HIS K 7 18.27 56.83 27.40
C HIS K 7 19.10 57.40 26.24
N VAL K 8 18.52 57.45 25.05
CA VAL K 8 19.20 57.90 23.85
C VAL K 8 18.29 58.93 23.20
N LEU K 9 16.98 58.74 23.35
CA LEU K 9 16.01 59.71 22.88
C LEU K 9 16.06 61.02 23.66
N ARG K 10 16.71 61.04 24.82
CA ARG K 10 16.82 62.22 25.66
C ARG K 10 18.10 63.00 25.45
N LEU K 11 19.05 62.48 24.67
CA LEU K 11 20.31 63.17 24.43
C LEU K 11 20.08 64.55 23.82
N SER K 12 20.92 65.51 24.24
CA SER K 12 20.84 66.88 23.77
C SER K 12 22.01 67.29 22.88
N ARG K 13 22.99 66.41 22.67
CA ARG K 13 24.16 66.74 21.89
C ARG K 13 24.84 65.46 21.46
N VAL K 14 25.67 65.56 20.41
CA VAL K 14 26.47 64.42 19.98
C VAL K 14 27.24 63.89 21.18
N THR K 15 27.32 62.57 21.28
CA THR K 15 28.06 61.97 22.38
C THR K 15 29.57 62.17 22.15
N GLU K 16 30.31 62.22 23.26
CA GLU K 16 31.73 62.48 23.19
C GLU K 16 32.55 61.26 22.76
N ASN K 17 32.03 60.05 22.96
CA ASN K 17 32.76 58.83 22.67
C ASN K 17 31.78 57.76 22.22
N TYR K 18 32.32 56.65 21.69
CA TYR K 18 31.47 55.53 21.34
C TYR K 18 30.83 54.96 22.59
N LEU K 19 29.56 54.59 22.48
CA LEU K 19 28.79 54.09 23.60
C LEU K 19 28.68 52.57 23.59
N CYS K 20 29.44 51.91 22.72
CA CYS K 20 29.43 50.46 22.63
C CYS K 20 30.61 50.03 21.77
N LYS K 21 31.00 48.75 21.92
CA LYS K 21 32.14 48.25 21.16
C LYS K 21 31.67 47.48 19.93
N PRO K 22 32.50 47.44 18.89
CA PRO K 22 32.21 46.58 17.74
C PRO K 22 31.96 45.12 18.11
N GLU K 23 32.52 44.66 19.22
CA GLU K 23 32.31 43.26 19.62
C GLU K 23 30.88 43.03 20.10
N ASP K 24 30.14 44.08 20.45
CA ASP K 24 28.76 43.90 20.87
C ASP K 24 27.85 43.57 19.70
N ASN K 25 28.29 43.80 18.47
CA ASN K 25 27.52 43.49 17.28
C ASN K 25 27.57 41.97 17.10
N ILE K 26 26.80 41.27 17.93
CA ILE K 26 26.84 39.81 17.95
C ILE K 26 26.06 39.18 16.80
N TYR K 27 25.29 39.97 16.05
CA TYR K 27 24.50 39.45 14.95
C TYR K 27 25.15 39.72 13.60
N SER K 28 26.41 40.16 13.60
CA SER K 28 27.18 40.50 12.40
C SER K 28 26.33 41.23 11.36
N ILE K 29 25.61 42.26 11.82
CA ILE K 29 24.92 43.16 10.90
C ILE K 29 25.96 44.04 10.21
N ASP K 30 25.92 44.06 8.87
CA ASP K 30 26.94 44.75 8.08
C ASP K 30 26.24 45.67 7.09
N PHE K 31 26.43 46.97 7.27
CA PHE K 31 25.92 47.95 6.31
C PHE K 31 26.75 47.90 5.04
N THR K 32 26.11 47.56 3.93
CA THR K 32 26.82 47.37 2.67
C THR K 32 26.61 48.49 1.67
N ARG K 33 25.64 49.38 1.89
CA ARG K 33 25.39 50.40 0.86
C ARG K 33 24.71 51.62 1.48
N PHE K 34 25.11 52.80 1.03
CA PHE K 34 24.49 54.03 1.50
C PHE K 34 24.31 54.98 0.33
N LYS K 35 23.16 55.66 0.28
CA LYS K 35 22.84 56.54 -0.83
C LYS K 35 22.03 57.74 -0.35
N ILE K 36 22.46 58.93 -0.73
CA ILE K 36 21.68 60.15 -0.57
C ILE K 36 21.29 60.64 -1.96
N ARG K 37 20.01 60.90 -2.16
CA ARG K 37 19.55 61.41 -3.46
C ARG K 37 18.52 62.51 -3.27
N ASP K 38 18.59 63.48 -4.18
CA ASP K 38 17.59 64.55 -4.27
C ASP K 38 16.37 64.00 -5.00
N LEU K 39 15.23 63.97 -4.29
CA LEU K 39 14.02 63.37 -4.85
C LEU K 39 13.22 64.36 -5.68
N GLU K 40 13.59 65.64 -5.69
CA GLU K 40 12.94 66.61 -6.55
C GLU K 40 13.46 66.53 -7.98
N THR K 41 14.78 66.39 -8.14
CA THR K 41 15.39 66.25 -9.45
C THR K 41 15.73 64.80 -9.80
N GLY K 42 15.76 63.90 -8.82
CA GLY K 42 16.16 62.53 -9.03
C GLY K 42 17.65 62.30 -8.96
N THR K 43 18.44 63.36 -8.86
CA THR K 43 19.90 63.24 -8.88
C THR K 43 20.41 62.43 -7.70
N VAL K 44 21.32 61.50 -7.98
CA VAL K 44 21.99 60.75 -6.92
C VAL K 44 23.12 61.64 -6.40
N LEU K 45 22.95 62.19 -5.20
CA LEU K 45 23.93 63.12 -4.66
C LEU K 45 25.17 62.39 -4.20
N PHE K 46 25.01 61.31 -3.45
CA PHE K 46 26.13 60.54 -2.95
C PHE K 46 25.72 59.08 -2.88
N GLU K 47 26.65 58.18 -3.22
CA GLU K 47 26.37 56.76 -3.06
C GLU K 47 27.69 56.02 -2.92
N ILE K 48 27.72 55.05 -2.01
CA ILE K 48 28.88 54.18 -1.84
C ILE K 48 28.39 52.79 -1.47
N ALA K 49 28.86 51.79 -2.21
CA ALA K 49 28.36 50.43 -2.07
C ALA K 49 29.50 49.43 -2.20
N LYS K 50 29.13 48.15 -2.05
CA LYS K 50 29.87 46.90 -2.26
C LYS K 50 31.37 47.05 -1.94
N PRO K 51 32.36 46.81 -2.82
CA PRO K 51 33.74 46.79 -2.31
C PRO K 51 34.33 48.16 -2.00
N CYS K 52 33.58 49.24 -2.16
CA CYS K 52 34.13 50.58 -2.00
C CYS K 52 33.91 51.08 -0.57
N VAL K 53 34.95 51.70 -0.01
CA VAL K 53 34.89 52.28 1.32
C VAL K 53 35.26 53.77 1.22
N GLY K 72 36.72 52.30 11.84
CA GLY K 72 35.91 51.88 10.70
C GLY K 72 34.43 52.16 10.88
N ARG K 73 34.11 53.07 11.80
CA ARG K 73 32.74 53.46 12.06
C ARG K 73 32.63 54.98 12.11
N PHE K 74 33.39 55.67 11.26
CA PHE K 74 33.36 57.13 11.17
C PHE K 74 33.49 57.54 9.72
N VAL K 75 32.57 58.40 9.26
CA VAL K 75 32.58 58.93 7.91
C VAL K 75 32.55 60.45 7.98
N ARG K 76 32.99 61.09 6.90
CA ARG K 76 32.93 62.54 6.78
C ARG K 76 32.59 62.92 5.35
N TYR K 77 31.71 63.90 5.19
CA TYR K 77 31.17 64.30 3.90
C TYR K 77 31.47 65.76 3.61
N GLN K 78 31.73 66.06 2.33
CA GLN K 78 31.92 67.42 1.84
C GLN K 78 30.82 67.76 0.84
N PHE K 79 30.31 68.99 0.91
CA PHE K 79 29.31 69.47 -0.04
C PHE K 79 29.32 71.00 -0.08
N THR K 80 28.68 71.55 -1.11
CA THR K 80 28.47 72.99 -1.28
C THR K 80 27.23 73.50 -0.54
N PRO K 81 27.20 74.81 -0.23
CA PRO K 81 26.02 75.41 0.43
C PRO K 81 24.68 75.14 -0.24
N ALA K 82 24.65 74.97 -1.57
CA ALA K 82 23.39 74.73 -2.27
C ALA K 82 22.62 73.57 -1.68
N PHE K 83 23.32 72.63 -1.05
CA PHE K 83 22.70 71.46 -0.42
C PHE K 83 21.62 71.85 0.58
N LEU K 84 21.77 72.99 1.27
CA LEU K 84 20.83 73.29 2.36
C LEU K 84 19.45 73.74 1.88
N ARG K 85 19.22 73.84 0.58
CA ARG K 85 17.92 74.19 -0.01
C ARG K 85 17.37 73.07 -0.89
N LEU K 86 17.56 71.80 -0.50
CA LEU K 86 17.10 70.69 -1.35
C LEU K 86 15.60 70.42 -1.25
N ARG K 87 14.99 70.71 -0.10
CA ARG K 87 13.55 70.58 0.19
C ARG K 87 13.13 69.14 0.51
N THR K 88 13.43 68.16 -0.35
CA THR K 88 13.06 66.78 -0.07
C THR K 88 14.24 65.87 -0.39
N VAL K 89 14.58 64.99 0.55
CA VAL K 89 15.76 64.13 0.41
C VAL K 89 15.40 62.69 0.67
N GLY K 90 16.15 61.77 0.06
CA GLY K 90 16.01 60.35 0.30
C GLY K 90 17.33 59.71 0.68
N ALA K 91 17.42 59.20 1.92
CA ALA K 91 18.62 58.53 2.43
C ALA K 91 18.34 57.04 2.57
N THR K 92 19.11 56.23 1.85
CA THR K 92 18.93 54.78 1.79
C THR K 92 20.12 54.09 2.44
N VAL K 93 19.84 53.16 3.35
CA VAL K 93 20.86 52.28 3.91
C VAL K 93 20.51 50.84 3.56
N GLU K 94 21.52 50.08 3.16
CA GLU K 94 21.38 48.66 2.84
C GLU K 94 22.35 47.88 3.72
N PHE K 95 21.81 46.93 4.48
CA PHE K 95 22.58 46.14 5.43
C PHE K 95 22.26 44.66 5.26
N THR K 96 23.27 43.83 5.52
CA THR K 96 23.13 42.38 5.55
C THR K 96 23.15 41.89 7.00
N VAL K 97 22.57 40.70 7.21
CA VAL K 97 22.46 40.09 8.53
C VAL K 97 23.04 38.68 8.48
N GLY K 98 23.39 38.17 9.66
CA GLY K 98 24.15 36.94 9.80
C GLY K 98 23.33 35.70 10.12
N ASP K 99 24.03 34.70 10.68
CA ASP K 99 23.44 33.38 10.87
C ASP K 99 22.17 33.45 11.72
N LYS K 100 22.30 33.88 12.97
CA LYS K 100 21.15 33.96 13.86
C LYS K 100 20.13 34.99 13.37
N PRO K 101 18.83 34.72 13.53
CA PRO K 101 17.82 35.72 13.23
C PRO K 101 17.80 36.83 14.27
N VAL K 102 17.22 37.95 13.86
CA VAL K 102 17.15 39.16 14.68
C VAL K 102 15.67 39.55 14.79
N SER K 103 15.16 39.59 16.01
CA SER K 103 13.81 40.07 16.27
C SER K 103 13.86 41.48 16.85
N ASN K 104 13.09 42.38 16.24
CA ASN K 104 12.97 43.78 16.64
C ASN K 104 14.33 44.50 16.56
N PHE K 105 14.75 44.71 15.31
CA PHE K 105 15.87 45.60 15.00
C PHE K 105 15.34 47.03 14.85
N ARG K 106 16.06 47.99 15.45
CA ARG K 106 15.60 49.37 15.51
C ARG K 106 16.77 50.31 15.24
N MET K 107 16.47 51.50 14.73
CA MET K 107 17.47 52.47 14.30
C MET K 107 17.08 53.87 14.73
N ILE K 108 18.01 54.57 15.38
CA ILE K 108 17.81 55.95 15.83
C ILE K 108 18.98 56.79 15.32
N GLU K 109 18.72 57.68 14.37
CA GLU K 109 19.75 58.54 13.81
C GLU K 109 19.44 59.99 14.16
N ARG K 110 20.39 60.66 14.83
CA ARG K 110 20.20 62.03 15.30
C ARG K 110 21.30 62.92 14.75
N HIS K 111 20.90 64.00 14.08
CA HIS K 111 21.84 65.00 13.56
C HIS K 111 21.77 66.24 14.44
N TYR K 112 22.89 66.64 15.02
CA TYR K 112 22.99 67.89 15.76
C TYR K 112 23.96 68.85 15.09
N PHE K 113 23.81 70.13 15.40
CA PHE K 113 24.84 71.15 15.20
C PHE K 113 24.96 71.93 16.51
N ARG K 114 25.92 71.55 17.36
CA ARG K 114 26.15 72.22 18.64
C ARG K 114 24.88 72.40 19.46
N GLU K 115 24.44 71.34 20.14
CA GLU K 115 23.28 71.40 21.02
C GLU K 115 22.03 71.89 20.29
N HIS K 116 21.92 71.56 19.00
CA HIS K 116 20.77 71.94 18.17
C HIS K 116 20.31 70.71 17.42
N LEU K 117 19.18 70.12 17.83
CA LEU K 117 18.67 68.91 17.20
C LEU K 117 18.11 69.25 15.82
N LEU K 118 18.82 68.85 14.78
CA LEU K 118 18.37 69.11 13.40
C LEU K 118 17.33 68.09 12.96
N LYS K 119 17.67 66.80 13.02
CA LYS K 119 16.84 65.75 12.46
C LYS K 119 16.84 64.54 13.38
N ASN K 120 15.65 63.97 13.59
CA ASN K 120 15.49 62.72 14.34
C ASN K 120 14.82 61.69 13.45
N PHE K 121 15.49 60.55 13.25
CA PHE K 121 14.94 59.42 12.50
C PHE K 121 14.93 58.18 13.39
N ASP K 122 13.75 57.79 13.86
CA ASP K 122 13.57 56.61 14.70
C ASP K 122 12.68 55.62 13.97
N PHE K 123 13.27 54.55 13.45
CA PHE K 123 12.53 53.54 12.68
C PHE K 123 12.75 52.16 13.28
N ASP K 124 11.65 51.43 13.50
CA ASP K 124 11.69 50.07 14.03
C ASP K 124 11.54 49.10 12.86
N PHE K 125 12.67 48.52 12.44
CA PHE K 125 12.64 47.50 11.39
C PHE K 125 11.85 46.27 11.82
N GLY K 126 12.04 45.83 13.06
CA GLY K 126 11.46 44.59 13.51
C GLY K 126 12.24 43.36 13.10
N PHE K 127 11.53 42.27 12.79
CA PHE K 127 12.20 41.01 12.47
C PHE K 127 13.08 41.15 11.24
N CYS K 128 14.27 40.58 11.31
CA CYS K 128 15.18 40.51 10.17
C CYS K 128 15.44 39.04 9.85
N ILE K 129 15.11 38.63 8.63
CA ILE K 129 15.31 37.24 8.19
C ILE K 129 16.80 36.92 8.25
N PRO K 130 17.21 35.76 8.74
CA PRO K 130 18.64 35.43 8.76
C PRO K 130 19.23 35.34 7.36
N SER K 131 20.49 35.77 7.23
CA SER K 131 21.24 35.76 5.98
C SER K 131 20.58 36.64 4.92
N SER K 132 19.83 37.64 5.35
CA SER K 132 19.12 38.52 4.44
C SER K 132 19.96 39.73 4.04
N ARG K 133 19.50 40.43 3.00
CA ARG K 133 20.07 41.69 2.57
C ARG K 133 18.90 42.66 2.38
N ASN K 134 18.83 43.68 3.23
CA ASN K 134 17.68 44.56 3.28
C ASN K 134 18.09 46.00 2.99
N THR K 135 17.14 46.78 2.48
CA THR K 135 17.31 48.20 2.24
C THR K 135 16.19 48.97 2.92
N CYS K 136 16.49 50.22 3.26
CA CYS K 136 15.49 51.16 3.79
C CYS K 136 15.85 52.56 3.31
N GLU K 137 14.94 53.19 2.58
CA GLU K 137 15.07 54.59 2.19
C GLU K 137 14.13 55.45 3.02
N HIS K 138 14.71 56.32 3.83
CA HIS K 138 13.97 57.37 4.52
C HIS K 138 13.82 58.57 3.59
N ILE K 139 12.57 58.89 3.23
CA ILE K 139 12.25 60.03 2.39
C ILE K 139 11.64 61.11 3.27
N TYR K 140 12.39 62.19 3.49
CA TYR K 140 11.93 63.26 4.38
C TYR K 140 11.90 64.62 3.68
N GLU K 141 10.82 65.37 3.96
CA GLU K 141 10.81 66.82 3.76
C GLU K 141 11.88 67.49 4.61
N PHE K 142 12.76 68.25 3.95
CA PHE K 142 13.89 68.90 4.60
C PHE K 142 13.42 69.65 5.86
N PRO K 143 14.11 69.50 7.00
CA PRO K 143 13.74 70.27 8.19
C PRO K 143 13.90 71.77 8.00
N GLN K 144 13.06 72.53 8.71
CA GLN K 144 13.01 73.99 8.64
C GLN K 144 14.27 74.59 9.26
N LEU K 145 15.22 74.98 8.42
CA LEU K 145 16.46 75.59 8.88
C LEU K 145 16.39 77.11 8.66
N SER K 146 16.50 77.87 9.74
CA SER K 146 16.60 79.32 9.68
C SER K 146 17.90 79.75 9.00
N GLU K 147 17.87 80.96 8.43
CA GLU K 147 19.06 81.48 7.76
C GLU K 147 20.23 81.63 8.74
N ASP K 148 19.95 81.84 10.02
CA ASP K 148 21.01 81.83 11.02
C ASP K 148 21.64 80.44 11.14
N VAL K 149 20.79 79.41 11.21
CA VAL K 149 21.27 78.04 11.30
C VAL K 149 22.07 77.69 10.05
N ILE K 150 21.58 78.11 8.88
CA ILE K 150 22.32 77.89 7.63
C ILE K 150 23.67 78.59 7.69
N ARG K 151 23.67 79.87 8.05
CA ARG K 151 24.91 80.63 8.21
C ARG K 151 25.93 79.86 9.04
N LEU K 152 25.53 79.44 10.25
CA LEU K 152 26.45 78.75 11.15
C LEU K 152 26.90 77.40 10.58
N MET K 153 25.95 76.61 10.07
CA MET K 153 26.30 75.28 9.55
C MET K 153 27.29 75.38 8.40
N ILE K 154 27.10 76.33 7.49
CA ILE K 154 28.07 76.55 6.42
C ILE K 154 29.41 76.99 7.00
N GLU K 155 29.37 77.99 7.90
CA GLU K 155 30.61 78.60 8.35
C GLU K 155 31.42 77.70 9.27
N ASN K 156 30.79 76.73 9.93
CA ASN K 156 31.52 75.83 10.81
C ASN K 156 31.49 74.41 10.26
N PRO K 157 32.39 74.07 9.35
CA PRO K 157 32.44 72.69 8.83
C PRO K 157 32.70 71.70 9.95
N TYR K 158 31.94 70.60 9.93
CA TYR K 158 32.11 69.43 10.78
C TYR K 158 31.75 69.69 12.24
N GLU K 159 31.09 70.81 12.54
CA GLU K 159 30.39 70.94 13.80
C GLU K 159 28.97 70.42 13.72
N THR K 160 28.50 70.12 12.50
CA THR K 160 27.31 69.31 12.30
C THR K 160 27.72 67.84 12.36
N ARG K 161 27.25 67.15 13.39
CA ARG K 161 27.65 65.79 13.66
C ARG K 161 26.40 64.92 13.77
N SER K 162 26.58 63.61 13.63
CA SER K 162 25.45 62.70 13.69
C SER K 162 25.81 61.46 14.51
N ASP K 163 24.84 60.98 15.27
CA ASP K 163 24.94 59.70 15.96
C ASP K 163 23.96 58.72 15.35
N SER K 164 24.47 57.55 14.98
CA SER K 164 23.65 56.45 14.46
C SER K 164 23.65 55.32 15.49
N PHE K 165 22.54 55.14 16.18
CA PHE K 165 22.37 54.08 17.16
C PHE K 165 21.52 52.97 16.55
N TYR K 166 21.95 51.73 16.75
CA TYR K 166 21.24 50.56 16.26
C TYR K 166 20.98 49.64 17.43
N PHE K 167 19.73 49.24 17.61
CA PHE K 167 19.31 48.44 18.75
C PHE K 167 18.73 47.10 18.29
N VAL K 168 18.90 46.09 19.13
CA VAL K 168 18.27 44.80 18.96
C VAL K 168 17.64 44.43 20.30
N ASP K 169 16.31 44.38 20.34
CA ASP K 169 15.57 44.09 21.58
C ASP K 169 15.87 45.14 22.66
N ASN K 170 15.89 46.40 22.25
CA ASN K 170 16.15 47.53 23.15
C ASN K 170 17.53 47.46 23.78
N LYS K 171 18.47 46.76 23.13
CA LYS K 171 19.83 46.57 23.62
C LYS K 171 20.77 47.06 22.52
N LEU K 172 21.44 48.17 22.78
CA LEU K 172 22.34 48.78 21.78
C LEU K 172 23.35 47.78 21.25
N ILE K 173 23.56 47.80 19.94
CA ILE K 173 24.38 46.81 19.24
C ILE K 173 25.47 47.50 18.45
N MET K 174 25.18 48.68 17.90
CA MET K 174 26.07 49.34 16.96
C MET K 174 26.00 50.84 17.13
N HIS K 175 27.14 51.52 17.04
CA HIS K 175 27.20 52.97 17.15
C HIS K 175 28.20 53.52 16.13
N ASN K 176 27.69 54.16 15.09
CA ASN K 176 28.49 54.84 14.08
C ASN K 176 28.29 56.35 14.18
N LYS K 177 29.29 57.11 13.78
CA LYS K 177 29.24 58.57 13.83
C LYS K 177 29.62 59.15 12.47
N ALA K 178 29.26 60.42 12.28
CA ALA K 178 29.55 61.13 11.03
C ALA K 178 29.48 62.62 11.27
N ASP K 179 30.34 63.36 10.55
CA ASP K 179 30.31 64.81 10.50
C ASP K 179 30.04 65.28 9.08
N TYR K 180 29.35 66.41 8.96
CA TYR K 180 28.96 66.97 7.67
C TYR K 180 29.51 68.38 7.54
N ALA K 181 29.98 68.70 6.35
CA ALA K 181 30.45 70.05 6.04
C ALA K 181 29.78 70.55 4.77
N TYR K 182 29.62 71.87 4.68
CA TYR K 182 28.92 72.50 3.56
C TYR K 182 29.74 73.69 3.05
N ASN K 183 30.95 73.39 2.59
CA ASN K 183 31.82 74.41 2.00
C ASN K 183 32.23 74.02 0.58
N ASP L 1 -33.24 9.98 3.36
CA ASP L 1 -33.13 10.71 2.11
C ASP L 1 -32.61 9.83 0.97
N THR L 2 -33.38 9.79 -0.12
CA THR L 2 -33.09 8.99 -1.31
C THR L 2 -32.88 7.51 -0.95
N ILE L 3 -34.02 6.87 -0.68
CA ILE L 3 -34.08 5.42 -0.49
C ILE L 3 -35.00 4.88 -1.58
N ARG L 4 -34.43 4.14 -2.52
CA ARG L 4 -35.23 3.56 -3.58
C ARG L 4 -35.59 2.12 -3.24
N PRO L 5 -36.66 1.58 -3.82
CA PRO L 5 -37.03 0.18 -3.51
C PRO L 5 -35.92 -0.82 -3.78
N GLU L 6 -35.09 -0.59 -4.81
CA GLU L 6 -34.04 -1.55 -5.13
C GLU L 6 -32.97 -1.63 -4.04
N HIS L 7 -32.67 -0.52 -3.37
CA HIS L 7 -31.72 -0.50 -2.28
C HIS L 7 -32.30 -1.02 -1.00
N VAL L 8 -33.39 -1.78 -1.09
CA VAL L 8 -34.12 -2.28 0.06
C VAL L 8 -34.35 -3.77 -0.09
N LEU L 9 -34.56 -4.23 -1.33
CA LEU L 9 -34.66 -5.66 -1.59
C LEU L 9 -33.33 -6.37 -1.40
N ARG L 10 -32.23 -5.63 -1.32
CA ARG L 10 -30.91 -6.24 -1.17
C ARG L 10 -30.50 -6.34 0.30
N LEU L 11 -31.27 -5.75 1.20
CA LEU L 11 -31.00 -5.87 2.63
C LEU L 11 -31.04 -7.35 3.03
N SER L 12 -30.16 -7.74 3.94
CA SER L 12 -30.09 -9.11 4.41
C SER L 12 -30.56 -9.24 5.85
N ARG L 13 -30.93 -8.14 6.49
CA ARG L 13 -31.35 -8.15 7.88
C ARG L 13 -32.08 -6.85 8.16
N VAL L 14 -32.89 -6.86 9.23
CA VAL L 14 -33.62 -5.68 9.65
C VAL L 14 -32.68 -4.49 9.80
N THR L 15 -33.16 -3.32 9.40
CA THR L 15 -32.35 -2.10 9.50
C THR L 15 -32.17 -1.69 10.96
N GLU L 16 -31.06 -1.00 11.22
CA GLU L 16 -30.73 -0.60 12.58
C GLU L 16 -31.55 0.60 13.04
N ASN L 17 -32.01 1.44 12.12
CA ASN L 17 -32.76 2.64 12.45
C ASN L 17 -33.76 2.91 11.34
N TYR L 18 -34.69 3.81 11.61
CA TYR L 18 -35.66 4.21 10.61
C TYR L 18 -34.97 4.94 9.46
N LEU L 19 -35.43 4.69 8.24
CA LEU L 19 -34.81 5.23 7.04
C LEU L 19 -35.50 6.48 6.53
N CYS L 20 -36.42 7.04 7.30
CA CYS L 20 -37.12 8.27 6.92
C CYS L 20 -37.84 8.81 8.14
N LYS L 21 -38.21 10.06 8.07
CA LYS L 21 -38.86 10.78 9.15
C LYS L 21 -40.37 10.74 8.98
N PRO L 22 -41.12 10.87 10.08
CA PRO L 22 -42.58 11.00 9.95
C PRO L 22 -43.00 12.14 9.02
N GLU L 23 -42.17 13.17 8.88
CA GLU L 23 -42.47 14.29 8.01
C GLU L 23 -42.43 13.94 6.53
N ASP L 24 -41.82 12.80 6.17
CA ASP L 24 -41.72 12.41 4.77
C ASP L 24 -43.07 11.99 4.18
N ASN L 25 -44.07 11.72 5.03
CA ASN L 25 -45.40 11.29 4.59
C ASN L 25 -46.15 12.50 4.02
N ILE L 26 -45.80 12.86 2.77
CA ILE L 26 -46.38 14.04 2.15
C ILE L 26 -47.79 13.83 1.60
N TYR L 27 -48.26 12.59 1.49
CA TYR L 27 -49.58 12.32 0.93
C TYR L 27 -50.62 12.04 2.02
N SER L 28 -50.31 12.33 3.27
CA SER L 28 -51.17 12.04 4.42
C SER L 28 -51.82 10.66 4.31
N ILE L 29 -51.00 9.66 3.99
CA ILE L 29 -51.42 8.27 4.06
C ILE L 29 -51.48 7.84 5.52
N ASP L 30 -52.63 7.32 5.96
CA ASP L 30 -52.84 6.95 7.34
C ASP L 30 -53.37 5.52 7.40
N PHE L 31 -52.56 4.62 7.96
CA PHE L 31 -53.00 3.25 8.18
C PHE L 31 -53.98 3.20 9.34
N THR L 32 -55.22 2.79 9.06
CA THR L 32 -56.27 2.82 10.06
C THR L 32 -56.69 1.45 10.58
N ARG L 33 -56.29 0.35 9.94
CA ARG L 33 -56.79 -0.94 10.40
C ARG L 33 -55.83 -2.06 10.04
N PHE L 34 -55.67 -3.02 10.96
CA PHE L 34 -54.79 -4.16 10.74
C PHE L 34 -55.44 -5.43 11.28
N LYS L 35 -55.30 -6.52 10.53
CA LYS L 35 -55.93 -7.80 10.91
C LYS L 35 -55.07 -8.97 10.47
N ILE L 36 -54.82 -9.90 11.39
CA ILE L 36 -54.26 -11.21 11.08
C ILE L 36 -55.33 -12.25 11.38
N ARG L 37 -55.61 -13.13 10.41
CA ARG L 37 -56.58 -14.19 10.64
C ARG L 37 -56.07 -15.51 10.05
N ASP L 38 -56.41 -16.59 10.75
CA ASP L 38 -56.15 -17.93 10.25
C ASP L 38 -57.22 -18.26 9.21
N LEU L 39 -56.79 -18.48 7.97
CA LEU L 39 -57.74 -18.66 6.87
C LEU L 39 -58.20 -20.10 6.69
N GLU L 40 -57.59 -21.05 7.40
CA GLU L 40 -58.10 -22.41 7.35
C GLU L 40 -59.30 -22.59 8.27
N THR L 41 -59.25 -22.00 9.47
CA THR L 41 -60.37 -22.05 10.40
C THR L 41 -61.22 -20.79 10.39
N GLY L 42 -60.73 -19.69 9.83
CA GLY L 42 -61.43 -18.43 9.83
C GLY L 42 -61.22 -17.58 11.06
N THR L 43 -60.56 -18.10 12.10
CA THR L 43 -60.40 -17.35 13.34
C THR L 43 -59.59 -16.09 13.10
N VAL L 44 -60.08 -14.96 13.62
CA VAL L 44 -59.33 -13.71 13.57
C VAL L 44 -58.34 -13.72 14.72
N LEU L 45 -57.05 -13.86 14.41
CA LEU L 45 -56.04 -13.95 15.45
C LEU L 45 -55.82 -12.60 16.12
N PHE L 46 -55.72 -11.54 15.32
CA PHE L 46 -55.50 -10.20 15.85
C PHE L 46 -56.21 -9.20 14.96
N GLU L 47 -56.79 -8.17 15.55
CA GLU L 47 -57.34 -7.08 14.77
C GLU L 47 -57.35 -5.82 15.62
N ILE L 48 -56.96 -4.70 15.01
CA ILE L 48 -56.98 -3.42 15.71
C ILE L 48 -57.27 -2.31 14.70
N ALA L 49 -58.15 -1.39 15.08
CA ALA L 49 -58.55 -0.31 14.21
C ALA L 49 -58.51 0.99 15.00
N LYS L 50 -58.70 2.11 14.31
CA LYS L 50 -58.78 3.38 15.01
C LYS L 50 -60.18 3.58 15.56
N PRO L 51 -60.32 3.96 16.83
CA PRO L 51 -61.64 4.07 17.45
C PRO L 51 -62.41 5.31 17.00
N ARG L 73 -44.62 4.24 15.52
CA ARG L 73 -44.66 3.42 14.32
C ARG L 73 -43.87 2.12 14.52
N PHE L 74 -43.95 1.60 15.74
CA PHE L 74 -43.31 0.34 16.10
C PHE L 74 -44.25 -0.45 16.99
N VAL L 75 -44.51 -1.70 16.60
CA VAL L 75 -45.37 -2.60 17.36
C VAL L 75 -44.58 -3.89 17.60
N ARG L 76 -45.01 -4.63 18.61
CA ARG L 76 -44.44 -5.96 18.83
C ARG L 76 -45.54 -6.89 19.29
N TYR L 77 -45.54 -8.10 18.75
CA TYR L 77 -46.60 -9.07 18.94
C TYR L 77 -46.04 -10.33 19.58
N GLN L 78 -46.82 -10.95 20.46
CA GLN L 78 -46.47 -12.23 21.03
C GLN L 78 -47.49 -13.26 20.59
N PHE L 79 -47.01 -14.47 20.29
CA PHE L 79 -47.84 -15.57 19.86
C PHE L 79 -47.50 -16.81 20.68
N THR L 80 -48.36 -17.80 20.58
CA THR L 80 -48.04 -19.12 21.07
C THR L 80 -47.22 -19.83 20.00
N PRO L 81 -46.33 -20.76 20.39
CA PRO L 81 -45.58 -21.52 19.38
C PRO L 81 -46.45 -22.15 18.32
N ALA L 82 -47.69 -22.53 18.67
CA ALA L 82 -48.61 -23.14 17.71
C ALA L 82 -48.81 -22.26 16.48
N PHE L 83 -48.71 -20.93 16.64
CA PHE L 83 -48.87 -20.03 15.50
C PHE L 83 -47.93 -20.39 14.36
N LEU L 84 -46.73 -20.85 14.69
CA LEU L 84 -45.74 -21.15 13.66
C LEU L 84 -46.05 -22.43 12.89
N ARG L 85 -47.15 -23.12 13.21
CA ARG L 85 -47.58 -24.29 12.47
C ARG L 85 -48.90 -24.06 11.75
N LEU L 86 -49.19 -22.81 11.38
CA LEU L 86 -50.38 -22.50 10.62
C LEU L 86 -50.15 -22.77 9.15
N ARG L 87 -51.18 -23.29 8.47
CA ARG L 87 -51.03 -23.62 7.06
C ARG L 87 -51.07 -22.36 6.21
N THR L 88 -52.14 -21.56 6.33
CA THR L 88 -52.34 -20.35 5.53
C THR L 88 -52.79 -19.20 6.43
N VAL L 89 -52.22 -18.01 6.20
CA VAL L 89 -52.51 -16.84 7.02
C VAL L 89 -52.97 -15.69 6.12
N GLY L 90 -53.82 -14.83 6.67
CA GLY L 90 -54.28 -13.65 5.95
C GLY L 90 -54.07 -12.37 6.73
N ALA L 91 -53.23 -11.47 6.21
CA ALA L 91 -52.93 -10.19 6.83
C ALA L 91 -53.55 -9.05 6.02
N THR L 92 -54.43 -8.29 6.65
CA THR L 92 -55.17 -7.21 6.02
C THR L 92 -54.69 -5.88 6.59
N VAL L 93 -54.34 -4.95 5.70
CA VAL L 93 -54.02 -3.58 6.06
C VAL L 93 -55.02 -2.64 5.39
N GLU L 94 -55.54 -1.68 6.14
CA GLU L 94 -56.48 -0.69 5.64
C GLU L 94 -55.94 0.71 5.92
N PHE L 95 -55.80 1.50 4.86
CA PHE L 95 -55.22 2.84 4.91
C PHE L 95 -56.08 3.85 4.15
N THR L 96 -56.04 5.09 4.62
CA THR L 96 -56.69 6.21 3.94
C THR L 96 -55.66 7.08 3.22
N VAL L 97 -56.13 7.82 2.22
CA VAL L 97 -55.30 8.68 1.39
C VAL L 97 -55.83 10.11 1.45
N GLY L 98 -54.94 11.07 1.22
CA GLY L 98 -55.25 12.47 1.39
C GLY L 98 -55.54 13.19 0.08
N ASP L 99 -55.40 14.52 0.12
CA ASP L 99 -55.77 15.36 -1.02
C ASP L 99 -55.02 14.97 -2.29
N LYS L 100 -53.69 14.92 -2.21
CA LYS L 100 -52.87 14.64 -3.39
C LYS L 100 -53.20 13.26 -3.97
N PRO L 101 -53.27 13.15 -5.29
CA PRO L 101 -53.36 11.82 -5.90
C PRO L 101 -52.01 11.12 -5.88
N VAL L 102 -52.06 9.78 -5.95
CA VAL L 102 -50.87 8.95 -5.84
C VAL L 102 -50.83 7.99 -7.02
N SER L 103 -49.79 8.08 -7.84
CA SER L 103 -49.52 7.10 -8.90
C SER L 103 -48.35 6.23 -8.47
N ASN L 104 -48.54 4.90 -8.58
CA ASN L 104 -47.53 3.89 -8.24
C ASN L 104 -47.13 3.98 -6.76
N PHE L 105 -48.09 3.58 -5.93
CA PHE L 105 -47.87 3.27 -4.52
C PHE L 105 -47.44 1.82 -4.39
N ARG L 106 -46.41 1.57 -3.58
CA ARG L 106 -45.79 0.25 -3.48
C ARG L 106 -45.49 -0.07 -2.02
N MET L 107 -45.46 -1.37 -1.72
CA MET L 107 -45.26 -1.86 -0.35
C MET L 107 -44.32 -3.05 -0.38
N ILE L 108 -43.27 -2.99 0.45
CA ILE L 108 -42.29 -4.07 0.57
C ILE L 108 -42.16 -4.43 2.05
N GLU L 109 -42.60 -5.63 2.42
CA GLU L 109 -42.58 -6.10 3.80
C GLU L 109 -41.62 -7.27 3.91
N ARG L 110 -40.61 -7.15 4.76
CA ARG L 110 -39.56 -8.16 4.91
C ARG L 110 -39.46 -8.59 6.37
N HIS L 111 -39.59 -9.89 6.62
CA HIS L 111 -39.43 -10.47 7.95
C HIS L 111 -38.10 -11.22 8.02
N TYR L 112 -37.24 -10.84 8.96
CA TYR L 112 -36.00 -11.57 9.22
C TYR L 112 -36.00 -12.16 10.63
N PHE L 113 -35.16 -13.17 10.82
CA PHE L 113 -34.71 -13.61 12.15
C PHE L 113 -33.19 -13.74 12.08
N ARG L 114 -32.47 -12.71 12.53
CA ARG L 114 -31.01 -12.75 12.56
C ARG L 114 -30.40 -13.17 11.23
N GLU L 115 -30.36 -12.26 10.25
CA GLU L 115 -29.74 -12.54 8.96
C GLU L 115 -30.38 -13.74 8.27
N HIS L 116 -31.68 -13.93 8.48
CA HIS L 116 -32.44 -15.02 7.90
C HIS L 116 -33.69 -14.41 7.28
N LEU L 117 -33.74 -14.31 5.96
CA LEU L 117 -34.93 -13.73 5.34
C LEU L 117 -36.09 -14.72 5.43
N LEU L 118 -37.05 -14.43 6.31
CA LEU L 118 -38.19 -15.32 6.51
C LEU L 118 -39.24 -15.13 5.42
N LYS L 119 -39.75 -13.91 5.27
CA LYS L 119 -40.89 -13.64 4.40
C LYS L 119 -40.67 -12.35 3.65
N ASN L 120 -40.93 -12.37 2.33
CA ASN L 120 -40.87 -11.19 1.49
C ASN L 120 -42.22 -11.00 0.79
N PHE L 121 -42.83 -9.83 0.99
CA PHE L 121 -44.07 -9.46 0.31
C PHE L 121 -43.82 -8.16 -0.44
N ASP L 122 -43.73 -8.23 -1.77
CA ASP L 122 -43.51 -7.07 -2.61
C ASP L 122 -44.74 -6.89 -3.49
N PHE L 123 -45.57 -5.90 -3.17
CA PHE L 123 -46.82 -5.64 -3.87
C PHE L 123 -46.84 -4.20 -4.36
N ASP L 124 -47.12 -4.01 -5.64
CA ASP L 124 -47.24 -2.68 -6.25
C ASP L 124 -48.72 -2.35 -6.37
N PHE L 125 -49.21 -1.49 -5.46
CA PHE L 125 -50.60 -1.04 -5.54
C PHE L 125 -50.87 -0.26 -6.82
N GLY L 126 -49.94 0.61 -7.21
CA GLY L 126 -50.18 1.51 -8.32
C GLY L 126 -50.97 2.73 -7.92
N PHE L 127 -51.85 3.21 -8.80
CA PHE L 127 -52.56 4.45 -8.55
C PHE L 127 -53.44 4.34 -7.29
N CYS L 128 -53.42 5.39 -6.48
CA CYS L 128 -54.28 5.50 -5.29
C CYS L 128 -55.18 6.70 -5.45
N ILE L 129 -56.49 6.46 -5.38
CA ILE L 129 -57.50 7.52 -5.49
C ILE L 129 -57.34 8.50 -4.34
N PRO L 130 -57.40 9.81 -4.57
CA PRO L 130 -57.33 10.77 -3.45
C PRO L 130 -58.55 10.66 -2.55
N SER L 131 -58.31 10.86 -1.25
CA SER L 131 -59.35 10.81 -0.22
C SER L 131 -60.04 9.45 -0.16
N SER L 132 -59.33 8.40 -0.57
CA SER L 132 -59.87 7.05 -0.57
C SER L 132 -59.60 6.34 0.75
N ARG L 133 -60.31 5.23 0.96
CA ARG L 133 -60.07 4.33 2.09
C ARG L 133 -60.01 2.92 1.53
N ASN L 134 -58.82 2.30 1.54
CA ASN L 134 -58.58 1.05 0.86
C ASN L 134 -58.09 -0.03 1.82
N THR L 135 -58.32 -1.28 1.42
CA THR L 135 -57.85 -2.46 2.15
C THR L 135 -57.07 -3.38 1.22
N CYS L 136 -56.15 -4.16 1.81
CA CYS L 136 -55.40 -5.19 1.09
C CYS L 136 -55.17 -6.36 2.04
N GLU L 137 -55.67 -7.54 1.67
CA GLU L 137 -55.38 -8.76 2.42
C GLU L 137 -54.39 -9.62 1.63
N HIS L 138 -53.21 -9.80 2.20
CA HIS L 138 -52.22 -10.76 1.74
C HIS L 138 -52.56 -12.12 2.32
N ILE L 139 -52.91 -13.07 1.44
CA ILE L 139 -53.21 -14.44 1.84
C ILE L 139 -52.03 -15.30 1.39
N TYR L 140 -51.23 -15.75 2.35
CA TYR L 140 -50.04 -16.54 2.03
C TYR L 140 -50.10 -17.89 2.72
N GLU L 141 -49.83 -18.95 1.97
CA GLU L 141 -49.42 -20.21 2.56
C GLU L 141 -48.10 -19.99 3.29
N PHE L 142 -48.10 -20.32 4.59
CA PHE L 142 -46.99 -20.07 5.50
C PHE L 142 -45.64 -20.43 4.90
N PRO L 143 -44.63 -19.57 5.05
CA PRO L 143 -43.31 -19.89 4.49
C PRO L 143 -42.72 -21.13 5.15
N GLN L 144 -42.00 -21.92 4.35
CA GLN L 144 -41.38 -23.15 4.82
C GLN L 144 -40.21 -22.82 5.74
N LEU L 145 -40.43 -22.92 7.05
CA LEU L 145 -39.41 -22.65 8.05
C LEU L 145 -38.83 -23.99 8.50
N SER L 146 -37.52 -24.14 8.38
CA SER L 146 -36.87 -25.33 8.91
C SER L 146 -37.08 -25.39 10.42
N GLU L 147 -37.07 -26.62 10.95
CA GLU L 147 -37.33 -26.79 12.38
C GLU L 147 -36.24 -26.12 13.22
N ASP L 148 -35.04 -25.97 12.68
CA ASP L 148 -34.00 -25.20 13.37
C ASP L 148 -34.39 -23.73 13.48
N VAL L 149 -34.86 -23.14 12.38
CA VAL L 149 -35.29 -21.74 12.40
C VAL L 149 -36.47 -21.56 13.35
N ILE L 150 -37.41 -22.51 13.34
CA ILE L 150 -38.54 -22.46 14.27
C ILE L 150 -38.05 -22.52 15.70
N ARG L 151 -37.18 -23.51 16.00
CA ARG L 151 -36.55 -23.62 17.31
C ARG L 151 -35.98 -22.29 17.78
N LEU L 152 -35.15 -21.68 16.94
CA LEU L 152 -34.49 -20.42 17.33
C LEU L 152 -35.51 -19.29 17.53
N MET L 153 -36.47 -19.17 16.61
CA MET L 153 -37.47 -18.11 16.70
C MET L 153 -38.28 -18.22 17.98
N ILE L 154 -38.66 -19.45 18.36
CA ILE L 154 -39.34 -19.65 19.64
C ILE L 154 -38.41 -19.28 20.80
N GLU L 155 -37.18 -19.80 20.78
CA GLU L 155 -36.31 -19.69 21.94
C GLU L 155 -35.74 -18.29 22.14
N ASN L 156 -35.68 -17.48 21.08
CA ASN L 156 -35.15 -16.13 21.15
C ASN L 156 -36.25 -15.13 20.85
N PRO L 157 -37.06 -14.73 21.83
CA PRO L 157 -38.13 -13.77 21.59
C PRO L 157 -37.60 -12.43 21.06
N TYR L 158 -38.29 -11.91 20.04
CA TYR L 158 -38.10 -10.58 19.48
C TYR L 158 -36.78 -10.42 18.73
N GLU L 159 -36.09 -11.52 18.44
CA GLU L 159 -35.04 -11.50 17.44
C GLU L 159 -35.60 -11.74 16.05
N THR L 160 -36.88 -12.12 15.98
CA THR L 160 -37.66 -12.07 14.75
C THR L 160 -38.18 -10.65 14.59
N ARG L 161 -37.69 -9.94 13.59
CA ARG L 161 -38.03 -8.53 13.38
C ARG L 161 -38.51 -8.35 11.94
N SER L 162 -39.21 -7.25 11.70
CA SER L 162 -39.76 -7.00 10.38
C SER L 162 -39.60 -5.53 10.01
N ASP L 163 -39.34 -5.30 8.72
CA ASP L 163 -39.32 -3.97 8.13
C ASP L 163 -40.48 -3.82 7.17
N SER L 164 -41.27 -2.76 7.35
CA SER L 164 -42.35 -2.40 6.43
C SER L 164 -41.98 -1.10 5.71
N PHE L 165 -41.62 -1.20 4.44
CA PHE L 165 -41.27 -0.07 3.60
C PHE L 165 -42.43 0.29 2.68
N TYR L 166 -42.72 1.59 2.58
CA TYR L 166 -43.79 2.08 1.73
C TYR L 166 -43.22 3.14 0.78
N PHE L 167 -43.44 2.96 -0.51
CA PHE L 167 -42.87 3.80 -1.56
C PHE L 167 -43.97 4.45 -2.39
N VAL L 168 -43.67 5.64 -2.91
CA VAL L 168 -44.48 6.31 -3.92
C VAL L 168 -43.55 6.79 -5.02
N ASP L 169 -43.68 6.21 -6.22
CA ASP L 169 -42.82 6.54 -7.35
C ASP L 169 -41.35 6.26 -7.04
N ASN L 170 -41.11 5.08 -6.44
CA ASN L 170 -39.77 4.62 -6.07
C ASN L 170 -39.12 5.52 -5.02
N LYS L 171 -39.92 6.24 -4.23
CA LYS L 171 -39.40 7.15 -3.21
C LYS L 171 -40.00 6.81 -1.86
N LEU L 172 -39.17 6.27 -0.96
CA LEU L 172 -39.59 5.87 0.37
C LEU L 172 -40.29 7.02 1.10
N ILE L 173 -41.41 6.69 1.76
CA ILE L 173 -42.25 7.69 2.40
C ILE L 173 -42.45 7.35 3.87
N MET L 174 -42.51 6.06 4.18
CA MET L 174 -42.87 5.60 5.51
C MET L 174 -42.11 4.32 5.82
N HIS L 175 -41.64 4.20 7.06
CA HIS L 175 -40.89 3.03 7.50
C HIS L 175 -41.35 2.64 8.91
N ASN L 176 -42.05 1.52 9.01
CA ASN L 176 -42.49 0.97 10.29
C ASN L 176 -41.73 -0.32 10.58
N LYS L 177 -41.59 -0.63 11.87
CA LYS L 177 -40.87 -1.82 12.31
C LYS L 177 -41.73 -2.63 13.27
N ALA L 178 -41.33 -3.89 13.46
CA ALA L 178 -42.03 -4.77 14.37
C ALA L 178 -41.10 -5.91 14.77
N ASP L 179 -41.22 -6.35 16.03
CA ASP L 179 -40.56 -7.55 16.52
C ASP L 179 -41.62 -8.55 16.96
N TYR L 180 -41.34 -9.83 16.76
CA TYR L 180 -42.29 -10.88 17.08
C TYR L 180 -41.68 -11.90 18.02
N ALA L 181 -42.48 -12.37 18.97
CA ALA L 181 -42.10 -13.43 19.89
C ALA L 181 -43.17 -14.52 19.84
N TYR L 182 -42.75 -15.74 20.16
CA TYR L 182 -43.61 -16.92 20.00
C TYR L 182 -43.57 -17.76 21.28
N ASN L 183 -44.08 -17.18 22.37
CA ASN L 183 -44.18 -17.87 23.65
C ASN L 183 -45.64 -17.92 24.11
#